data_6P4F
#
_entry.id   6P4F
#
_cell.length_a   214.687
_cell.length_b   92.150
_cell.length_c   172.128
_cell.angle_alpha   90.000
_cell.angle_beta   132.240
_cell.angle_gamma   90.000
#
_symmetry.space_group_name_H-M   'C 1 2 1'
#
loop_
_entity.id
_entity.type
_entity.pdbx_description
1 polymer 'DNA-dependent ATPase XPBII'
2 polymer 'Endonuclease Bax1'
3 polymer "DNA (5'-D(*TP*TP*GP*AP*CP*TP*CP*AP*AP*CP*AP*TP*CP*CP*TP*TP*TP*GP*CP*TP*AP*CP*AP*A)-3')"
4 polymer "DNA (5'-D(P*TP*GP*TP*AP*GP*GP*TP*TP*TP*CP*CP*AP*TP*GP*TP*TP*GP*AP*GP*TP*CP*A)-3')"
5 non-polymer 'MAGNESIUM ION'
6 non-polymer 'CHLORIDE ION'
7 non-polymer 'PHOSPHATE ION'
#
loop_
_entity_poly.entity_id
_entity_poly.type
_entity_poly.pdbx_seq_one_letter_code
_entity_poly.pdbx_strand_id
1 'polypeptide(L)'
;GSVYLRYFKGLILSDAYAPGLKWSDELKAYSALAFKYRDVRKYFLEKEIEVEENVIDSLPFPLIKDKIELRDYQAEAVKA
WLKEKRGIIVLPTGAGKTQVALKIVSIMKVATLIVVPTIDLITQWKERINKYLDFDPGIIGGGEDSLKGITVITYDSAYT
RAEELGNKFPLLIFDEVHHLPSEGYSIMAQLFASPYRLGLTATPERDDGKHELYPILVGPIVYRKSVEELAGKYIAKYKI
KKLYVSLTNEEKKRYDGLRKKLKDFLSSRGLKLQNLDDFHRLVKLAAKDKEAREALLAWHESLNIAVNSQSKIEKLREIL
QEYKNEKIIVFTRDTQMAYRISKTFLIPVVTYKTDKDEREEILQKFRDGEYRVIVASTVFDEGVDVPDATLAIVMGGYGT
KRQFLQRLGRILRKKDKEALLIEIVTKGTADYRLSRRRRE
;
A,C
2 'polypeptide(L)'
;MGLPWELARFSIVKDEVLPHFATNEDLDLANEIISLFKAGKKLGEIDEEIEYLEKIYDHKLVRAFVKLLTRLCEFELDSP
IPPIQIRRELFKYGPVLDEKEREDIIQKVSKKLGADIMRFVFSDLDEEKKIIKAPTISAEDLIRWYNLSLLQTLLFKAYK
LTVYVSSNWKEIIRRAKWLGLMYFAYDKPLRFEFLGPATLVKLTEKYGRNLAVLLQFIISSQNWKIEAELVLGKKFKRVY
KLKLANFKELKELVIDEKRFDSSVEEKFYKDFTNVIKGWKIIREPEPLVVDNRVFIPDFLVEKGNLKVYVEIVGFWTKEY
IKEKLDKLKKVKYPILILLNEELGKEKFNGMNVITYKRKIDISLVYKWLRELE
;
B,D
3 'polydeoxyribonucleotide'
;(DT)(DT)(DG)(DA)(DC)(DT)(DC)(DA)(DA)(DC)(DA)(DT)(DC)(DC)(DT)(DT)(DT)(DG)(DC)(DT)
(DA)(DC)(DA)(DA)
;
E,G
4 'polydeoxyribonucleotide'
;(DT)(DT)(DG)(DT)(DA)(DG)(DG)(DT)(DT)(DT)(DC)(DC)(DA)(DT)(DG)(DT)(DT)(DG)(DA)(DG)
(DT)(DC)(DA)
;
F,H
#
# COMPACT_ATOMS: atom_id res chain seq x y z
N GLY A 1 3.17 -6.89 59.70
CA GLY A 1 4.60 -6.72 59.62
C GLY A 1 5.18 -7.04 58.26
N SER A 2 5.22 -8.33 57.93
CA SER A 2 5.68 -8.76 56.61
C SER A 2 4.60 -8.48 55.57
N VAL A 3 4.97 -7.71 54.54
CA VAL A 3 4.06 -7.33 53.47
C VAL A 3 4.84 -7.24 52.18
N TYR A 4 4.19 -7.61 51.08
CA TYR A 4 4.81 -7.67 49.76
C TYR A 4 4.11 -6.69 48.83
N LEU A 5 4.91 -5.86 48.15
CA LEU A 5 4.43 -4.89 47.18
C LEU A 5 4.57 -5.44 45.76
N ARG A 6 3.48 -5.38 44.99
CA ARG A 6 3.47 -5.91 43.62
C ARG A 6 2.76 -4.93 42.67
N TYR A 7 3.00 -5.13 41.37
CA TYR A 7 2.44 -4.31 40.31
C TYR A 7 1.67 -5.17 39.31
N PHE A 8 0.63 -4.59 38.73
CA PHE A 8 -0.14 -5.27 37.68
C PHE A 8 -0.86 -4.22 36.84
N LYS A 9 -0.41 -4.07 35.58
CA LYS A 9 -1.12 -3.32 34.53
C LYS A 9 -1.70 -2.01 35.06
N GLY A 10 -0.83 -1.21 35.68
CA GLY A 10 -1.21 0.11 36.15
C GLY A 10 -1.70 0.20 37.57
N LEU A 11 -1.59 -0.88 38.35
CA LEU A 11 -2.07 -0.89 39.72
C LEU A 11 -1.00 -1.43 40.65
N ILE A 12 -0.98 -0.92 41.88
CA ILE A 12 -0.10 -1.40 42.94
C ILE A 12 -0.94 -2.17 43.95
N LEU A 13 -0.38 -3.25 44.49
CA LEU A 13 -1.10 -4.11 45.43
C LEU A 13 -0.18 -4.56 46.57
N SER A 14 -0.72 -4.63 47.78
CA SER A 14 0.03 -5.09 48.94
C SER A 14 -0.93 -5.68 49.96
N ASP A 15 -0.37 -6.12 51.09
CA ASP A 15 -1.13 -6.76 52.16
C ASP A 15 -1.53 -5.78 53.26
N ALA A 16 -0.58 -5.05 53.82
CA ALA A 16 -0.86 -4.13 54.91
C ALA A 16 -1.66 -2.93 54.42
N TYR A 17 -2.45 -2.36 55.32
CA TYR A 17 -3.29 -1.22 55.00
C TYR A 17 -2.47 0.07 55.03
N ALA A 18 -2.21 0.64 53.87
CA ALA A 18 -1.53 1.92 53.74
C ALA A 18 -2.52 3.00 53.33
N PRO A 19 -2.33 4.24 53.78
CA PRO A 19 -3.28 5.31 53.46
C PRO A 19 -3.34 5.60 51.96
N GLY A 20 -4.50 5.36 51.37
CA GLY A 20 -4.71 5.59 49.96
C GLY A 20 -5.03 4.34 49.17
N LEU A 21 -5.26 3.22 49.86
CA LEU A 21 -5.55 1.94 49.23
C LEU A 21 -7.01 1.57 49.48
N LYS A 22 -7.39 0.38 48.99
CA LYS A 22 -8.75 -0.12 49.14
C LYS A 22 -8.75 -1.63 48.98
N TRP A 23 -9.56 -2.31 49.79
CA TRP A 23 -9.65 -3.77 49.72
C TRP A 23 -10.24 -4.21 48.38
N SER A 24 -9.75 -5.33 47.88
CA SER A 24 -10.19 -5.90 46.61
C SER A 24 -10.24 -7.41 46.71
N ASP A 25 -11.35 -7.99 46.27
CA ASP A 25 -11.49 -9.45 46.31
C ASP A 25 -10.93 -10.11 45.06
N GLU A 26 -11.03 -9.46 43.90
CA GLU A 26 -10.46 -10.03 42.68
C GLU A 26 -8.95 -10.16 42.77
N LEU A 27 -8.31 -9.28 43.54
CA LEU A 27 -6.87 -9.32 43.69
C LEU A 27 -6.42 -9.88 45.04
N LYS A 28 -7.36 -10.13 45.96
CA LYS A 28 -7.07 -10.74 47.26
C LYS A 28 -6.06 -9.92 48.06
N ALA A 29 -5.94 -8.63 47.76
CA ALA A 29 -4.99 -7.77 48.44
C ALA A 29 -5.42 -6.31 48.26
N TYR A 30 -4.95 -5.48 49.19
CA TYR A 30 -5.26 -4.06 49.15
C TYR A 30 -4.62 -3.44 47.92
N SER A 31 -5.45 -2.88 47.03
CA SER A 31 -5.00 -2.38 45.75
C SER A 31 -5.31 -0.90 45.59
N ALA A 32 -4.45 -0.21 44.86
CA ALA A 32 -4.67 1.19 44.50
C ALA A 32 -3.94 1.46 43.19
N LEU A 33 -3.92 2.71 42.77
CA LEU A 33 -3.25 3.05 41.53
C LEU A 33 -1.74 3.12 41.77
N ALA A 34 -0.97 2.94 40.68
CA ALA A 34 0.46 2.71 40.83
C ALA A 34 1.20 3.95 41.34
N PHE A 35 0.72 5.14 41.00
CA PHE A 35 1.44 6.38 41.31
C PHE A 35 1.57 6.62 42.82
N LYS A 36 0.98 5.73 43.63
CA LYS A 36 1.09 5.84 45.07
C LYS A 36 2.32 5.13 45.62
N TYR A 37 3.05 4.38 44.79
CA TYR A 37 4.25 3.70 45.24
C TYR A 37 5.22 4.67 45.91
N ARG A 38 5.60 5.74 45.20
CA ARG A 38 6.57 6.70 45.71
C ARG A 38 6.17 7.25 47.08
N ASP A 39 4.92 7.03 47.48
CA ASP A 39 4.45 7.41 48.81
C ASP A 39 4.32 6.21 49.72
N VAL A 40 3.66 5.13 49.27
CA VAL A 40 3.36 4.03 50.18
C VAL A 40 4.63 3.33 50.62
N ARG A 41 5.64 3.27 49.74
CA ARG A 41 6.94 2.75 50.16
C ARG A 41 7.50 3.58 51.31
N LYS A 42 7.46 4.91 51.17
CA LYS A 42 7.90 5.78 52.26
C LYS A 42 7.02 5.63 53.49
N TYR A 43 5.81 5.09 53.33
CA TYR A 43 4.97 4.82 54.49
C TYR A 43 5.39 3.54 55.20
N PHE A 44 6.01 2.60 54.50
CA PHE A 44 6.47 1.36 55.10
C PHE A 44 7.93 1.40 55.52
N LEU A 45 8.77 2.13 54.79
CA LEU A 45 10.17 2.26 55.17
C LEU A 45 10.31 3.03 56.48
N GLU A 46 9.36 3.93 56.78
CA GLU A 46 9.38 4.66 58.03
C GLU A 46 8.78 3.84 59.18
N LYS A 47 7.86 2.92 58.87
CA LYS A 47 7.27 2.08 59.90
C LYS A 47 8.18 0.93 60.31
N GLU A 48 9.34 0.78 59.64
CA GLU A 48 10.34 -0.24 59.97
C GLU A 48 9.73 -1.65 59.98
N ILE A 49 9.14 -2.01 58.85
CA ILE A 49 8.53 -3.32 58.69
C ILE A 49 9.17 -4.11 57.56
N GLU A 50 10.39 -3.73 57.17
CA GLU A 50 11.26 -4.45 56.24
C GLU A 50 10.49 -5.02 55.04
N VAL A 51 9.90 -4.09 54.28
CA VAL A 51 9.12 -4.45 53.10
C VAL A 51 10.05 -4.60 51.90
N GLU A 52 9.80 -5.63 51.11
CA GLU A 52 10.52 -5.85 49.87
C GLU A 52 9.72 -5.28 48.71
N GLU A 53 10.40 -4.59 47.80
CA GLU A 53 9.77 -4.00 46.63
C GLU A 53 10.15 -4.81 45.39
N ASN A 54 9.16 -5.22 44.62
CA ASN A 54 9.35 -5.95 43.39
C ASN A 54 8.57 -5.30 42.24
N VAL A 55 8.69 -3.98 42.15
CA VAL A 55 7.97 -3.22 41.13
C VAL A 55 8.96 -2.56 40.17
N ILE A 56 10.11 -2.13 40.68
CA ILE A 56 11.12 -1.48 39.85
C ILE A 56 11.73 -2.53 38.92
N ASP A 57 11.41 -2.43 37.63
CA ASP A 57 11.95 -3.33 36.61
C ASP A 57 12.62 -2.52 35.51
N SER A 58 13.50 -1.60 35.92
CA SER A 58 14.14 -0.70 34.98
C SER A 58 14.95 -1.48 33.96
N LEU A 59 14.87 -1.05 32.70
CA LEU A 59 15.72 -1.61 31.67
C LEU A 59 17.15 -1.13 31.87
N PRO A 60 18.14 -1.88 31.37
CA PRO A 60 19.54 -1.50 31.60
C PRO A 60 19.85 -0.10 31.07
N PHE A 61 20.17 0.80 31.99
CA PHE A 61 20.50 2.17 31.64
C PHE A 61 21.85 2.21 30.93
N PRO A 62 21.92 2.65 29.68
CA PRO A 62 23.21 2.74 29.01
C PRO A 62 24.03 3.92 29.52
N LEU A 63 25.35 3.72 29.57
CA LEU A 63 26.26 4.75 30.03
C LEU A 63 26.25 5.94 29.07
N ILE A 64 26.05 7.14 29.62
CA ILE A 64 25.90 8.35 28.83
C ILE A 64 26.96 9.36 29.26
N LYS A 65 27.43 10.14 28.28
CA LYS A 65 28.39 11.20 28.54
C LYS A 65 27.68 12.53 28.74
N ASP A 66 28.21 13.35 29.64
CA ASP A 66 27.65 14.65 29.97
C ASP A 66 28.45 15.73 29.26
N LYS A 67 27.78 16.52 28.43
CA LYS A 67 28.41 17.60 27.69
C LYS A 67 27.52 18.84 27.73
N ILE A 68 26.96 19.13 28.90
CA ILE A 68 26.06 20.26 29.09
C ILE A 68 26.77 21.29 29.94
N GLU A 69 27.02 22.47 29.36
CA GLU A 69 27.57 23.60 30.10
C GLU A 69 26.39 24.41 30.65
N LEU A 70 25.84 23.92 31.76
CA LEU A 70 24.62 24.48 32.33
C LEU A 70 24.90 25.82 33.00
N ARG A 71 23.87 26.65 33.07
CA ARG A 71 23.97 27.97 33.66
C ARG A 71 23.70 27.87 35.16
N ASP A 72 23.55 29.01 35.82
CA ASP A 72 23.41 29.02 37.28
C ASP A 72 21.98 28.75 37.72
N TYR A 73 21.00 29.41 37.09
CA TYR A 73 19.61 29.15 37.45
C TYR A 73 19.21 27.72 37.12
N GLN A 74 19.84 27.14 36.09
CA GLN A 74 19.60 25.74 35.77
C GLN A 74 20.10 24.83 36.90
N ALA A 75 21.26 25.16 37.47
CA ALA A 75 21.76 24.38 38.62
C ALA A 75 20.87 24.57 39.84
N GLU A 76 20.33 25.77 40.05
CA GLU A 76 19.39 25.97 41.14
C GLU A 76 18.14 25.13 40.95
N ALA A 77 17.65 25.03 39.71
CA ALA A 77 16.51 24.16 39.41
C ALA A 77 16.85 22.71 39.69
N VAL A 78 18.05 22.29 39.30
CA VAL A 78 18.49 20.91 39.54
C VAL A 78 18.50 20.61 41.04
N LYS A 79 19.01 21.56 41.84
CA LYS A 79 19.04 21.33 43.29
C LYS A 79 17.63 21.28 43.86
N ALA A 80 16.78 22.23 43.46
CA ALA A 80 15.42 22.27 44.01
C ALA A 80 14.62 21.03 43.64
N TRP A 81 14.90 20.44 42.48
CA TRP A 81 14.21 19.19 42.15
C TRP A 81 14.83 18.01 42.87
N LEU A 82 16.16 17.98 42.97
CA LEU A 82 16.89 16.87 43.56
C LEU A 82 16.59 16.67 45.04
N LYS A 83 15.91 17.63 45.67
CA LYS A 83 15.57 17.51 47.09
C LYS A 83 14.74 16.26 47.34
N GLU A 84 13.60 16.15 46.67
CA GLU A 84 12.76 14.96 46.75
C GLU A 84 12.53 14.28 45.41
N LYS A 85 13.13 14.80 44.33
CA LYS A 85 13.06 14.17 43.00
C LYS A 85 11.61 14.01 42.54
N ARG A 86 10.79 15.00 42.84
CA ARG A 86 9.36 14.93 42.50
C ARG A 86 8.85 16.37 42.43
N GLY A 87 8.76 16.91 41.23
CA GLY A 87 8.33 18.31 41.12
C GLY A 87 8.23 18.82 39.70
N ILE A 88 8.07 20.14 39.60
CA ILE A 88 7.81 20.84 38.35
C ILE A 88 8.68 22.09 38.29
N ILE A 89 9.26 22.35 37.11
CA ILE A 89 10.10 23.51 36.87
C ILE A 89 9.44 24.40 35.82
N VAL A 90 9.26 25.67 36.17
CA VAL A 90 8.59 26.66 35.32
C VAL A 90 9.66 27.61 34.78
N LEU A 91 9.92 27.53 33.47
CA LEU A 91 10.88 28.42 32.81
C LEU A 91 10.30 28.84 31.46
N PRO A 92 10.35 30.13 31.12
CA PRO A 92 9.71 30.59 29.88
C PRO A 92 10.25 29.87 28.66
N THR A 93 9.44 29.87 27.61
CA THR A 93 9.72 29.12 26.40
C THR A 93 11.06 29.54 25.79
N GLY A 94 12.02 28.62 25.78
CA GLY A 94 13.33 28.90 25.24
C GLY A 94 14.41 29.21 26.26
N ALA A 95 14.20 28.86 27.54
CA ALA A 95 15.18 29.09 28.59
C ALA A 95 16.04 27.85 28.84
N GLY A 96 16.18 27.00 27.85
CA GLY A 96 16.98 25.78 27.98
C GLY A 96 16.41 24.79 28.97
N LYS A 97 15.09 24.59 28.94
CA LYS A 97 14.47 23.60 29.83
C LYS A 97 14.88 22.19 29.43
N THR A 98 15.01 21.93 28.13
CA THR A 98 15.43 20.61 27.67
C THR A 98 16.81 20.26 28.20
N GLN A 99 17.73 21.22 28.19
CA GLN A 99 19.07 20.99 28.74
C GLN A 99 19.01 20.67 30.23
N VAL A 100 18.11 21.34 30.96
CA VAL A 100 17.97 21.08 32.38
C VAL A 100 17.52 19.64 32.63
N ALA A 101 16.49 19.21 31.90
CA ALA A 101 16.01 17.85 32.04
C ALA A 101 17.10 16.84 31.69
N LEU A 102 17.89 17.14 30.66
CA LEU A 102 18.97 16.22 30.27
C LEU A 102 20.05 16.14 31.35
N LYS A 103 20.44 17.28 31.93
CA LYS A 103 21.42 17.24 33.01
C LYS A 103 20.89 16.46 34.20
N ILE A 104 19.59 16.60 34.50
CA ILE A 104 19.02 15.88 35.63
C ILE A 104 19.03 14.38 35.37
N VAL A 105 18.65 13.94 34.17
CA VAL A 105 18.69 12.50 33.90
C VAL A 105 20.13 12.00 33.83
N SER A 106 21.08 12.89 33.49
CA SER A 106 22.48 12.49 33.51
C SER A 106 22.98 12.27 34.92
N ILE A 107 22.55 13.12 35.86
CA ILE A 107 22.89 12.91 37.26
C ILE A 107 22.20 11.67 37.80
N MET A 108 20.94 11.47 37.44
CA MET A 108 20.18 10.34 37.95
C MET A 108 20.81 9.02 37.50
N LYS A 109 21.15 8.92 36.22
CA LYS A 109 21.74 7.71 35.64
C LYS A 109 20.78 6.52 35.76
N VAL A 110 19.48 6.80 35.64
CA VAL A 110 18.45 5.78 35.73
C VAL A 110 17.51 5.93 34.52
N ALA A 111 16.98 4.80 34.05
CA ALA A 111 16.13 4.75 32.86
C ALA A 111 14.99 5.76 32.94
N THR A 112 14.64 6.33 31.78
CA THR A 112 13.75 7.48 31.74
C THR A 112 12.90 7.45 30.47
N LEU A 113 11.64 7.85 30.63
CA LEU A 113 10.70 8.06 29.53
C LEU A 113 10.29 9.52 29.50
N ILE A 114 10.54 10.18 28.38
CA ILE A 114 10.18 11.59 28.20
C ILE A 114 8.92 11.65 27.35
N VAL A 115 7.85 12.19 27.92
CA VAL A 115 6.54 12.23 27.27
C VAL A 115 6.33 13.65 26.75
N VAL A 116 6.12 13.78 25.44
CA VAL A 116 5.97 15.08 24.81
C VAL A 116 4.69 15.14 23.98
N PRO A 117 4.09 16.32 23.79
CA PRO A 117 2.78 16.35 23.09
C PRO A 117 2.85 16.10 21.60
N THR A 118 3.81 16.71 20.90
CA THR A 118 3.83 16.74 19.45
C THR A 118 5.01 15.93 18.90
N ILE A 119 4.92 15.57 17.62
CA ILE A 119 6.02 14.90 16.93
C ILE A 119 7.20 15.86 16.80
N ASP A 120 6.92 17.15 16.68
CA ASP A 120 7.97 18.17 16.61
C ASP A 120 8.88 18.11 17.84
N LEU A 121 8.29 18.07 19.03
CA LEU A 121 9.11 17.94 20.22
C LEU A 121 9.79 16.58 20.32
N ILE A 122 9.20 15.52 19.77
CA ILE A 122 9.94 14.26 19.69
C ILE A 122 11.25 14.47 18.95
N THR A 123 11.18 15.08 17.77
CA THR A 123 12.39 15.27 17.00
C THR A 123 13.37 16.21 17.71
N GLN A 124 12.85 17.25 18.38
CA GLN A 124 13.75 18.15 19.09
C GLN A 124 14.48 17.42 20.22
N TRP A 125 13.74 16.65 21.03
CA TRP A 125 14.35 15.92 22.13
C TRP A 125 15.34 14.87 21.61
N LYS A 126 15.02 14.21 20.51
CA LYS A 126 15.93 13.23 19.94
C LYS A 126 17.24 13.89 19.49
N GLU A 127 17.13 15.02 18.80
CA GLU A 127 18.34 15.71 18.34
C GLU A 127 19.15 16.25 19.51
N ARG A 128 18.48 16.72 20.56
CA ARG A 128 19.24 17.26 21.69
C ARG A 128 19.80 16.17 22.59
N ILE A 129 19.22 14.95 22.56
CA ILE A 129 19.88 13.82 23.21
C ILE A 129 21.08 13.36 22.39
N ASN A 130 20.96 13.39 21.06
CA ASN A 130 22.10 13.08 20.20
C ASN A 130 23.23 14.09 20.37
N LYS A 131 22.89 15.35 20.63
CA LYS A 131 23.90 16.39 20.77
C LYS A 131 24.49 16.43 22.19
N TYR A 132 23.64 16.70 23.18
CA TYR A 132 24.14 16.92 24.54
C TYR A 132 24.35 15.63 25.32
N LEU A 133 23.93 14.48 24.80
CA LEU A 133 24.15 13.20 25.47
C LEU A 133 24.85 12.15 24.62
N ASP A 134 24.88 12.30 23.30
CA ASP A 134 25.51 11.32 22.39
C ASP A 134 24.87 9.94 22.54
N PHE A 135 23.56 9.90 22.30
CA PHE A 135 22.82 8.65 22.38
C PHE A 135 21.57 8.76 21.51
N ASP A 136 21.19 7.65 20.87
CA ASP A 136 19.97 7.58 20.09
C ASP A 136 18.85 7.03 20.97
N PRO A 137 17.95 7.87 21.47
CA PRO A 137 16.88 7.36 22.34
C PRO A 137 15.83 6.59 21.57
N GLY A 138 15.21 5.63 22.25
CA GLY A 138 14.11 4.89 21.66
C GLY A 138 12.99 5.82 21.24
N ILE A 139 12.54 5.69 19.99
CA ILE A 139 11.50 6.56 19.47
C ILE A 139 10.22 5.74 19.29
N ILE A 140 9.38 5.75 20.32
CA ILE A 140 8.07 5.12 20.27
C ILE A 140 7.02 6.21 20.02
N GLY A 141 6.07 5.90 19.15
CA GLY A 141 5.15 6.94 18.73
C GLY A 141 5.60 7.60 17.44
N GLY A 142 4.62 7.95 16.62
CA GLY A 142 4.92 8.51 15.31
C GLY A 142 5.33 7.41 14.36
N GLY A 143 6.35 7.68 13.54
CA GLY A 143 6.85 6.69 12.61
C GLY A 143 7.27 5.40 13.27
N GLU A 144 8.21 5.49 14.21
CA GLU A 144 8.85 4.32 14.78
C GLU A 144 8.17 3.87 16.07
N ASP A 145 8.56 2.68 16.51
CA ASP A 145 8.11 2.09 17.76
C ASP A 145 9.31 1.44 18.46
N SER A 146 10.45 2.14 18.43
CA SER A 146 11.66 1.60 19.04
C SER A 146 11.67 1.94 20.53
N LEU A 147 11.99 0.95 21.35
CA LEU A 147 12.00 1.12 22.81
C LEU A 147 13.33 0.64 23.37
N LYS A 148 14.27 1.57 23.56
CA LYS A 148 15.57 1.22 24.11
C LYS A 148 15.99 2.28 25.12
N GLY A 149 16.90 1.89 26.03
CA GLY A 149 17.53 2.80 26.97
C GLY A 149 16.68 3.87 27.59
N ILE A 150 17.03 5.11 27.24
CA ILE A 150 16.21 6.29 27.50
C ILE A 150 15.29 6.48 26.31
N THR A 151 13.98 6.57 26.56
CA THR A 151 12.99 6.56 25.50
C THR A 151 12.13 7.82 25.57
N VAL A 152 11.66 8.28 24.40
CA VAL A 152 10.70 9.37 24.31
C VAL A 152 9.45 8.87 23.61
N ILE A 153 8.31 9.44 23.98
CA ILE A 153 7.00 8.98 23.52
C ILE A 153 6.06 10.18 23.48
N THR A 154 4.95 10.02 22.75
CA THR A 154 3.88 11.00 22.79
C THR A 154 2.95 10.71 23.97
N TYR A 155 2.26 11.74 24.45
CA TYR A 155 1.21 11.54 25.43
C TYR A 155 0.20 10.50 24.97
N ASP A 156 -0.20 10.58 23.70
CA ASP A 156 -1.20 9.65 23.16
C ASP A 156 -0.69 8.21 23.19
N SER A 157 0.54 7.99 22.73
CA SER A 157 1.08 6.65 22.72
C SER A 157 1.39 6.17 24.14
N ALA A 158 1.71 7.08 25.04
CA ALA A 158 1.92 6.71 26.44
C ALA A 158 0.61 6.32 27.12
N TYR A 159 -0.51 6.86 26.65
CA TYR A 159 -1.80 6.47 27.23
C TYR A 159 -2.28 5.15 26.64
N THR A 160 -2.22 5.02 25.31
CA THR A 160 -2.65 3.76 24.71
C THR A 160 -1.74 2.61 25.13
N ARG A 161 -0.45 2.89 25.29
CA ARG A 161 0.50 1.91 25.80
C ARG A 161 0.97 2.42 27.16
N ALA A 162 0.17 2.15 28.19
CA ALA A 162 0.41 2.58 29.55
C ALA A 162 0.68 1.40 30.47
N GLU A 163 -0.25 0.43 30.51
CA GLU A 163 -0.02 -0.77 31.31
C GLU A 163 1.11 -1.61 30.72
N GLU A 164 1.35 -1.50 29.41
CA GLU A 164 2.48 -2.18 28.79
C GLU A 164 3.82 -1.62 29.23
N LEU A 165 3.84 -0.38 29.74
CA LEU A 165 5.09 0.32 30.03
C LEU A 165 5.11 0.94 31.43
N GLY A 166 4.19 0.54 32.31
CA GLY A 166 4.09 1.20 33.60
C GLY A 166 5.21 0.82 34.56
N ASN A 167 5.61 -0.45 34.54
CA ASN A 167 6.62 -0.97 35.45
C ASN A 167 8.05 -0.65 35.04
N LYS A 168 8.24 0.29 34.11
CA LYS A 168 9.55 0.66 33.61
C LYS A 168 9.81 2.14 33.89
N PHE A 169 11.05 2.57 33.58
CA PHE A 169 11.42 3.97 33.60
C PHE A 169 11.23 4.62 34.96
N PRO A 170 12.11 4.34 35.93
CA PRO A 170 11.94 4.92 37.28
C PRO A 170 11.85 6.44 37.32
N LEU A 171 12.13 7.15 36.22
CA LEU A 171 12.05 8.60 36.18
C LEU A 171 11.21 9.03 34.98
N LEU A 172 10.42 10.09 35.15
CA LEU A 172 9.58 10.60 34.08
C LEU A 172 9.81 12.09 33.86
N ILE A 173 9.71 12.51 32.59
CA ILE A 173 9.89 13.89 32.16
C ILE A 173 8.67 14.32 31.37
N PHE A 174 8.12 15.49 31.70
CA PHE A 174 6.95 16.07 31.03
C PHE A 174 7.28 17.46 30.53
N ASP A 175 7.76 17.55 29.29
CA ASP A 175 7.94 18.84 28.65
C ASP A 175 6.57 19.45 28.35
N GLU A 176 6.43 20.76 28.62
CA GLU A 176 5.15 21.46 28.52
C GLU A 176 4.08 20.73 29.35
N VAL A 177 4.32 20.68 30.66
CA VAL A 177 3.53 19.81 31.54
C VAL A 177 2.09 20.29 31.72
N HIS A 178 1.74 21.46 31.20
CA HIS A 178 0.36 21.92 31.27
C HIS A 178 -0.59 21.09 30.41
N HIS A 179 -0.08 20.21 29.56
CA HIS A 179 -0.93 19.31 28.80
C HIS A 179 -1.28 18.02 29.54
N LEU A 180 -0.66 17.75 30.70
CA LEU A 180 -0.88 16.50 31.41
C LEU A 180 -2.22 16.41 32.15
N PRO A 181 -2.70 17.49 32.85
CA PRO A 181 -3.98 17.38 33.60
C PRO A 181 -5.23 17.43 32.73
N SER A 182 -5.23 16.67 31.63
CA SER A 182 -6.41 16.52 30.80
C SER A 182 -7.17 15.28 31.25
N GLU A 183 -8.25 14.92 30.54
CA GLU A 183 -9.05 13.77 30.94
C GLU A 183 -8.22 12.48 30.88
N GLY A 184 -7.76 12.12 29.68
CA GLY A 184 -7.03 10.87 29.52
C GLY A 184 -5.60 10.93 30.00
N TYR A 185 -4.95 12.08 29.88
CA TYR A 185 -3.54 12.17 30.28
C TYR A 185 -3.38 12.09 31.80
N SER A 186 -4.39 12.54 32.56
CA SER A 186 -4.36 12.35 34.01
C SER A 186 -4.37 10.87 34.35
N ILE A 187 -5.21 10.10 33.66
CA ILE A 187 -5.25 8.65 33.84
C ILE A 187 -3.90 8.06 33.47
N MET A 188 -3.32 8.54 32.35
CA MET A 188 -2.01 8.07 31.90
C MET A 188 -0.96 8.27 32.98
N ALA A 189 -0.92 9.47 33.58
CA ALA A 189 0.04 9.74 34.64
C ALA A 189 -0.22 8.88 35.87
N GLN A 190 -1.49 8.58 36.15
CA GLN A 190 -1.82 7.79 37.34
C GLN A 190 -1.43 6.33 37.18
N LEU A 191 -1.53 5.78 35.97
CA LEU A 191 -1.17 4.38 35.77
C LEU A 191 0.32 4.11 35.91
N PHE A 192 1.17 5.13 35.75
CA PHE A 192 2.59 4.91 35.88
C PHE A 192 3.01 4.97 37.35
N ALA A 193 4.12 4.31 37.66
CA ALA A 193 4.57 4.12 39.04
C ALA A 193 5.93 4.75 39.32
N SER A 194 6.43 5.60 38.43
CA SER A 194 7.77 6.15 38.58
C SER A 194 7.88 6.95 39.88
N PRO A 195 8.79 6.59 40.79
CA PRO A 195 8.96 7.41 42.00
C PRO A 195 9.54 8.77 41.71
N TYR A 196 10.44 8.87 40.73
CA TYR A 196 11.08 10.13 40.35
C TYR A 196 10.27 10.75 39.22
N ARG A 197 9.80 11.98 39.42
CA ARG A 197 8.96 12.63 38.41
C ARG A 197 9.32 14.10 38.29
N LEU A 198 9.50 14.55 37.05
CA LEU A 198 9.82 15.94 36.75
C LEU A 198 8.95 16.45 35.62
N GLY A 199 8.27 17.57 35.86
CA GLY A 199 7.47 18.24 34.85
C GLY A 199 8.17 19.53 34.42
N LEU A 200 8.11 19.82 33.14
CA LEU A 200 8.72 21.02 32.57
C LEU A 200 7.64 21.88 31.94
N THR A 201 7.69 23.19 32.18
CA THR A 201 6.75 24.08 31.50
C THR A 201 7.29 25.49 31.50
N ALA A 202 6.61 26.34 30.73
CA ALA A 202 6.83 27.78 30.68
C ALA A 202 5.69 28.55 31.31
N THR A 203 4.46 28.09 31.10
CA THR A 203 3.27 28.63 31.75
C THR A 203 2.48 27.48 32.35
N PRO A 204 2.48 27.32 33.67
CA PRO A 204 1.74 26.22 34.30
C PRO A 204 0.29 26.53 34.64
N GLU A 205 -0.10 27.80 34.61
CA GLU A 205 -1.42 28.22 35.07
C GLU A 205 -2.45 27.98 33.99
N ARG A 206 -3.49 27.23 34.33
CA ARG A 206 -4.56 26.88 33.41
C ARG A 206 -5.83 27.65 33.74
N ASP A 207 -6.42 28.30 32.73
CA ASP A 207 -7.73 28.89 32.90
C ASP A 207 -8.78 27.81 33.12
N ASP A 208 -8.46 26.57 32.76
CA ASP A 208 -9.34 25.43 33.01
C ASP A 208 -9.70 25.33 34.48
N GLY A 209 -8.70 25.26 35.35
CA GLY A 209 -8.91 25.13 36.77
C GLY A 209 -8.48 23.79 37.34
N LYS A 210 -8.18 22.81 36.47
CA LYS A 210 -7.74 21.49 36.89
C LYS A 210 -6.27 21.45 37.26
N HIS A 211 -5.58 22.59 37.24
CA HIS A 211 -4.15 22.71 37.53
C HIS A 211 -3.83 22.50 39.00
N GLU A 212 -4.78 22.05 39.81
CA GLU A 212 -4.53 21.71 41.19
C GLU A 212 -3.90 20.33 41.36
N LEU A 213 -4.12 19.42 40.40
CA LEU A 213 -3.72 18.03 40.58
C LEU A 213 -2.21 17.79 40.48
N TYR A 214 -1.40 18.83 40.25
CA TYR A 214 0.03 18.63 40.07
C TYR A 214 0.69 17.85 41.20
N PRO A 215 0.55 18.21 42.48
CA PRO A 215 1.22 17.43 43.52
C PRO A 215 0.76 15.98 43.55
N ILE A 216 -0.45 15.70 43.09
CA ILE A 216 -0.93 14.33 43.07
C ILE A 216 -0.30 13.55 41.93
N LEU A 217 0.02 14.23 40.83
CA LEU A 217 0.46 13.56 39.61
C LEU A 217 1.97 13.52 39.46
N VAL A 218 2.64 14.66 39.59
CA VAL A 218 4.10 14.71 39.45
C VAL A 218 4.79 15.45 40.58
N GLY A 219 4.06 16.22 41.40
CA GLY A 219 4.67 16.97 42.47
C GLY A 219 4.46 18.47 42.31
N PRO A 220 4.86 19.25 43.31
CA PRO A 220 4.64 20.69 43.29
C PRO A 220 5.71 21.41 42.47
N ILE A 221 5.45 22.69 42.24
CA ILE A 221 6.44 23.56 41.60
C ILE A 221 7.58 23.77 42.60
N VAL A 222 8.75 23.23 42.30
CA VAL A 222 9.87 23.37 43.24
C VAL A 222 10.72 24.60 42.90
N TYR A 223 10.77 25.01 41.65
CA TYR A 223 11.49 26.22 41.27
C TYR A 223 10.88 26.79 40.01
N ARG A 224 10.43 28.03 40.08
CA ARG A 224 9.97 28.76 38.91
C ARG A 224 10.72 30.07 38.85
N LYS A 225 11.54 30.27 37.82
CA LYS A 225 12.12 31.59 37.62
C LYS A 225 11.01 32.58 37.33
N SER A 226 11.08 33.74 37.99
CA SER A 226 10.05 34.76 37.85
C SER A 226 9.75 35.03 36.37
N VAL A 227 8.51 34.75 35.97
CA VAL A 227 8.18 34.76 34.55
C VAL A 227 8.27 36.17 34.00
N GLU A 228 8.96 36.31 32.86
CA GLU A 228 9.07 37.58 32.13
C GLU A 228 9.76 38.67 32.95
N GLU A 229 10.66 38.29 33.85
CA GLU A 229 11.37 39.26 34.68
C GLU A 229 12.87 39.28 34.43
N LEU A 230 13.53 38.13 34.49
CA LEU A 230 14.97 38.07 34.24
C LEU A 230 15.20 38.19 32.74
N ALA A 231 15.69 39.36 32.30
CA ALA A 231 15.82 39.66 30.89
C ALA A 231 17.26 39.94 30.46
N GLY A 232 18.23 39.74 31.35
CA GLY A 232 19.62 39.95 31.00
C GLY A 232 20.22 38.77 30.27
N LYS A 233 20.14 37.58 30.87
CA LYS A 233 20.54 36.36 30.20
C LYS A 233 19.36 35.60 29.61
N TYR A 234 18.20 36.25 29.52
CA TYR A 234 17.07 35.75 28.75
C TYR A 234 16.83 36.71 27.59
N ILE A 235 15.66 36.59 26.98
CA ILE A 235 15.25 37.44 25.86
C ILE A 235 15.18 38.91 26.29
N ALA A 236 15.18 39.81 25.31
CA ALA A 236 15.27 41.24 25.59
C ALA A 236 14.06 41.72 26.39
N LYS A 237 14.07 43.02 26.68
CA LYS A 237 13.03 43.63 27.50
C LYS A 237 11.68 43.60 26.81
N TYR A 238 10.71 42.91 27.43
CA TYR A 238 9.36 42.85 26.90
C TYR A 238 8.76 44.24 26.84
N LYS A 239 8.11 44.54 25.71
CA LYS A 239 7.57 45.88 25.43
C LYS A 239 6.13 45.80 24.95
N ILE A 240 5.29 45.08 25.69
CA ILE A 240 3.88 44.96 25.32
C ILE A 240 3.24 46.33 25.19
N LYS A 241 2.51 46.53 24.10
CA LYS A 241 1.78 47.77 23.86
C LYS A 241 0.50 47.40 23.11
N LYS A 242 -0.61 48.02 23.52
CA LYS A 242 -1.92 47.77 22.95
C LYS A 242 -2.29 48.85 21.95
N LEU A 243 -3.12 48.49 20.97
CA LEU A 243 -3.69 49.44 20.03
C LEU A 243 -5.19 49.20 19.95
N TYR A 244 -5.96 50.23 20.27
CA TYR A 244 -7.42 50.16 20.29
C TYR A 244 -7.95 50.73 18.98
N VAL A 245 -8.77 49.94 18.29
CA VAL A 245 -9.31 50.29 16.98
C VAL A 245 -10.78 50.66 17.12
N SER A 246 -11.17 51.79 16.55
CA SER A 246 -12.58 52.16 16.48
C SER A 246 -13.30 51.22 15.52
N LEU A 247 -14.23 50.42 16.05
CA LEU A 247 -14.94 49.46 15.22
C LEU A 247 -15.81 50.16 14.19
N THR A 248 -16.00 49.48 13.05
CA THR A 248 -16.72 50.07 11.93
C THR A 248 -18.16 50.41 12.32
N ASN A 249 -18.57 51.63 11.99
CA ASN A 249 -19.95 52.06 12.22
C ASN A 249 -20.94 51.28 11.37
N GLU A 250 -20.50 50.72 10.24
CA GLU A 250 -21.36 49.82 9.47
C GLU A 250 -21.44 48.46 10.14
N GLU A 251 -20.32 47.96 10.67
CA GLU A 251 -20.30 46.66 11.35
C GLU A 251 -21.02 46.73 12.70
N LYS A 252 -21.01 47.91 13.32
CA LYS A 252 -21.60 48.09 14.65
C LYS A 252 -23.10 47.83 14.65
N LYS A 253 -23.78 48.16 13.55
CA LYS A 253 -25.22 47.92 13.48
C LYS A 253 -25.52 46.43 13.62
N ARG A 254 -24.87 45.59 12.80
CA ARG A 254 -25.10 44.16 12.90
C ARG A 254 -24.60 43.59 14.22
N TYR A 255 -23.49 44.12 14.74
CA TYR A 255 -22.98 43.64 16.03
C TYR A 255 -24.00 43.83 17.14
N ASP A 256 -24.55 45.04 17.26
CA ASP A 256 -25.53 45.29 18.31
C ASP A 256 -26.83 44.53 18.06
N GLY A 257 -27.30 44.51 16.81
CA GLY A 257 -28.48 43.75 16.49
C GLY A 257 -28.32 42.25 16.74
N LEU A 258 -27.07 41.78 16.76
CA LEU A 258 -26.79 40.36 16.98
C LEU A 258 -26.61 40.02 18.45
N ARG A 259 -26.05 40.92 19.25
CA ARG A 259 -25.98 40.68 20.70
C ARG A 259 -27.30 40.94 21.39
N LYS A 260 -28.20 41.72 20.75
CA LYS A 260 -29.52 41.93 21.32
C LYS A 260 -30.31 40.63 21.41
N LYS A 261 -30.13 39.74 20.43
CA LYS A 261 -30.83 38.46 20.48
C LYS A 261 -30.43 37.67 21.71
N LEU A 262 -29.12 37.57 21.98
CA LEU A 262 -28.67 36.86 23.17
C LEU A 262 -29.12 37.55 24.45
N LYS A 263 -29.01 38.88 24.49
CA LYS A 263 -29.40 39.60 25.72
C LYS A 263 -30.87 39.38 26.03
N ASP A 264 -31.74 39.53 25.03
CA ASP A 264 -33.17 39.35 25.24
C ASP A 264 -33.51 37.88 25.48
N PHE A 265 -32.74 36.96 24.94
CA PHE A 265 -32.97 35.54 25.22
C PHE A 265 -32.66 35.22 26.68
N LEU A 266 -31.51 35.68 27.19
CA LEU A 266 -31.17 35.40 28.58
C LEU A 266 -32.04 36.18 29.55
N SER A 267 -32.47 37.39 29.20
CA SER A 267 -33.32 38.12 30.13
C SER A 267 -34.73 37.54 30.19
N SER A 268 -35.23 37.03 29.06
CA SER A 268 -36.61 36.52 29.00
C SER A 268 -36.77 35.14 29.63
N ARG A 269 -35.69 34.36 29.75
CA ARG A 269 -35.75 33.02 30.32
C ARG A 269 -34.98 32.91 31.64
N GLY A 270 -34.48 34.02 32.19
CA GLY A 270 -33.63 33.87 33.34
C GLY A 270 -32.34 33.15 32.95
N LEU A 271 -31.82 32.35 33.88
CA LEU A 271 -30.57 31.62 33.66
C LEU A 271 -29.47 32.57 33.19
N LYS A 272 -29.17 33.53 34.05
CA LYS A 272 -28.20 34.58 33.71
C LYS A 272 -26.79 34.00 33.64
N LEU A 273 -26.09 34.30 32.54
CA LEU A 273 -24.70 33.92 32.38
C LEU A 273 -23.74 35.01 32.85
N GLN A 274 -24.22 36.24 33.05
CA GLN A 274 -23.40 37.32 33.58
C GLN A 274 -22.74 36.89 34.89
N ASN A 275 -21.41 36.93 34.90
CA ASN A 275 -20.61 36.47 36.05
C ASN A 275 -20.91 35.03 36.42
N LEU A 276 -21.31 34.23 35.43
CA LEU A 276 -21.58 32.81 35.61
C LEU A 276 -20.47 32.01 34.97
N ASP A 277 -19.77 31.21 35.77
CA ASP A 277 -18.71 30.36 35.26
C ASP A 277 -19.26 29.26 34.37
N ASP A 278 -20.50 28.83 34.61
CA ASP A 278 -21.08 27.70 33.89
C ASP A 278 -21.72 28.22 32.61
N PHE A 279 -20.94 28.19 31.54
CA PHE A 279 -21.43 28.36 30.18
C PHE A 279 -22.00 27.06 29.62
N HIS A 280 -21.81 25.96 30.35
CA HIS A 280 -22.25 24.64 29.91
C HIS A 280 -23.75 24.41 30.05
N ARG A 281 -24.40 25.06 31.02
CA ARG A 281 -25.85 24.93 31.12
C ARG A 281 -26.54 25.44 29.86
N LEU A 282 -26.00 26.51 29.30
CA LEU A 282 -26.60 27.10 28.11
C LEU A 282 -26.41 26.20 26.89
N VAL A 283 -25.29 25.48 26.80
CA VAL A 283 -25.14 24.58 25.66
C VAL A 283 -25.94 23.31 25.87
N LYS A 284 -26.11 22.87 27.13
CA LYS A 284 -26.98 21.73 27.38
C LYS A 284 -28.41 22.05 26.95
N LEU A 285 -28.86 23.29 27.18
CA LEU A 285 -30.14 23.71 26.60
C LEU A 285 -30.05 23.86 25.09
N ALA A 286 -28.88 24.23 24.56
CA ALA A 286 -28.76 24.48 23.13
C ALA A 286 -28.86 23.20 22.31
N ALA A 287 -28.43 22.06 22.87
CA ALA A 287 -28.44 20.81 22.11
C ALA A 287 -29.86 20.37 21.76
N LYS A 288 -30.86 20.77 22.55
CA LYS A 288 -32.24 20.37 22.32
C LYS A 288 -33.14 21.51 21.88
N ASP A 289 -32.91 22.73 22.36
CA ASP A 289 -33.77 23.86 22.02
C ASP A 289 -33.25 24.54 20.75
N LYS A 290 -34.19 25.07 19.97
CA LYS A 290 -33.86 25.72 18.71
C LYS A 290 -33.31 27.13 18.95
N GLU A 291 -34.11 28.00 19.58
CA GLU A 291 -33.65 29.36 19.83
C GLU A 291 -32.47 29.42 20.79
N ALA A 292 -32.29 28.40 21.64
CA ALA A 292 -31.11 28.39 22.51
C ALA A 292 -29.84 28.38 21.69
N ARG A 293 -29.68 27.37 20.83
CA ARG A 293 -28.52 27.31 19.97
C ARG A 293 -28.51 28.45 18.96
N GLU A 294 -29.68 28.96 18.56
CA GLU A 294 -29.72 30.09 17.64
C GLU A 294 -29.09 31.32 18.27
N ALA A 295 -29.53 31.68 19.49
CA ALA A 295 -28.97 32.83 20.17
C ALA A 295 -27.51 32.60 20.57
N LEU A 296 -27.14 31.35 20.85
CA LEU A 296 -25.75 31.09 21.23
C LEU A 296 -24.82 31.21 20.02
N LEU A 297 -25.21 30.67 18.87
CA LEU A 297 -24.42 30.85 17.66
C LEU A 297 -24.42 32.31 17.22
N ALA A 298 -25.51 33.05 17.50
CA ALA A 298 -25.52 34.48 17.24
C ALA A 298 -24.49 35.20 18.11
N TRP A 299 -24.43 34.86 19.40
CA TRP A 299 -23.37 35.38 20.26
C TRP A 299 -21.98 35.05 19.71
N HIS A 300 -21.80 33.81 19.26
CA HIS A 300 -20.50 33.39 18.76
C HIS A 300 -20.10 34.18 17.51
N GLU A 301 -21.06 34.40 16.61
CA GLU A 301 -20.79 35.19 15.42
C GLU A 301 -20.55 36.66 15.76
N SER A 302 -21.20 37.16 16.81
CA SER A 302 -20.96 38.53 17.24
C SER A 302 -19.54 38.68 17.76
N LEU A 303 -19.07 37.72 18.57
CA LEU A 303 -17.69 37.74 19.03
C LEU A 303 -16.73 37.61 17.85
N ASN A 304 -17.12 36.84 16.83
CA ASN A 304 -16.30 36.74 15.63
C ASN A 304 -16.19 38.08 14.92
N ILE A 305 -17.31 38.79 14.78
CA ILE A 305 -17.31 40.14 14.21
C ILE A 305 -16.38 41.04 15.02
N ALA A 306 -16.38 40.85 16.34
CA ALA A 306 -15.59 41.69 17.22
C ALA A 306 -14.09 41.48 17.01
N VAL A 307 -13.65 40.22 17.01
CA VAL A 307 -12.22 39.96 16.99
C VAL A 307 -11.64 40.06 15.57
N ASN A 308 -12.41 39.70 14.54
CA ASN A 308 -11.92 39.73 13.17
C ASN A 308 -12.52 40.90 12.39
N SER A 309 -12.65 42.04 13.06
CA SER A 309 -13.19 43.23 12.43
C SER A 309 -12.22 43.77 11.39
N GLN A 310 -12.76 44.28 10.29
CA GLN A 310 -11.92 44.77 9.21
C GLN A 310 -11.24 46.09 9.53
N SER A 311 -11.82 46.88 10.47
CA SER A 311 -11.22 48.17 10.79
C SER A 311 -9.80 48.00 11.32
N LYS A 312 -9.54 46.91 12.05
CA LYS A 312 -8.20 46.66 12.57
C LYS A 312 -7.18 46.55 11.45
N ILE A 313 -7.59 46.02 10.29
CA ILE A 313 -6.66 45.90 9.17
C ILE A 313 -6.02 47.24 8.85
N GLU A 314 -6.78 48.33 8.99
CA GLU A 314 -6.22 49.64 8.69
C GLU A 314 -4.98 49.89 9.54
N LYS A 315 -5.11 49.70 10.86
CA LYS A 315 -3.95 49.93 11.72
C LYS A 315 -2.82 48.97 11.41
N LEU A 316 -3.15 47.77 10.92
CA LEU A 316 -2.10 46.86 10.46
C LEU A 316 -1.26 47.51 9.38
N ARG A 317 -1.91 48.05 8.34
CA ARG A 317 -1.16 48.74 7.31
C ARG A 317 -0.27 49.80 7.95
N GLU A 318 -0.82 50.54 8.90
CA GLU A 318 -0.05 51.57 9.59
C GLU A 318 1.22 50.98 10.19
N ILE A 319 1.08 49.89 10.95
CA ILE A 319 2.25 49.29 11.58
C ILE A 319 3.24 48.81 10.53
N LEU A 320 2.73 48.23 9.43
CA LEU A 320 3.65 47.77 8.41
C LEU A 320 4.30 48.94 7.68
N GLN A 321 3.65 50.11 7.68
CA GLN A 321 4.33 51.32 7.22
C GLN A 321 5.52 51.65 8.12
N GLU A 322 5.34 51.50 9.44
CA GLU A 322 6.36 51.94 10.38
C GLU A 322 7.56 50.99 10.41
N TYR A 323 7.31 49.69 10.43
CA TYR A 323 8.37 48.70 10.60
C TYR A 323 8.61 48.00 9.26
N LYS A 324 9.80 48.22 8.70
CA LYS A 324 10.16 47.64 7.41
C LYS A 324 11.54 46.99 7.42
N ASN A 325 12.17 46.86 8.59
CA ASN A 325 13.47 46.20 8.71
C ASN A 325 13.52 45.31 9.94
N GLU A 326 12.36 44.83 10.38
CA GLU A 326 12.25 43.93 11.52
C GLU A 326 11.41 42.73 11.12
N LYS A 327 11.64 41.61 11.79
CA LYS A 327 10.94 40.37 11.48
C LYS A 327 9.59 40.36 12.19
N ILE A 328 8.51 40.33 11.40
CA ILE A 328 7.16 40.47 11.91
C ILE A 328 6.44 39.13 11.82
N ILE A 329 5.84 38.72 12.93
CA ILE A 329 4.96 37.56 13.01
C ILE A 329 3.61 38.06 13.48
N VAL A 330 2.61 37.95 12.62
CA VAL A 330 1.28 38.42 12.95
C VAL A 330 0.38 37.23 13.27
N PHE A 331 -0.24 37.28 14.44
CA PHE A 331 -1.16 36.25 14.92
C PHE A 331 -2.60 36.70 14.75
N THR A 332 -3.49 35.71 14.71
CA THR A 332 -4.91 35.96 14.55
C THR A 332 -5.67 34.89 15.30
N ARG A 333 -6.98 35.04 15.34
CA ARG A 333 -7.81 34.11 16.10
C ARG A 333 -8.20 32.89 15.27
N ASP A 334 -8.74 33.10 14.08
CA ASP A 334 -9.25 32.02 13.25
C ASP A 334 -8.58 32.03 11.89
N THR A 335 -8.75 30.91 11.17
CA THR A 335 -8.25 30.79 9.81
C THR A 335 -8.82 31.87 8.89
N GLN A 336 -10.05 32.31 9.16
CA GLN A 336 -10.71 33.31 8.32
C GLN A 336 -9.87 34.57 8.19
N MET A 337 -9.54 35.19 9.32
CA MET A 337 -8.78 36.43 9.28
C MET A 337 -7.34 36.19 8.84
N ALA A 338 -6.80 35.01 9.14
CA ALA A 338 -5.46 34.66 8.67
C ALA A 338 -5.39 34.72 7.15
N TYR A 339 -6.31 34.03 6.47
CA TYR A 339 -6.29 34.04 5.01
C TYR A 339 -6.74 35.38 4.43
N ARG A 340 -7.61 36.12 5.12
CA ARG A 340 -7.92 37.47 4.68
C ARG A 340 -6.66 38.33 4.65
N ILE A 341 -5.86 38.24 5.71
CA ILE A 341 -4.59 38.96 5.78
C ILE A 341 -3.66 38.48 4.68
N SER A 342 -3.61 37.16 4.46
CA SER A 342 -2.71 36.62 3.43
C SER A 342 -3.08 37.14 2.05
N LYS A 343 -4.37 37.28 1.77
CA LYS A 343 -4.80 37.79 0.48
C LYS A 343 -4.60 39.30 0.36
N THR A 344 -4.74 40.04 1.46
CA THR A 344 -4.63 41.49 1.37
C THR A 344 -3.17 41.94 1.29
N PHE A 345 -2.29 41.36 2.11
CA PHE A 345 -0.94 41.88 2.27
C PHE A 345 0.15 40.95 1.73
N LEU A 346 -0.23 39.84 1.07
CA LEU A 346 0.73 38.93 0.44
C LEU A 346 1.70 38.35 1.48
N ILE A 347 1.12 37.60 2.41
CA ILE A 347 1.90 36.98 3.48
C ILE A 347 1.55 35.49 3.56
N PRO A 348 2.53 34.60 3.70
CA PRO A 348 2.22 33.18 3.81
C PRO A 348 1.52 32.84 5.13
N VAL A 349 0.49 32.01 5.03
CA VAL A 349 -0.25 31.52 6.19
C VAL A 349 0.30 30.20 6.64
N VAL A 350 0.16 29.92 7.92
CA VAL A 350 0.51 28.63 8.53
C VAL A 350 -0.63 28.28 9.47
N THR A 351 -1.48 27.36 9.06
CA THR A 351 -2.51 26.85 9.95
C THR A 351 -2.40 25.33 9.99
N TYR A 352 -3.35 24.67 10.63
CA TYR A 352 -3.43 23.21 10.53
C TYR A 352 -3.82 22.79 9.12
N LYS A 353 -4.51 23.66 8.39
CA LYS A 353 -4.98 23.33 7.05
C LYS A 353 -3.82 23.25 6.05
N THR A 354 -2.77 24.03 6.25
CA THR A 354 -1.58 23.91 5.41
C THR A 354 -0.88 22.59 5.72
N ASP A 355 -0.26 22.01 4.69
CA ASP A 355 0.31 20.67 4.83
C ASP A 355 1.63 20.74 5.61
N LYS A 356 2.20 19.56 5.86
CA LYS A 356 3.40 19.47 6.68
C LYS A 356 4.62 20.02 5.95
N ASP A 357 4.85 19.58 4.71
CA ASP A 357 6.01 20.03 3.97
C ASP A 357 5.96 21.53 3.72
N GLU A 358 4.80 22.06 3.34
CA GLU A 358 4.67 23.49 3.13
C GLU A 358 4.91 24.27 4.42
N ARG A 359 4.38 23.80 5.53
CA ARG A 359 4.61 24.44 6.83
C ARG A 359 6.10 24.50 7.15
N GLU A 360 6.79 23.36 7.05
CA GLU A 360 8.21 23.32 7.35
C GLU A 360 9.02 24.16 6.37
N GLU A 361 8.58 24.24 5.11
CA GLU A 361 9.29 25.03 4.11
C GLU A 361 9.14 26.53 4.35
N ILE A 362 7.94 26.98 4.76
CA ILE A 362 7.79 28.38 5.11
C ILE A 362 8.61 28.71 6.36
N LEU A 363 8.68 27.79 7.32
CA LEU A 363 9.59 27.98 8.45
C LEU A 363 11.04 28.09 7.97
N GLN A 364 11.45 27.24 7.04
CA GLN A 364 12.83 27.27 6.56
C GLN A 364 13.16 28.61 5.93
N LYS A 365 12.28 29.10 5.04
CA LYS A 365 12.52 30.38 4.38
C LYS A 365 12.31 31.57 5.32
N PHE A 366 11.55 31.39 6.40
CA PHE A 366 11.45 32.44 7.40
C PHE A 366 12.75 32.57 8.19
N ARG A 367 13.37 31.43 8.52
CA ARG A 367 14.68 31.47 9.15
C ARG A 367 15.72 32.06 8.22
N ASP A 368 15.69 31.65 6.94
CA ASP A 368 16.69 32.14 5.98
C ASP A 368 16.63 33.66 5.83
N GLY A 369 15.45 34.24 5.97
CA GLY A 369 15.25 35.66 5.80
C GLY A 369 14.58 36.03 4.50
N GLU A 370 14.32 35.07 3.62
CA GLU A 370 13.65 35.36 2.35
C GLU A 370 12.24 35.87 2.57
N TYR A 371 11.52 35.28 3.54
CA TYR A 371 10.23 35.80 3.99
C TYR A 371 10.47 36.62 5.26
N ARG A 372 10.17 37.92 5.19
CA ARG A 372 10.36 38.78 6.35
C ARG A 372 9.16 38.70 7.30
N VAL A 373 7.95 38.73 6.75
CA VAL A 373 6.72 38.81 7.53
C VAL A 373 5.91 37.54 7.31
N ILE A 374 5.34 37.00 8.40
CA ILE A 374 4.58 35.76 8.32
C ILE A 374 3.31 35.91 9.15
N VAL A 375 2.27 35.15 8.80
CA VAL A 375 0.98 35.18 9.47
C VAL A 375 0.58 33.77 9.88
N ALA A 376 0.18 33.59 11.15
CA ALA A 376 -0.20 32.27 11.63
C ALA A 376 -1.36 32.35 12.60
N SER A 377 -2.17 31.29 12.65
CA SER A 377 -3.38 31.23 13.47
C SER A 377 -3.14 30.40 14.73
N THR A 378 -2.45 31.00 15.70
CA THR A 378 -2.29 30.41 17.03
C THR A 378 -1.52 29.10 17.02
N VAL A 379 -1.16 28.60 15.83
CA VAL A 379 -0.56 27.27 15.72
C VAL A 379 0.87 27.23 16.24
N PHE A 380 1.45 28.40 16.50
CA PHE A 380 2.83 28.54 16.94
C PHE A 380 2.96 28.78 18.44
N ASP A 381 1.95 28.43 19.22
CA ASP A 381 2.08 28.50 20.67
C ASP A 381 2.98 27.41 21.22
N GLU A 382 2.99 26.24 20.57
CA GLU A 382 3.68 25.06 21.06
C GLU A 382 5.20 25.27 21.00
N GLY A 383 5.92 24.24 21.46
CA GLY A 383 7.37 24.23 21.36
C GLY A 383 7.85 23.64 20.05
N VAL A 384 7.42 24.24 18.93
CA VAL A 384 7.78 23.74 17.61
C VAL A 384 9.19 24.15 17.23
N ASP A 385 9.85 24.97 18.05
CA ASP A 385 11.15 25.56 17.74
C ASP A 385 11.05 26.40 16.46
N VAL A 386 10.09 27.32 16.48
CA VAL A 386 9.88 28.26 15.37
C VAL A 386 10.89 29.39 15.52
N PRO A 387 11.55 29.81 14.44
CA PRO A 387 12.50 30.93 14.52
C PRO A 387 11.86 32.18 15.12
N ASP A 388 12.58 32.80 16.05
CA ASP A 388 12.07 33.97 16.74
C ASP A 388 12.00 35.17 15.79
N ALA A 389 11.53 36.29 16.32
CA ALA A 389 11.43 37.54 15.58
C ALA A 389 11.73 38.69 16.54
N THR A 390 11.41 39.91 16.11
CA THR A 390 11.45 41.08 16.98
C THR A 390 10.07 41.65 17.21
N LEU A 391 9.36 42.02 16.14
CA LEU A 391 7.99 42.51 16.26
C LEU A 391 7.03 41.33 16.20
N ALA A 392 6.12 41.26 17.18
CA ALA A 392 5.13 40.20 17.26
C ALA A 392 3.75 40.83 17.47
N ILE A 393 2.90 40.74 16.46
CA ILE A 393 1.59 41.39 16.46
C ILE A 393 0.56 40.35 16.87
N VAL A 394 -0.45 40.78 17.64
CA VAL A 394 -1.55 39.91 18.05
C VAL A 394 -2.84 40.57 17.62
N MET A 395 -3.63 39.85 16.82
CA MET A 395 -4.93 40.31 16.36
C MET A 395 -6.08 39.47 16.86
N GLY A 396 -5.81 38.28 17.38
CA GLY A 396 -6.83 37.47 18.01
C GLY A 396 -6.45 37.23 19.45
N GLY A 397 -7.20 37.84 20.36
CA GLY A 397 -6.93 37.68 21.79
C GLY A 397 -6.94 36.23 22.21
N TYR A 398 -7.88 35.46 21.66
CA TYR A 398 -8.07 34.04 21.99
C TYR A 398 -8.18 33.89 23.49
N GLY A 399 -8.87 34.83 24.11
CA GLY A 399 -9.14 34.79 25.54
C GLY A 399 -7.92 35.07 26.38
N THR A 400 -8.17 35.19 27.69
CA THR A 400 -7.18 35.61 28.65
C THR A 400 -6.34 34.45 29.15
N LYS A 401 -6.37 33.31 28.46
CA LYS A 401 -5.52 32.19 28.81
C LYS A 401 -4.05 32.58 28.81
N ARG A 402 -3.33 32.07 29.80
CA ARG A 402 -1.90 32.37 29.92
C ARG A 402 -1.11 31.79 28.76
N GLN A 403 -1.61 30.71 28.16
CA GLN A 403 -0.90 30.08 27.05
C GLN A 403 -0.79 31.00 25.83
N PHE A 404 -1.92 31.55 25.37
CA PHE A 404 -1.84 32.34 24.15
C PHE A 404 -1.25 33.73 24.38
N LEU A 405 -0.79 34.05 25.60
CA LEU A 405 0.00 35.26 25.78
C LEU A 405 1.40 34.93 26.26
N GLN A 406 1.55 34.22 27.38
CA GLN A 406 2.89 33.87 27.84
C GLN A 406 3.57 32.90 26.88
N ARG A 407 2.94 31.77 26.59
CA ARG A 407 3.54 30.77 25.70
C ARG A 407 3.57 31.25 24.25
N LEU A 408 2.79 32.28 23.92
CA LEU A 408 2.83 32.91 22.61
C LEU A 408 3.74 34.12 22.57
N GLY A 409 3.75 34.92 23.62
CA GLY A 409 4.65 36.06 23.68
C GLY A 409 6.02 35.66 24.17
N ARG A 410 6.31 34.35 24.08
CA ARG A 410 7.62 33.82 24.42
C ARG A 410 8.27 33.13 23.23
N ILE A 411 7.85 33.46 22.01
CA ILE A 411 8.54 33.03 20.81
C ILE A 411 9.47 34.14 20.30
N LEU A 412 9.86 35.04 21.19
CA LEU A 412 10.82 36.10 20.91
C LEU A 412 12.01 35.84 21.84
N ARG A 413 13.07 35.23 21.30
CA ARG A 413 14.20 34.78 22.10
C ARG A 413 15.53 35.26 21.51
N LYS A 414 15.59 36.54 21.14
CA LYS A 414 16.78 37.17 20.59
C LYS A 414 17.33 38.16 21.62
N LYS A 415 18.34 38.94 21.21
CA LYS A 415 18.92 39.95 22.08
C LYS A 415 19.47 41.08 21.22
N ASP A 416 19.76 42.21 21.88
CA ASP A 416 20.36 43.40 21.26
C ASP A 416 19.40 44.08 20.28
N LYS A 417 18.09 43.94 20.49
CA LYS A 417 17.11 44.56 19.61
C LYS A 417 15.91 45.01 20.45
N GLU A 418 14.98 45.72 19.81
CA GLU A 418 13.81 46.25 20.53
C GLU A 418 12.91 45.11 21.03
N ALA A 419 12.39 44.30 20.10
CA ALA A 419 11.58 43.12 20.42
C ALA A 419 10.33 43.50 21.22
N LEU A 420 9.44 44.23 20.55
CA LEU A 420 8.17 44.65 21.13
C LEU A 420 7.01 43.81 20.60
N LEU A 421 5.95 43.70 21.41
CA LEU A 421 4.73 42.98 21.05
C LEU A 421 3.55 43.93 21.11
N ILE A 422 2.69 43.84 20.10
CA ILE A 422 1.52 44.70 19.96
C ILE A 422 0.27 43.85 20.02
N GLU A 423 -0.73 44.33 20.76
CA GLU A 423 -2.05 43.68 20.80
C GLU A 423 -3.07 44.64 20.19
N ILE A 424 -3.53 44.30 18.98
CA ILE A 424 -4.52 45.12 18.28
C ILE A 424 -5.90 44.61 18.66
N VAL A 425 -6.62 45.38 19.45
CA VAL A 425 -7.97 45.03 19.89
C VAL A 425 -8.91 46.20 19.61
N THR A 426 -10.18 45.87 19.38
CA THR A 426 -11.21 46.89 19.20
C THR A 426 -11.85 47.19 20.55
N LYS A 427 -12.01 48.48 20.86
CA LYS A 427 -12.45 48.90 22.18
C LYS A 427 -13.93 48.68 22.42
N GLY A 428 -14.74 48.61 21.36
CA GLY A 428 -16.17 48.45 21.51
C GLY A 428 -16.58 47.16 22.22
N THR A 429 -15.86 46.08 21.96
CA THR A 429 -16.31 44.74 22.29
C THR A 429 -15.48 44.08 23.39
N ALA A 430 -15.74 42.78 23.59
CA ALA A 430 -15.15 41.91 24.60
C ALA A 430 -13.73 42.23 25.00
N ASP A 431 -12.80 42.24 24.03
CA ASP A 431 -11.38 42.59 24.23
C ASP A 431 -10.85 42.03 25.55
N TYR A 432 -11.29 40.84 25.91
CA TYR A 432 -11.02 40.27 27.22
C TYR A 432 -9.55 39.90 27.31
N ARG A 433 -8.73 40.92 27.59
CA ARG A 433 -7.28 40.81 27.60
C ARG A 433 -6.79 40.25 28.91
N LEU A 434 -5.67 39.52 28.83
CA LEU A 434 -5.20 38.70 29.94
C LEU A 434 -4.86 39.55 31.15
N SER A 435 -5.18 39.00 32.33
CA SER A 435 -4.90 39.65 33.60
C SER A 435 -3.82 38.88 34.37
N MET B 1 -19.49 1.60 6.54
CA MET B 1 -18.72 2.62 7.26
C MET B 1 -19.61 3.42 8.20
N GLY B 2 -19.01 3.93 9.28
CA GLY B 2 -19.73 4.67 10.30
C GLY B 2 -19.50 6.17 10.23
N LEU B 3 -20.19 6.89 11.13
CA LEU B 3 -20.13 8.33 11.27
C LEU B 3 -19.52 8.70 12.62
N PRO B 4 -19.08 9.96 12.78
CA PRO B 4 -18.39 10.33 14.03
C PRO B 4 -19.30 10.36 15.24
N TRP B 5 -18.69 10.12 16.41
CA TRP B 5 -19.40 9.97 17.67
C TRP B 5 -20.21 11.21 18.05
N GLU B 6 -19.74 12.40 17.69
CA GLU B 6 -20.51 13.60 18.02
C GLU B 6 -21.73 13.79 17.11
N LEU B 7 -21.97 12.85 16.19
CA LEU B 7 -23.19 12.84 15.40
C LEU B 7 -24.08 11.65 15.71
N ALA B 8 -23.60 10.71 16.53
CA ALA B 8 -24.43 9.63 17.04
C ALA B 8 -25.56 10.20 17.89
N ARG B 9 -26.80 10.06 17.43
CA ARG B 9 -27.97 10.63 18.08
C ARG B 9 -28.78 9.48 18.67
N PHE B 10 -28.83 9.41 20.01
CA PHE B 10 -29.50 8.29 20.66
C PHE B 10 -29.93 8.71 22.05
N SER B 11 -30.74 7.85 22.68
CA SER B 11 -31.30 8.09 24.00
C SER B 11 -31.14 6.85 24.87
N ILE B 12 -31.37 7.02 26.17
CA ILE B 12 -31.35 5.94 27.15
C ILE B 12 -32.67 5.91 27.90
N VAL B 13 -33.28 4.73 28.01
CA VAL B 13 -34.51 4.53 28.77
C VAL B 13 -34.28 3.36 29.71
N LYS B 14 -34.04 3.66 30.99
CA LYS B 14 -33.89 2.65 32.03
C LYS B 14 -32.77 1.67 31.71
N ASP B 15 -31.57 2.24 31.52
CA ASP B 15 -30.37 1.46 31.19
C ASP B 15 -30.54 0.63 29.92
N GLU B 16 -31.15 1.23 28.90
CA GLU B 16 -31.33 0.59 27.60
C GLU B 16 -31.17 1.62 26.51
N VAL B 17 -30.21 1.39 25.61
CA VAL B 17 -29.92 2.32 24.53
C VAL B 17 -30.99 2.22 23.45
N LEU B 18 -31.47 3.37 22.97
CA LEU B 18 -32.42 3.44 21.87
C LEU B 18 -31.91 4.39 20.79
N PRO B 19 -31.40 3.86 19.68
CA PRO B 19 -30.89 4.73 18.60
C PRO B 19 -32.02 5.46 17.90
N HIS B 20 -31.84 6.78 17.73
CA HIS B 20 -32.79 7.63 17.01
C HIS B 20 -32.51 7.56 15.52
N PHE B 21 -33.27 6.72 14.80
CA PHE B 21 -33.13 6.58 13.36
C PHE B 21 -33.88 7.68 12.62
N ALA B 22 -34.08 7.51 11.31
CA ALA B 22 -34.78 8.49 10.48
C ALA B 22 -36.01 7.86 9.85
N THR B 23 -37.18 8.37 10.19
CA THR B 23 -38.44 7.90 9.65
C THR B 23 -38.65 8.43 8.23
N ASN B 24 -39.84 8.19 7.67
CA ASN B 24 -40.15 8.69 6.33
C ASN B 24 -40.46 10.18 6.32
N GLU B 25 -40.99 10.72 7.43
CA GLU B 25 -41.33 12.13 7.49
C GLU B 25 -40.15 13.05 7.19
N ASP B 26 -38.92 12.54 7.23
CA ASP B 26 -37.73 13.34 7.02
C ASP B 26 -37.23 13.32 5.59
N LEU B 27 -37.79 12.44 4.73
CA LEU B 27 -37.34 12.36 3.35
C LEU B 27 -37.20 13.75 2.71
N ASP B 28 -38.15 14.64 2.97
CA ASP B 28 -38.11 15.99 2.44
C ASP B 28 -36.73 16.61 2.64
N LEU B 29 -36.28 16.68 3.89
CA LEU B 29 -34.94 17.16 4.19
C LEU B 29 -33.91 16.50 3.29
N ALA B 30 -33.87 15.16 3.30
CA ALA B 30 -32.91 14.42 2.48
C ALA B 30 -32.95 14.90 1.05
N ASN B 31 -34.15 15.11 0.50
CA ASN B 31 -34.27 15.58 -0.87
C ASN B 31 -33.43 16.82 -1.10
N GLU B 32 -33.64 17.85 -0.28
CA GLU B 32 -32.87 19.08 -0.44
C GLU B 32 -31.38 18.82 -0.31
N ILE B 33 -30.99 17.93 0.62
CA ILE B 33 -29.57 17.66 0.82
C ILE B 33 -28.96 17.08 -0.44
N ILE B 34 -29.73 16.34 -1.23
CA ILE B 34 -29.20 15.90 -2.50
C ILE B 34 -29.33 16.99 -3.56
N SER B 35 -30.40 17.80 -3.49
CA SER B 35 -30.58 18.88 -4.46
C SER B 35 -29.67 20.06 -4.21
N LEU B 36 -28.97 20.10 -3.07
CA LEU B 36 -28.01 21.16 -2.85
C LEU B 36 -26.69 20.86 -3.53
N PHE B 37 -26.34 19.58 -3.64
CA PHE B 37 -25.05 19.17 -4.21
C PHE B 37 -25.23 19.11 -5.72
N LYS B 38 -24.85 20.19 -6.39
CA LYS B 38 -24.84 20.25 -7.84
C LYS B 38 -23.43 20.03 -8.37
N ALA B 39 -23.34 19.62 -9.63
CA ALA B 39 -22.05 19.46 -10.27
C ALA B 39 -21.35 20.81 -10.39
N GLY B 40 -20.06 20.83 -10.11
CA GLY B 40 -19.30 22.06 -10.18
C GLY B 40 -19.60 23.04 -9.07
N LYS B 41 -19.93 22.54 -7.88
CA LYS B 41 -20.23 23.38 -6.72
C LYS B 41 -19.19 23.12 -5.64
N LYS B 42 -18.82 24.17 -4.92
CA LYS B 42 -17.79 24.09 -3.90
C LYS B 42 -18.38 23.82 -2.52
N LEU B 43 -17.59 23.17 -1.66
CA LEU B 43 -18.08 22.77 -0.34
C LEU B 43 -18.39 23.98 0.55
N GLY B 44 -17.67 25.08 0.39
CA GLY B 44 -17.98 26.29 1.12
C GLY B 44 -19.38 26.81 0.81
N GLU B 45 -19.72 26.88 -0.47
CA GLU B 45 -21.07 27.27 -0.85
C GLU B 45 -22.10 26.32 -0.24
N ILE B 46 -21.75 25.05 -0.10
CA ILE B 46 -22.67 24.07 0.46
C ILE B 46 -22.91 24.33 1.94
N ASP B 47 -21.85 24.25 2.75
CA ASP B 47 -22.02 24.46 4.18
C ASP B 47 -22.60 25.84 4.50
N GLU B 48 -22.19 26.88 3.76
CA GLU B 48 -22.74 28.19 4.04
C GLU B 48 -24.23 28.24 3.73
N GLU B 49 -24.68 27.48 2.73
CA GLU B 49 -26.07 27.52 2.36
C GLU B 49 -26.96 26.59 3.18
N ILE B 50 -26.36 25.70 3.99
CA ILE B 50 -27.13 24.80 4.84
C ILE B 50 -27.13 25.25 6.30
N GLU B 51 -26.55 26.41 6.59
CA GLU B 51 -26.71 26.96 7.94
C GLU B 51 -28.18 27.27 8.22
N TYR B 52 -28.97 27.58 7.18
CA TYR B 52 -30.38 27.89 7.40
C TYR B 52 -31.17 26.63 7.75
N LEU B 53 -30.83 25.49 7.13
CA LEU B 53 -31.46 24.22 7.50
C LEU B 53 -31.12 23.78 8.91
N GLU B 54 -29.89 24.02 9.37
CA GLU B 54 -29.53 23.64 10.74
C GLU B 54 -30.31 24.41 11.80
N LYS B 55 -30.81 25.60 11.45
CA LYS B 55 -31.64 26.35 12.36
C LYS B 55 -33.05 25.81 12.41
N ILE B 56 -33.45 25.04 11.39
CA ILE B 56 -34.79 24.51 11.26
C ILE B 56 -34.87 23.05 11.67
N TYR B 57 -33.99 22.20 11.12
CA TYR B 57 -33.98 20.78 11.40
C TYR B 57 -32.86 20.44 12.38
N ASP B 58 -32.78 19.16 12.73
CA ASP B 58 -31.76 18.70 13.66
C ASP B 58 -30.38 18.82 13.01
N HIS B 59 -29.49 19.60 13.63
CA HIS B 59 -28.20 19.87 13.04
C HIS B 59 -27.35 18.61 12.89
N LYS B 60 -27.44 17.69 13.86
CA LYS B 60 -26.64 16.48 13.79
C LYS B 60 -27.03 15.65 12.56
N LEU B 61 -28.33 15.59 12.25
CA LEU B 61 -28.79 14.86 11.08
C LEU B 61 -28.35 15.53 9.79
N VAL B 62 -28.41 16.86 9.74
CA VAL B 62 -27.97 17.57 8.54
C VAL B 62 -26.48 17.33 8.30
N ARG B 63 -25.68 17.39 9.36
CA ARG B 63 -24.27 17.08 9.23
C ARG B 63 -24.06 15.65 8.75
N ALA B 64 -24.83 14.70 9.28
CA ALA B 64 -24.68 13.32 8.84
C ALA B 64 -24.94 13.19 7.35
N PHE B 65 -26.03 13.81 6.88
CA PHE B 65 -26.36 13.77 5.46
C PHE B 65 -25.25 14.36 4.60
N VAL B 66 -24.79 15.57 4.95
CA VAL B 66 -23.79 16.24 4.11
C VAL B 66 -22.47 15.49 4.18
N LYS B 67 -22.13 14.92 5.34
CA LYS B 67 -20.88 14.19 5.46
C LYS B 67 -20.88 12.94 4.58
N LEU B 68 -21.97 12.16 4.63
CA LEU B 68 -22.07 10.97 3.79
C LEU B 68 -22.04 11.34 2.30
N LEU B 69 -22.84 12.32 1.90
CA LEU B 69 -22.93 12.65 0.48
C LEU B 69 -21.62 13.20 -0.04
N THR B 70 -20.85 13.93 0.79
CA THR B 70 -19.50 14.30 0.39
C THR B 70 -18.58 13.09 0.31
N ARG B 71 -18.80 12.08 1.16
CA ARG B 71 -18.04 10.85 1.02
C ARG B 71 -18.35 10.13 -0.28
N LEU B 72 -19.53 10.36 -0.87
CA LEU B 72 -19.88 9.73 -2.15
C LEU B 72 -19.44 10.51 -3.39
N CYS B 73 -19.25 11.82 -3.30
CA CYS B 73 -19.02 12.61 -4.50
C CYS B 73 -17.62 12.39 -5.06
N GLU B 74 -17.41 12.88 -6.28
CA GLU B 74 -16.12 12.91 -6.95
C GLU B 74 -15.66 14.36 -7.05
N PHE B 75 -14.55 14.68 -6.38
CA PHE B 75 -14.08 16.05 -6.27
C PHE B 75 -12.97 16.35 -7.27
N GLU B 76 -12.90 17.62 -7.66
CA GLU B 76 -11.84 18.16 -8.49
C GLU B 76 -10.91 19.03 -7.64
N LEU B 77 -9.61 18.99 -7.95
CA LEU B 77 -8.65 19.83 -7.24
C LEU B 77 -9.00 21.31 -7.42
N ASP B 78 -8.88 21.79 -8.66
CA ASP B 78 -9.31 23.13 -9.08
C ASP B 78 -8.98 23.23 -10.56
N SER B 79 -9.41 24.33 -11.17
CA SER B 79 -9.15 24.57 -12.59
C SER B 79 -7.72 25.02 -12.90
N PRO B 80 -7.06 25.87 -12.09
CA PRO B 80 -5.68 26.22 -12.40
C PRO B 80 -4.76 25.04 -12.14
N ILE B 81 -3.80 24.86 -13.03
CA ILE B 81 -2.89 23.70 -12.94
C ILE B 81 -1.85 23.89 -11.83
N PRO B 82 -1.35 25.10 -11.52
CA PRO B 82 -0.45 25.23 -10.34
C PRO B 82 -1.19 25.60 -9.07
N PRO B 83 -1.74 24.64 -8.33
CA PRO B 83 -2.56 25.03 -7.17
C PRO B 83 -1.77 25.71 -6.05
N ILE B 84 -0.53 25.30 -5.81
CA ILE B 84 0.25 25.79 -4.67
C ILE B 84 1.32 26.80 -5.11
N GLN B 85 2.02 26.52 -6.22
CA GLN B 85 3.13 27.39 -6.63
C GLN B 85 2.72 28.85 -6.81
N ILE B 86 1.42 29.13 -6.92
CA ILE B 86 0.95 30.52 -6.98
C ILE B 86 1.49 31.29 -5.78
N ARG B 87 1.27 30.77 -4.58
CA ARG B 87 1.76 31.45 -3.38
C ARG B 87 3.28 31.36 -3.27
N ARG B 88 3.88 30.31 -3.86
CA ARG B 88 5.33 30.22 -3.92
C ARG B 88 5.93 31.46 -4.59
N GLU B 89 5.51 31.73 -5.82
CA GLU B 89 6.08 32.85 -6.56
C GLU B 89 5.43 34.20 -6.23
N LEU B 90 4.28 34.21 -5.58
CA LEU B 90 3.58 35.46 -5.31
C LEU B 90 3.92 36.06 -3.96
N PHE B 91 4.16 35.23 -2.93
CA PHE B 91 4.48 35.78 -1.62
C PHE B 91 5.93 36.21 -1.51
N LYS B 92 6.78 35.86 -2.47
CA LYS B 92 8.17 36.31 -2.45
C LYS B 92 8.30 37.80 -2.67
N TYR B 93 7.23 38.49 -3.07
CA TYR B 93 7.31 39.91 -3.39
C TYR B 93 6.95 40.78 -2.20
N GLY B 94 7.46 40.42 -1.02
CA GLY B 94 7.28 41.18 0.19
C GLY B 94 5.84 41.43 0.58
N PRO B 95 5.63 42.17 1.68
CA PRO B 95 4.27 42.57 2.03
C PRO B 95 3.88 43.80 1.22
N VAL B 96 2.81 43.67 0.44
CA VAL B 96 2.36 44.78 -0.39
C VAL B 96 1.54 45.73 0.48
N LEU B 97 1.72 47.03 0.27
CA LEU B 97 1.08 48.02 1.11
C LEU B 97 0.32 49.08 0.33
N ASP B 98 0.08 48.87 -0.96
CA ASP B 98 -0.68 49.82 -1.75
C ASP B 98 -1.46 49.05 -2.80
N GLU B 99 -2.70 49.49 -3.05
CA GLU B 99 -3.56 48.75 -3.96
C GLU B 99 -3.05 48.80 -5.39
N LYS B 100 -2.53 49.96 -5.82
CA LYS B 100 -1.93 50.04 -7.14
C LYS B 100 -0.76 49.06 -7.27
N GLU B 101 0.07 48.97 -6.24
CA GLU B 101 1.19 48.05 -6.27
C GLU B 101 0.72 46.60 -6.28
N ARG B 102 -0.36 46.30 -5.54
CA ARG B 102 -0.88 44.93 -5.53
C ARG B 102 -1.42 44.54 -6.90
N GLU B 103 -2.16 45.44 -7.56
CA GLU B 103 -2.64 45.14 -8.91
C GLU B 103 -1.47 45.00 -9.88
N ASP B 104 -0.43 45.82 -9.71
CA ASP B 104 0.76 45.65 -10.55
C ASP B 104 1.36 44.26 -10.36
N ILE B 105 1.42 43.79 -9.12
CA ILE B 105 2.01 42.48 -8.86
C ILE B 105 1.14 41.37 -9.44
N ILE B 106 -0.18 41.50 -9.32
CA ILE B 106 -1.04 40.44 -9.84
C ILE B 106 -1.01 40.42 -11.36
N GLN B 107 -0.86 41.58 -12.00
CA GLN B 107 -0.71 41.58 -13.45
C GLN B 107 0.62 41.00 -13.89
N LYS B 108 1.70 41.31 -13.15
CA LYS B 108 2.99 40.70 -13.47
C LYS B 108 2.93 39.19 -13.34
N VAL B 109 2.19 38.69 -12.35
CA VAL B 109 2.05 37.24 -12.17
C VAL B 109 1.18 36.64 -13.27
N SER B 110 0.05 37.30 -13.57
CA SER B 110 -0.82 36.84 -14.65
C SER B 110 -0.15 36.93 -16.01
N LYS B 111 0.96 37.66 -16.10
CA LYS B 111 1.82 37.60 -17.27
C LYS B 111 2.83 36.46 -17.18
N LYS B 112 3.35 36.18 -15.98
CA LYS B 112 4.42 35.21 -15.84
C LYS B 112 3.98 33.80 -16.20
N LEU B 113 2.70 33.46 -16.00
CA LEU B 113 2.21 32.17 -16.42
C LEU B 113 0.90 32.28 -17.20
N GLY B 114 0.03 33.20 -16.77
CA GLY B 114 -1.20 33.46 -17.48
C GLY B 114 -2.33 32.62 -16.94
N ALA B 115 -3.27 33.26 -16.25
CA ALA B 115 -4.39 32.58 -15.60
C ALA B 115 -5.24 33.64 -14.92
N ASP B 116 -6.41 33.23 -14.45
CA ASP B 116 -7.26 34.06 -13.61
C ASP B 116 -6.98 33.67 -12.16
N ILE B 117 -5.80 34.06 -11.69
CA ILE B 117 -5.31 33.63 -10.39
C ILE B 117 -5.68 34.64 -9.30
N MET B 118 -6.64 35.51 -9.60
CA MET B 118 -7.16 36.36 -8.54
C MET B 118 -8.21 35.63 -7.70
N ARG B 119 -8.88 34.63 -8.27
CA ARG B 119 -9.81 33.80 -7.52
C ARG B 119 -9.26 32.42 -7.17
N PHE B 120 -8.14 32.01 -7.78
CA PHE B 120 -7.65 30.64 -7.64
C PHE B 120 -6.45 30.57 -6.70
N VAL B 121 -6.31 31.55 -5.80
CA VAL B 121 -5.10 31.67 -4.99
C VAL B 121 -4.98 30.47 -4.05
N PHE B 122 -5.94 30.33 -3.15
CA PHE B 122 -5.93 29.24 -2.16
C PHE B 122 -6.89 28.16 -2.64
N SER B 123 -6.38 27.26 -3.46
CA SER B 123 -7.05 26.01 -3.77
C SER B 123 -6.34 24.92 -2.96
N ASP B 124 -6.66 23.66 -3.24
CA ASP B 124 -6.05 22.52 -2.54
C ASP B 124 -6.38 22.58 -1.05
N LEU B 125 -7.66 22.77 -0.75
CA LEU B 125 -8.17 22.75 0.61
C LEU B 125 -9.66 22.44 0.53
N ASP B 126 -10.25 22.15 1.69
CA ASP B 126 -11.59 21.58 1.73
C ASP B 126 -12.61 22.48 1.02
N GLU B 127 -12.73 23.74 1.46
CA GLU B 127 -13.85 24.56 1.04
C GLU B 127 -13.88 24.82 -0.47
N GLU B 128 -12.71 24.86 -1.12
CA GLU B 128 -12.65 25.28 -2.51
C GLU B 128 -12.71 24.13 -3.50
N LYS B 129 -12.86 22.89 -3.03
CA LYS B 129 -12.96 21.76 -3.95
C LYS B 129 -14.30 21.78 -4.69
N LYS B 130 -14.26 21.56 -6.00
CA LYS B 130 -15.45 21.53 -6.84
C LYS B 130 -15.90 20.10 -7.07
N ILE B 131 -17.03 19.97 -7.76
CA ILE B 131 -17.64 18.67 -8.05
C ILE B 131 -17.52 18.38 -9.54
N ILE B 132 -17.02 17.18 -9.87
CA ILE B 132 -16.93 16.76 -11.26
C ILE B 132 -18.27 16.20 -11.73
N LYS B 133 -18.88 15.33 -10.94
CA LYS B 133 -20.20 14.81 -11.24
C LYS B 133 -21.02 14.67 -9.95
N ALA B 134 -22.31 14.90 -10.07
CA ALA B 134 -23.21 14.65 -8.96
C ALA B 134 -23.42 13.15 -8.81
N PRO B 135 -23.14 12.56 -7.65
CA PRO B 135 -23.34 11.11 -7.49
C PRO B 135 -24.82 10.76 -7.52
N THR B 136 -25.16 9.75 -8.29
CA THR B 136 -26.55 9.32 -8.40
C THR B 136 -26.97 8.57 -7.14
N ILE B 137 -28.05 9.03 -6.51
CA ILE B 137 -28.57 8.42 -5.29
C ILE B 137 -29.97 8.97 -5.01
N SER B 138 -30.82 8.14 -4.41
CA SER B 138 -32.17 8.54 -4.03
C SER B 138 -32.23 8.77 -2.52
N ALA B 139 -33.34 9.36 -2.07
CA ALA B 139 -33.46 9.76 -0.67
C ALA B 139 -33.63 8.55 0.25
N GLU B 140 -34.40 7.55 -0.19
CA GLU B 140 -34.64 6.39 0.65
C GLU B 140 -33.36 5.59 0.91
N ASP B 141 -32.54 5.38 -0.13
CA ASP B 141 -31.25 4.73 0.09
C ASP B 141 -30.39 5.53 1.06
N LEU B 142 -30.48 6.86 0.99
CA LEU B 142 -29.69 7.70 1.89
C LEU B 142 -30.11 7.53 3.34
N ILE B 143 -31.42 7.51 3.60
CA ILE B 143 -31.84 7.34 4.99
C ILE B 143 -31.53 5.92 5.46
N ARG B 144 -31.60 4.92 4.57
CA ARG B 144 -31.24 3.56 4.96
C ARG B 144 -29.77 3.48 5.34
N TRP B 145 -28.89 4.10 4.55
CA TRP B 145 -27.46 4.04 4.86
C TRP B 145 -27.11 4.87 6.09
N TYR B 146 -27.82 5.99 6.32
CA TYR B 146 -27.64 6.70 7.59
C TYR B 146 -27.99 5.82 8.77
N ASN B 147 -29.13 5.13 8.70
CA ASN B 147 -29.55 4.29 9.82
C ASN B 147 -28.54 3.17 10.06
N LEU B 148 -28.07 2.54 8.99
CA LEU B 148 -27.07 1.48 9.12
C LEU B 148 -25.78 2.01 9.75
N SER B 149 -25.32 3.19 9.30
CA SER B 149 -24.11 3.79 9.87
C SER B 149 -24.29 4.15 11.35
N LEU B 150 -25.47 4.67 11.71
CA LEU B 150 -25.74 4.96 13.11
C LEU B 150 -25.66 3.70 13.95
N LEU B 151 -26.27 2.62 13.48
CA LEU B 151 -26.22 1.36 14.20
C LEU B 151 -24.78 0.87 14.35
N GLN B 152 -23.98 0.98 13.29
CA GLN B 152 -22.60 0.53 13.36
C GLN B 152 -21.78 1.40 14.33
N THR B 153 -22.05 2.70 14.34
CA THR B 153 -21.38 3.57 15.30
C THR B 153 -21.71 3.16 16.72
N LEU B 154 -22.98 2.80 16.98
CA LEU B 154 -23.35 2.30 18.30
C LEU B 154 -22.60 1.02 18.63
N LEU B 155 -22.63 0.03 17.72
CA LEU B 155 -22.00 -1.26 17.97
C LEU B 155 -20.49 -1.16 18.11
N PHE B 156 -19.89 -0.09 17.58
CA PHE B 156 -18.44 0.09 17.68
C PHE B 156 -17.96 0.19 19.12
N LYS B 157 -18.84 0.51 20.07
CA LYS B 157 -18.49 0.63 21.48
C LYS B 157 -18.89 -0.58 22.30
N ALA B 158 -19.42 -1.63 21.67
CA ALA B 158 -20.00 -2.77 22.38
C ALA B 158 -18.94 -3.65 23.03
N TYR B 159 -19.34 -4.32 24.12
CA TYR B 159 -18.49 -5.31 24.76
C TYR B 159 -18.76 -6.73 24.27
N LYS B 160 -20.02 -7.09 24.06
CA LYS B 160 -20.34 -8.37 23.43
C LYS B 160 -21.52 -8.17 22.49
N LEU B 161 -21.45 -8.82 21.34
CA LEU B 161 -22.53 -8.81 20.36
C LEU B 161 -23.09 -10.23 20.30
N THR B 162 -24.24 -10.43 20.96
CA THR B 162 -24.94 -11.71 20.92
C THR B 162 -25.90 -11.69 19.74
N VAL B 163 -25.76 -12.66 18.84
CA VAL B 163 -26.59 -12.76 17.65
C VAL B 163 -27.41 -14.04 17.76
N TYR B 164 -28.72 -13.92 17.54
CA TYR B 164 -29.64 -15.03 17.61
C TYR B 164 -29.93 -15.53 16.21
N VAL B 165 -29.72 -16.84 15.99
CA VAL B 165 -29.89 -17.43 14.67
C VAL B 165 -31.37 -17.65 14.39
N SER B 166 -31.75 -17.60 13.11
CA SER B 166 -33.12 -17.86 12.71
C SER B 166 -33.26 -19.12 11.86
N SER B 167 -32.63 -19.16 10.68
CA SER B 167 -32.63 -20.38 9.87
C SER B 167 -31.22 -20.83 9.54
N ASN B 168 -30.39 -19.89 9.07
CA ASN B 168 -29.04 -20.21 8.63
C ASN B 168 -28.09 -20.26 9.82
N TRP B 169 -27.38 -21.38 9.94
CA TRP B 169 -26.45 -21.62 11.04
C TRP B 169 -25.00 -21.68 10.58
N LYS B 170 -24.69 -22.57 9.64
CA LYS B 170 -23.31 -22.79 9.23
C LYS B 170 -22.72 -21.60 8.49
N GLU B 171 -23.55 -20.85 7.75
CA GLU B 171 -23.04 -19.76 6.93
C GLU B 171 -22.40 -18.69 7.80
N ILE B 172 -23.08 -18.29 8.87
CA ILE B 172 -22.58 -17.20 9.71
C ILE B 172 -21.38 -17.65 10.54
N ILE B 173 -21.32 -18.93 10.92
CA ILE B 173 -20.12 -19.37 11.64
C ILE B 173 -18.94 -19.50 10.71
N ARG B 174 -19.14 -19.86 9.44
CA ARG B 174 -18.03 -19.81 8.50
C ARG B 174 -17.57 -18.38 8.28
N ARG B 175 -18.51 -17.44 8.14
CA ARG B 175 -18.15 -16.03 8.06
C ARG B 175 -17.31 -15.60 9.25
N ALA B 176 -17.75 -15.94 10.47
CA ALA B 176 -17.01 -15.57 11.66
C ALA B 176 -15.62 -16.22 11.68
N LYS B 177 -15.51 -17.45 11.19
CA LYS B 177 -14.22 -18.12 11.17
C LYS B 177 -13.25 -17.43 10.23
N TRP B 178 -13.68 -17.13 9.00
CA TRP B 178 -12.78 -16.41 8.10
C TRP B 178 -13.03 -14.91 8.11
N LEU B 179 -13.45 -14.36 9.25
CA LEU B 179 -13.30 -12.94 9.54
C LEU B 179 -12.51 -12.72 10.84
N GLY B 180 -11.93 -13.78 11.40
CA GLY B 180 -11.08 -13.66 12.56
C GLY B 180 -11.81 -13.35 13.85
N LEU B 181 -13.13 -13.29 13.82
CA LEU B 181 -13.90 -12.80 14.95
C LEU B 181 -13.73 -13.72 16.15
N MET B 182 -13.93 -13.14 17.33
CA MET B 182 -13.85 -13.89 18.59
C MET B 182 -15.26 -14.25 19.02
N TYR B 183 -15.54 -15.55 19.07
CA TYR B 183 -16.90 -16.02 19.30
C TYR B 183 -16.94 -17.02 20.44
N PHE B 184 -18.10 -17.11 21.07
CA PHE B 184 -18.47 -18.22 21.92
C PHE B 184 -19.82 -18.73 21.45
N ALA B 185 -19.90 -20.03 21.20
CA ALA B 185 -21.11 -20.65 20.67
C ALA B 185 -21.84 -21.30 21.83
N TYR B 186 -22.97 -20.72 22.21
CA TYR B 186 -23.80 -21.25 23.28
C TYR B 186 -25.12 -21.73 22.71
N ASP B 187 -25.70 -22.76 23.35
CA ASP B 187 -26.92 -23.39 22.86
C ASP B 187 -28.01 -23.37 23.92
N LYS B 188 -28.09 -22.31 24.71
CA LYS B 188 -29.27 -22.23 25.55
C LYS B 188 -30.42 -21.76 24.67
N PRO B 189 -30.35 -20.61 23.99
CA PRO B 189 -31.25 -20.36 22.84
C PRO B 189 -30.61 -20.61 21.48
N LEU B 190 -29.43 -21.24 21.41
CA LEU B 190 -28.64 -21.39 20.18
C LEU B 190 -28.21 -20.03 19.62
N ARG B 191 -27.33 -19.37 20.37
CA ARG B 191 -26.84 -18.04 20.07
C ARG B 191 -25.32 -18.04 19.88
N PHE B 192 -24.80 -16.96 19.29
CA PHE B 192 -23.36 -16.71 19.23
C PHE B 192 -23.07 -15.41 19.96
N GLU B 193 -22.12 -15.48 20.91
CA GLU B 193 -21.68 -14.31 21.66
C GLU B 193 -20.32 -13.90 21.12
N PHE B 194 -20.29 -12.82 20.35
CA PHE B 194 -19.06 -12.30 19.77
C PHE B 194 -18.48 -11.25 20.70
N LEU B 195 -17.19 -11.37 21.00
CA LEU B 195 -16.52 -10.33 21.78
C LEU B 195 -16.52 -9.03 21.00
N GLY B 196 -16.85 -7.95 21.68
CA GLY B 196 -16.93 -6.66 21.05
C GLY B 196 -15.57 -5.98 20.97
N PRO B 197 -15.51 -4.86 20.26
CA PRO B 197 -14.24 -4.14 20.13
C PRO B 197 -13.64 -3.69 21.46
N ALA B 198 -14.44 -3.53 22.50
CA ALA B 198 -13.93 -3.07 23.78
C ALA B 198 -13.05 -4.09 24.51
N THR B 199 -12.80 -5.26 23.92
CA THR B 199 -11.93 -6.26 24.53
C THR B 199 -10.51 -6.20 24.01
N LEU B 200 -10.21 -5.24 23.14
CA LEU B 200 -8.89 -5.09 22.55
C LEU B 200 -8.16 -3.92 23.20
N VAL B 201 -6.86 -4.09 23.45
CA VAL B 201 -6.08 -3.02 24.08
C VAL B 201 -5.85 -1.89 23.07
N LYS B 202 -5.09 -2.15 22.01
CA LYS B 202 -5.05 -1.26 20.84
C LYS B 202 -5.03 -2.16 19.59
N LEU B 203 -6.20 -2.65 19.20
CA LEU B 203 -6.37 -3.26 17.90
C LEU B 203 -7.77 -2.98 17.35
N THR B 204 -8.55 -2.12 18.02
CA THR B 204 -10.00 -2.15 17.93
C THR B 204 -10.52 -1.89 16.52
N GLU B 205 -9.75 -1.18 15.69
CA GLU B 205 -10.32 -0.64 14.46
C GLU B 205 -10.63 -1.75 13.45
N LYS B 206 -9.62 -2.57 13.11
CA LYS B 206 -9.85 -3.63 12.14
C LYS B 206 -10.92 -4.61 12.63
N TYR B 207 -10.94 -4.89 13.92
CA TYR B 207 -11.89 -5.86 14.45
C TYR B 207 -13.30 -5.31 14.41
N GLY B 208 -13.48 -4.03 14.75
CA GLY B 208 -14.81 -3.43 14.64
C GLY B 208 -15.29 -3.34 13.21
N ARG B 209 -14.38 -3.06 12.28
CA ARG B 209 -14.79 -3.00 10.86
C ARG B 209 -15.18 -4.38 10.34
N ASN B 210 -14.44 -5.42 10.72
CA ASN B 210 -14.81 -6.76 10.30
C ASN B 210 -16.12 -7.19 10.95
N LEU B 211 -16.32 -6.82 12.21
CA LEU B 211 -17.59 -7.12 12.87
C LEU B 211 -18.74 -6.40 12.17
N ALA B 212 -18.47 -5.19 11.65
CA ALA B 212 -19.49 -4.49 10.87
C ALA B 212 -19.78 -5.18 9.55
N VAL B 213 -18.75 -5.77 8.91
CA VAL B 213 -18.99 -6.56 7.71
C VAL B 213 -19.92 -7.73 8.02
N LEU B 214 -19.63 -8.45 9.10
CA LEU B 214 -20.51 -9.54 9.49
C LEU B 214 -21.91 -9.02 9.80
N LEU B 215 -22.00 -7.81 10.36
CA LEU B 215 -23.30 -7.21 10.65
C LEU B 215 -24.10 -6.97 9.38
N GLN B 216 -23.49 -6.31 8.40
CA GLN B 216 -24.21 -6.06 7.15
C GLN B 216 -24.57 -7.35 6.45
N PHE B 217 -23.80 -8.42 6.68
CA PHE B 217 -24.23 -9.74 6.21
C PHE B 217 -25.46 -10.24 6.97
N ILE B 218 -25.48 -10.06 8.29
CA ILE B 218 -26.59 -10.53 9.12
C ILE B 218 -27.88 -9.79 8.77
N ILE B 219 -27.77 -8.56 8.27
CA ILE B 219 -28.98 -7.77 8.06
C ILE B 219 -29.81 -8.33 6.91
N SER B 220 -29.17 -8.90 5.90
CA SER B 220 -29.87 -9.69 4.88
C SER B 220 -30.12 -11.07 5.44
N SER B 221 -31.33 -11.30 5.95
CA SER B 221 -31.69 -12.56 6.59
C SER B 221 -33.21 -12.62 6.71
N GLN B 222 -33.70 -13.72 7.27
CA GLN B 222 -35.11 -13.81 7.63
C GLN B 222 -35.41 -12.90 8.83
N ASN B 223 -34.80 -13.20 9.96
CA ASN B 223 -34.86 -12.37 11.15
C ASN B 223 -33.46 -12.32 11.75
N TRP B 224 -33.18 -11.24 12.47
CA TRP B 224 -31.87 -11.07 13.12
C TRP B 224 -32.07 -10.43 14.48
N LYS B 225 -32.26 -11.26 15.50
CA LYS B 225 -32.34 -10.79 16.87
C LYS B 225 -30.91 -10.63 17.40
N ILE B 226 -30.55 -9.42 17.79
CA ILE B 226 -29.24 -9.15 18.35
C ILE B 226 -29.42 -8.35 19.64
N GLU B 227 -28.61 -8.69 20.65
CA GLU B 227 -28.65 -8.05 21.96
C GLU B 227 -27.20 -7.65 22.25
N ALA B 228 -26.83 -6.46 21.78
CA ALA B 228 -25.47 -5.95 21.92
C ALA B 228 -25.34 -5.24 23.26
N GLU B 229 -24.38 -5.69 24.08
CA GLU B 229 -24.10 -5.07 25.36
C GLU B 229 -23.05 -3.98 25.15
N LEU B 230 -23.47 -2.72 25.26
CA LEU B 230 -22.63 -1.58 24.91
C LEU B 230 -21.91 -1.02 26.13
N VAL B 231 -20.80 -0.34 25.86
CA VAL B 231 -19.97 0.34 26.86
C VAL B 231 -19.87 1.80 26.44
N LEU B 232 -20.61 2.67 27.12
CA LEU B 232 -20.66 4.08 26.75
C LEU B 232 -20.12 4.96 27.87
N GLY B 233 -19.59 6.12 27.49
CA GLY B 233 -19.06 7.06 28.45
C GLY B 233 -17.67 7.56 28.12
N LYS B 234 -17.49 8.88 28.14
CA LYS B 234 -16.18 9.48 27.90
C LYS B 234 -15.44 9.72 29.20
N LYS B 235 -16.15 10.12 30.26
CA LYS B 235 -15.55 10.31 31.57
C LYS B 235 -15.56 9.00 32.36
N PHE B 236 -16.73 8.40 32.53
CA PHE B 236 -16.85 7.06 33.09
C PHE B 236 -17.82 6.22 32.27
N LYS B 237 -17.50 4.94 32.17
CA LYS B 237 -18.15 4.02 31.23
C LYS B 237 -19.15 3.14 31.95
N ARG B 238 -20.41 3.25 31.56
CA ARG B 238 -21.47 2.39 32.03
C ARG B 238 -21.87 1.42 30.93
N VAL B 239 -22.37 0.26 31.35
CA VAL B 239 -22.76 -0.80 30.42
C VAL B 239 -24.26 -0.73 30.20
N TYR B 240 -24.67 -0.86 28.93
CA TYR B 240 -26.06 -0.77 28.55
C TYR B 240 -26.41 -1.94 27.63
N LYS B 241 -27.66 -1.99 27.22
CA LYS B 241 -28.14 -3.03 26.30
C LYS B 241 -28.78 -2.37 25.10
N LEU B 242 -28.64 -3.02 23.94
CA LEU B 242 -29.22 -2.52 22.69
C LEU B 242 -29.82 -3.74 21.98
N LYS B 243 -31.12 -3.91 22.13
CA LYS B 243 -31.85 -4.97 21.45
C LYS B 243 -32.41 -4.44 20.14
N LEU B 244 -32.43 -5.31 19.12
CA LEU B 244 -33.02 -4.93 17.83
C LEU B 244 -33.21 -6.18 16.99
N ALA B 245 -34.33 -6.23 16.26
CA ALA B 245 -34.63 -7.37 15.40
C ALA B 245 -35.61 -6.94 14.32
N ASN B 246 -35.50 -7.61 13.17
CA ASN B 246 -36.43 -7.49 12.04
C ASN B 246 -36.53 -6.06 11.51
N PHE B 247 -35.55 -5.22 11.81
CA PHE B 247 -35.53 -3.83 11.34
C PHE B 247 -35.12 -3.84 9.88
N LYS B 248 -36.11 -4.07 9.01
CA LYS B 248 -35.88 -4.14 7.57
C LYS B 248 -35.93 -2.76 6.93
N GLU B 249 -35.15 -1.84 7.50
CA GLU B 249 -35.03 -0.46 7.04
C GLU B 249 -33.57 -0.10 6.81
N LEU B 250 -32.79 -1.07 6.33
CA LEU B 250 -31.35 -0.92 6.14
C LEU B 250 -30.97 -1.21 4.69
N LYS B 251 -29.68 -1.02 4.39
CA LYS B 251 -29.20 -1.00 3.02
C LYS B 251 -28.79 -2.41 2.59
N GLU B 252 -29.21 -2.81 1.38
CA GLU B 252 -28.94 -4.13 0.84
C GLU B 252 -27.88 -4.06 -0.26
N LEU B 253 -26.85 -3.25 -0.03
CA LEU B 253 -25.87 -2.90 -1.05
C LEU B 253 -24.72 -3.91 -1.05
N VAL B 254 -23.60 -3.53 -1.69
CA VAL B 254 -22.47 -4.42 -1.91
C VAL B 254 -22.06 -5.10 -0.61
N ILE B 255 -21.72 -6.38 -0.72
CA ILE B 255 -21.40 -7.23 0.43
C ILE B 255 -19.91 -7.46 0.58
N ASP B 256 -19.09 -6.91 -0.33
CA ASP B 256 -17.64 -7.14 -0.35
C ASP B 256 -17.33 -8.63 -0.52
N GLU B 257 -17.73 -9.14 -1.68
CA GLU B 257 -17.66 -10.57 -2.03
C GLU B 257 -16.40 -11.27 -1.55
N LYS B 258 -15.25 -10.60 -1.62
CA LYS B 258 -13.98 -11.20 -1.20
C LYS B 258 -13.24 -10.27 -0.24
N ARG B 259 -13.57 -10.37 1.04
CA ARG B 259 -12.83 -9.70 2.11
C ARG B 259 -11.77 -10.60 2.71
N PHE B 260 -12.07 -11.87 2.91
CA PHE B 260 -11.09 -12.84 3.40
C PHE B 260 -11.49 -14.22 2.89
N ASP B 261 -10.64 -14.80 2.05
CA ASP B 261 -10.91 -16.06 1.39
C ASP B 261 -10.33 -17.27 2.12
N SER B 262 -9.94 -17.10 3.39
CA SER B 262 -9.45 -18.19 4.23
C SER B 262 -8.28 -18.93 3.57
N SER B 263 -7.28 -18.15 3.14
CA SER B 263 -6.10 -18.74 2.54
C SER B 263 -5.34 -19.59 3.55
N VAL B 264 -5.39 -19.21 4.83
CA VAL B 264 -4.69 -19.96 5.86
C VAL B 264 -5.33 -21.33 6.03
N GLU B 265 -6.66 -21.40 6.00
CA GLU B 265 -7.36 -22.67 6.19
C GLU B 265 -7.09 -23.62 5.03
N GLU B 266 -7.19 -23.14 3.79
CA GLU B 266 -6.92 -24.00 2.64
C GLU B 266 -5.45 -24.38 2.57
N LYS B 267 -4.55 -23.47 2.94
CA LYS B 267 -3.14 -23.80 2.99
C LYS B 267 -2.87 -24.92 4.00
N PHE B 268 -3.47 -24.80 5.19
CA PHE B 268 -3.32 -25.86 6.19
C PHE B 268 -3.97 -27.16 5.72
N TYR B 269 -5.10 -27.07 5.02
CA TYR B 269 -5.76 -28.27 4.52
C TYR B 269 -4.89 -29.02 3.51
N LYS B 270 -4.43 -28.31 2.47
CA LYS B 270 -3.60 -28.94 1.45
C LYS B 270 -2.21 -29.29 1.97
N ASP B 271 -1.78 -28.68 3.09
CA ASP B 271 -0.49 -29.04 3.68
C ASP B 271 -0.60 -30.29 4.53
N PHE B 272 -1.67 -30.38 5.33
CA PHE B 272 -1.89 -31.53 6.20
C PHE B 272 -2.22 -32.77 5.37
N THR B 273 -3.05 -32.61 4.32
CA THR B 273 -3.49 -33.76 3.54
C THR B 273 -2.36 -34.36 2.72
N ASN B 274 -1.36 -33.57 2.32
CA ASN B 274 -0.32 -34.05 1.42
C ASN B 274 1.06 -34.07 2.06
N VAL B 275 1.15 -34.31 3.36
CA VAL B 275 2.46 -34.45 3.99
C VAL B 275 2.55 -35.75 4.79
N ILE B 276 1.43 -36.27 5.28
CA ILE B 276 1.41 -37.56 5.94
C ILE B 276 0.02 -38.16 5.82
N LYS B 277 -0.02 -39.49 5.67
CA LYS B 277 -1.27 -40.24 5.54
C LYS B 277 -1.53 -41.12 6.76
N GLY B 278 -0.99 -40.75 7.91
CA GLY B 278 -1.22 -41.51 9.13
C GLY B 278 -2.28 -40.87 10.01
N TRP B 279 -2.46 -39.56 9.88
CA TRP B 279 -3.43 -38.81 10.65
C TRP B 279 -4.58 -38.39 9.73
N LYS B 280 -5.80 -38.52 10.23
CA LYS B 280 -6.97 -38.18 9.44
C LYS B 280 -7.29 -36.68 9.56
N ILE B 281 -8.19 -36.23 8.70
CA ILE B 281 -8.63 -34.83 8.66
C ILE B 281 -10.10 -34.80 8.30
N ILE B 282 -10.85 -33.90 8.94
CA ILE B 282 -12.27 -33.71 8.66
C ILE B 282 -12.48 -32.24 8.29
N ARG B 283 -13.32 -32.00 7.28
CA ARG B 283 -13.51 -30.65 6.75
C ARG B 283 -14.03 -29.71 7.83
N GLU B 284 -15.23 -29.98 8.35
CA GLU B 284 -15.74 -29.30 9.53
C GLU B 284 -16.59 -30.30 10.30
N PRO B 285 -16.02 -30.94 11.33
CA PRO B 285 -16.78 -31.92 12.10
C PRO B 285 -17.98 -31.24 12.75
N GLU B 286 -18.99 -32.04 13.08
CA GLU B 286 -20.14 -31.47 13.77
C GLU B 286 -19.70 -30.91 15.12
N PRO B 287 -20.19 -29.73 15.50
CA PRO B 287 -19.73 -29.11 16.74
C PRO B 287 -20.02 -29.98 17.95
N LEU B 288 -19.06 -30.01 18.88
CA LEU B 288 -19.17 -30.79 20.10
C LEU B 288 -19.90 -29.95 21.15
N VAL B 289 -21.07 -30.42 21.57
CA VAL B 289 -21.89 -29.71 22.54
C VAL B 289 -21.60 -30.28 23.92
N VAL B 290 -21.37 -29.38 24.89
CA VAL B 290 -21.14 -29.80 26.28
C VAL B 290 -21.90 -28.85 27.19
N ASP B 291 -23.01 -29.34 27.74
CA ASP B 291 -23.83 -28.61 28.70
C ASP B 291 -24.25 -27.24 28.14
N ASN B 292 -24.94 -27.28 27.01
CA ASN B 292 -25.46 -26.13 26.28
C ASN B 292 -24.36 -25.25 25.68
N ARG B 293 -23.09 -25.57 25.89
CA ARG B 293 -21.98 -24.76 25.39
C ARG B 293 -21.43 -25.44 24.14
N VAL B 294 -21.52 -24.78 23.00
CA VAL B 294 -21.13 -25.34 21.72
C VAL B 294 -19.68 -24.99 21.43
N PHE B 295 -18.89 -26.00 21.07
CA PHE B 295 -17.50 -25.83 20.67
C PHE B 295 -17.40 -26.18 19.18
N ILE B 296 -16.96 -25.23 18.37
CA ILE B 296 -16.88 -25.47 16.94
C ILE B 296 -15.41 -25.48 16.52
N PRO B 297 -14.77 -26.64 16.47
CA PRO B 297 -13.41 -26.71 15.94
C PRO B 297 -13.44 -26.64 14.43
N ASP B 298 -12.25 -26.52 13.84
CA ASP B 298 -12.15 -26.44 12.39
C ASP B 298 -11.85 -27.79 11.75
N PHE B 299 -10.98 -28.58 12.37
CA PHE B 299 -10.58 -29.86 11.81
C PHE B 299 -10.47 -30.88 12.93
N LEU B 300 -10.82 -32.12 12.61
CA LEU B 300 -10.59 -33.25 13.50
C LEU B 300 -9.46 -34.08 12.94
N VAL B 301 -8.54 -34.49 13.80
CA VAL B 301 -7.39 -35.27 13.42
C VAL B 301 -7.36 -36.50 14.31
N GLU B 302 -7.71 -37.65 13.74
CA GLU B 302 -7.80 -38.90 14.48
C GLU B 302 -7.04 -39.99 13.75
N LYS B 303 -6.16 -40.68 14.48
CA LYS B 303 -5.40 -41.80 13.95
C LYS B 303 -5.56 -42.96 14.95
N GLY B 304 -6.62 -43.75 14.77
CA GLY B 304 -6.90 -44.86 15.66
C GLY B 304 -7.62 -44.47 16.93
N ASN B 305 -6.91 -44.48 18.05
CA ASN B 305 -7.48 -44.15 19.36
C ASN B 305 -6.89 -42.86 19.92
N LEU B 306 -6.70 -41.86 19.05
CA LEU B 306 -6.20 -40.55 19.47
C LEU B 306 -6.78 -39.51 18.52
N LYS B 307 -7.85 -38.85 18.95
CA LYS B 307 -8.54 -37.85 18.15
C LYS B 307 -8.38 -36.48 18.79
N VAL B 308 -7.99 -35.49 17.98
CA VAL B 308 -7.79 -34.13 18.46
C VAL B 308 -8.61 -33.17 17.61
N TYR B 309 -9.11 -32.12 18.24
CA TYR B 309 -9.86 -31.06 17.59
C TYR B 309 -8.95 -29.84 17.53
N VAL B 310 -8.50 -29.49 16.34
CA VAL B 310 -7.63 -28.33 16.13
C VAL B 310 -8.47 -27.15 15.68
N GLU B 311 -8.15 -25.97 16.18
CA GLU B 311 -8.89 -24.76 15.86
C GLU B 311 -7.90 -23.62 15.68
N ILE B 312 -8.03 -22.89 14.57
CA ILE B 312 -7.16 -21.76 14.30
C ILE B 312 -7.87 -20.49 14.77
N VAL B 313 -7.10 -19.54 15.29
CA VAL B 313 -7.66 -18.35 15.90
C VAL B 313 -7.09 -17.12 15.21
N GLY B 314 -7.97 -16.15 14.92
CA GLY B 314 -7.57 -14.87 14.37
C GLY B 314 -7.30 -13.85 15.46
N PHE B 315 -8.13 -12.81 15.54
CA PHE B 315 -7.99 -11.82 16.60
C PHE B 315 -8.02 -12.49 17.96
N TRP B 316 -7.13 -12.09 18.86
CA TRP B 316 -7.01 -12.80 20.11
C TRP B 316 -6.40 -11.91 21.18
N THR B 317 -6.76 -12.21 22.43
CA THR B 317 -6.20 -11.61 23.64
C THR B 317 -5.79 -12.72 24.58
N LYS B 318 -5.17 -12.34 25.71
CA LYS B 318 -4.86 -13.34 26.73
C LYS B 318 -6.12 -13.85 27.41
N GLU B 319 -7.03 -12.94 27.76
CA GLU B 319 -8.27 -13.33 28.43
C GLU B 319 -9.09 -14.26 27.55
N TYR B 320 -9.13 -13.98 26.24
CA TYR B 320 -9.93 -14.79 25.32
C TYR B 320 -9.43 -16.24 25.30
N ILE B 321 -8.13 -16.42 25.12
CA ILE B 321 -7.58 -17.77 25.02
C ILE B 321 -7.67 -18.50 26.36
N LYS B 322 -7.43 -17.80 27.46
CA LYS B 322 -7.60 -18.42 28.77
C LYS B 322 -9.04 -18.92 28.94
N GLU B 323 -10.02 -18.10 28.58
CA GLU B 323 -11.42 -18.50 28.74
C GLU B 323 -11.79 -19.65 27.81
N LYS B 324 -11.27 -19.62 26.58
CA LYS B 324 -11.59 -20.69 25.64
C LYS B 324 -11.01 -22.02 26.08
N LEU B 325 -9.77 -22.02 26.59
CA LEU B 325 -9.20 -23.25 27.11
C LEU B 325 -9.94 -23.72 28.36
N ASP B 326 -10.34 -22.79 29.23
CA ASP B 326 -11.09 -23.20 30.42
C ASP B 326 -12.42 -23.83 30.04
N LYS B 327 -13.07 -23.31 28.99
CA LYS B 327 -14.33 -23.88 28.55
C LYS B 327 -14.12 -25.24 27.89
N LEU B 328 -13.15 -25.34 26.99
CA LEU B 328 -12.85 -26.57 26.29
C LEU B 328 -12.12 -27.60 27.13
N LYS B 329 -11.77 -27.27 28.38
CA LYS B 329 -11.20 -28.28 29.27
C LYS B 329 -12.15 -29.43 29.54
N LYS B 330 -13.40 -29.34 29.08
CA LYS B 330 -14.42 -30.36 29.23
C LYS B 330 -14.99 -30.73 27.87
N VAL B 331 -14.10 -31.00 26.92
CA VAL B 331 -14.49 -31.37 25.56
C VAL B 331 -14.05 -32.79 25.22
N LYS B 332 -13.35 -33.47 26.14
CA LYS B 332 -12.83 -34.84 26.03
C LYS B 332 -11.94 -35.05 24.81
N TYR B 333 -11.53 -33.98 24.13
CA TYR B 333 -10.59 -34.05 23.02
C TYR B 333 -9.41 -33.14 23.32
N PRO B 334 -8.18 -33.57 23.10
CA PRO B 334 -7.06 -32.63 23.20
C PRO B 334 -7.25 -31.52 22.18
N ILE B 335 -7.43 -30.30 22.68
CA ILE B 335 -7.72 -29.15 21.83
C ILE B 335 -6.41 -28.50 21.42
N LEU B 336 -6.23 -28.29 20.12
CA LEU B 336 -5.04 -27.62 19.60
C LEU B 336 -5.44 -26.25 19.05
N ILE B 337 -4.69 -25.22 19.43
CA ILE B 337 -5.00 -23.85 19.08
C ILE B 337 -3.83 -23.28 18.29
N LEU B 338 -4.13 -22.49 17.25
CA LEU B 338 -3.12 -21.88 16.40
C LEU B 338 -3.28 -20.36 16.46
N LEU B 339 -2.33 -19.67 17.10
CA LEU B 339 -2.40 -18.24 17.33
C LEU B 339 -1.65 -17.45 16.27
N ASN B 340 -2.26 -16.35 15.85
CA ASN B 340 -1.61 -15.36 14.99
C ASN B 340 -0.95 -14.29 15.85
N GLU B 341 0.12 -13.69 15.33
CA GLU B 341 0.87 -12.68 16.08
C GLU B 341 0.14 -11.34 15.97
N GLU B 342 -0.86 -11.16 16.85
CA GLU B 342 -1.68 -9.95 16.80
C GLU B 342 -2.01 -9.41 18.18
N LEU B 343 -1.17 -9.69 19.17
CA LEU B 343 -1.30 -9.15 20.52
C LEU B 343 0.02 -9.43 21.25
N GLY B 344 0.04 -9.19 22.56
CA GLY B 344 1.19 -9.57 23.35
C GLY B 344 1.40 -11.07 23.29
N LYS B 345 2.51 -11.50 22.72
CA LYS B 345 2.78 -12.93 22.52
C LYS B 345 2.84 -13.66 23.85
N GLU B 346 2.14 -14.79 23.93
CA GLU B 346 2.08 -15.61 25.13
C GLU B 346 2.39 -17.07 24.79
N LYS B 347 2.84 -17.80 25.81
CA LYS B 347 3.18 -19.21 25.66
C LYS B 347 2.58 -20.08 26.76
N PHE B 348 1.67 -19.55 27.56
CA PHE B 348 1.06 -20.33 28.63
C PHE B 348 0.23 -21.47 28.06
N ASN B 349 0.23 -22.60 28.79
CA ASN B 349 -0.46 -23.83 28.37
C ASN B 349 0.01 -24.27 26.98
N GLY B 350 1.33 -24.45 26.85
CA GLY B 350 1.93 -24.83 25.59
C GLY B 350 1.45 -26.17 25.05
N MET B 351 0.90 -27.02 25.92
CA MET B 351 0.38 -28.32 25.52
C MET B 351 -0.99 -28.22 24.87
N ASN B 352 -1.46 -27.01 24.57
CA ASN B 352 -2.75 -26.81 23.91
C ASN B 352 -2.72 -25.81 22.76
N VAL B 353 -1.70 -24.95 22.68
CA VAL B 353 -1.69 -23.84 21.74
C VAL B 353 -0.29 -23.68 21.15
N ILE B 354 -0.24 -23.35 19.85
CA ILE B 354 0.99 -23.04 19.12
C ILE B 354 0.75 -21.76 18.33
N THR B 355 1.81 -20.98 18.15
CA THR B 355 1.72 -19.72 17.44
C THR B 355 2.43 -19.78 16.10
N TYR B 356 2.02 -18.89 15.20
CA TYR B 356 2.63 -18.74 13.88
C TYR B 356 2.62 -17.26 13.52
N LYS B 357 3.17 -16.92 12.35
CA LYS B 357 3.27 -15.53 11.92
C LYS B 357 2.44 -15.22 10.68
N ARG B 358 2.69 -15.92 9.57
CA ARG B 358 1.97 -15.66 8.33
C ARG B 358 1.18 -16.86 7.84
N LYS B 359 1.80 -18.03 7.78
CA LYS B 359 1.12 -19.28 7.45
C LYS B 359 1.40 -20.29 8.55
N ILE B 360 0.74 -21.45 8.46
CA ILE B 360 0.88 -22.50 9.45
C ILE B 360 2.01 -23.45 9.05
N ASP B 361 2.95 -23.66 9.96
CA ASP B 361 4.09 -24.56 9.73
C ASP B 361 3.65 -25.98 10.08
N ILE B 362 3.42 -26.81 9.06
CA ILE B 362 2.95 -28.17 9.26
C ILE B 362 3.95 -28.97 10.09
N SER B 363 5.21 -28.56 10.09
CA SER B 363 6.23 -29.25 10.88
C SER B 363 5.93 -29.15 12.37
N LEU B 364 5.56 -27.95 12.83
CA LEU B 364 5.21 -27.78 14.23
C LEU B 364 3.98 -28.60 14.59
N VAL B 365 3.01 -28.68 13.68
CA VAL B 365 1.80 -29.45 13.95
C VAL B 365 2.14 -30.92 14.11
N TYR B 366 3.03 -31.45 13.26
CA TYR B 366 3.41 -32.84 13.40
C TYR B 366 4.29 -33.09 14.62
N LYS B 367 5.14 -32.15 14.99
CA LYS B 367 5.92 -32.32 16.21
C LYS B 367 5.00 -32.35 17.43
N TRP B 368 3.96 -31.52 17.43
CA TRP B 368 3.01 -31.53 18.55
C TRP B 368 2.17 -32.81 18.54
N LEU B 369 1.81 -33.30 17.35
CA LEU B 369 1.10 -34.56 17.28
C LEU B 369 1.98 -35.74 17.70
N ARG B 370 3.30 -35.60 17.57
CA ARG B 370 4.22 -36.63 18.07
C ARG B 370 4.52 -36.44 19.55
N GLU B 371 4.26 -35.26 20.11
CA GLU B 371 4.36 -35.08 21.55
C GLU B 371 3.29 -35.85 22.30
N LEU B 372 2.19 -36.19 21.64
CA LEU B 372 1.13 -37.00 22.23
C LEU B 372 0.82 -38.19 21.34
N GLU B 373 1.85 -38.95 21.00
CA GLU B 373 1.74 -40.09 20.09
C GLU B 373 0.69 -41.10 20.52
N GLY C 1 53.02 -25.77 -15.42
CA GLY C 1 52.24 -24.59 -15.74
C GLY C 1 51.17 -24.31 -14.71
N SER C 2 50.23 -23.43 -15.07
CA SER C 2 49.15 -23.05 -14.17
C SER C 2 48.05 -22.38 -14.98
N VAL C 3 46.83 -22.89 -14.87
CA VAL C 3 45.69 -22.33 -15.57
C VAL C 3 44.46 -22.47 -14.68
N TYR C 4 43.65 -21.43 -14.64
CA TYR C 4 42.48 -21.34 -13.77
C TYR C 4 41.22 -21.08 -14.58
N LEU C 5 40.16 -21.83 -14.30
CA LEU C 5 38.85 -21.58 -14.88
C LEU C 5 38.02 -20.81 -13.87
N ARG C 6 37.40 -19.71 -14.32
CA ARG C 6 36.62 -18.85 -13.44
C ARG C 6 35.29 -18.48 -14.07
N TYR C 7 34.37 -18.02 -13.23
CA TYR C 7 33.03 -17.64 -13.64
C TYR C 7 32.77 -16.17 -13.34
N PHE C 8 31.95 -15.54 -14.18
CA PHE C 8 31.60 -14.13 -13.97
C PHE C 8 30.31 -13.81 -14.71
N LYS C 9 29.25 -13.52 -13.95
CA LYS C 9 28.01 -12.92 -14.45
C LYS C 9 27.52 -13.61 -15.73
N GLY C 10 27.42 -14.93 -15.67
CA GLY C 10 26.88 -15.71 -16.77
C GLY C 10 27.88 -16.18 -17.80
N LEU C 11 29.17 -15.98 -17.57
CA LEU C 11 30.20 -16.33 -18.55
C LEU C 11 31.31 -17.12 -17.90
N ILE C 12 31.95 -17.97 -18.70
CA ILE C 12 33.11 -18.77 -18.29
C ILE C 12 34.36 -18.15 -18.89
N LEU C 13 35.45 -18.20 -18.13
CA LEU C 13 36.71 -17.60 -18.54
C LEU C 13 37.85 -18.55 -18.23
N SER C 14 38.78 -18.68 -19.17
CA SER C 14 39.95 -19.53 -18.98
C SER C 14 41.05 -19.01 -19.88
N ASP C 15 42.20 -19.70 -19.85
CA ASP C 15 43.36 -19.30 -20.62
C ASP C 15 43.45 -20.03 -21.96
N ALA C 16 43.41 -21.35 -21.93
CA ALA C 16 43.56 -22.13 -23.17
C ALA C 16 42.32 -22.00 -24.04
N TYR C 17 42.53 -22.10 -25.35
CA TYR C 17 41.46 -22.02 -26.33
C TYR C 17 40.79 -23.38 -26.46
N ALA C 18 39.55 -23.49 -25.97
CA ALA C 18 38.77 -24.70 -26.05
C ALA C 18 37.69 -24.58 -27.13
N PRO C 19 37.30 -25.68 -27.76
CA PRO C 19 36.30 -25.60 -28.85
C PRO C 19 34.97 -25.07 -28.35
N GLY C 20 34.60 -23.91 -28.86
CA GLY C 20 33.36 -23.24 -28.49
C GLY C 20 33.63 -21.92 -27.81
N LEU C 21 34.89 -21.51 -27.80
CA LEU C 21 35.34 -20.27 -27.16
C LEU C 21 35.74 -19.25 -28.22
N LYS C 22 36.15 -18.08 -27.75
CA LYS C 22 36.57 -16.98 -28.62
C LYS C 22 37.43 -16.02 -27.80
N TRP C 23 38.48 -15.50 -28.44
CA TRP C 23 39.35 -14.53 -27.77
C TRP C 23 38.61 -13.24 -27.48
N SER C 24 38.95 -12.63 -26.35
CA SER C 24 38.33 -11.37 -25.92
C SER C 24 39.39 -10.50 -25.27
N ASP C 25 39.42 -9.22 -25.68
CA ASP C 25 40.38 -8.27 -25.13
C ASP C 25 39.89 -7.62 -23.85
N GLU C 26 38.57 -7.45 -23.71
CA GLU C 26 38.03 -6.84 -22.49
C GLU C 26 38.34 -7.69 -21.26
N LEU C 27 38.45 -9.00 -21.42
CA LEU C 27 38.75 -9.90 -20.30
C LEU C 27 40.17 -10.45 -20.31
N LYS C 28 40.95 -10.20 -21.36
CA LYS C 28 42.35 -10.63 -21.47
C LYS C 28 42.50 -12.14 -21.37
N ALA C 29 41.44 -12.89 -21.66
CA ALA C 29 41.47 -14.34 -21.59
C ALA C 29 40.32 -14.89 -22.41
N TYR C 30 40.45 -16.16 -22.80
CA TYR C 30 39.42 -16.82 -23.62
C TYR C 30 38.13 -16.97 -22.83
N SER C 31 37.07 -16.36 -23.33
CA SER C 31 35.78 -16.34 -22.66
C SER C 31 34.71 -16.95 -23.56
N ALA C 32 33.75 -17.61 -22.93
CA ALA C 32 32.59 -18.14 -23.65
C ALA C 32 31.42 -18.22 -22.68
N LEU C 33 30.33 -18.81 -23.12
CA LEU C 33 29.17 -18.94 -22.24
C LEU C 33 29.38 -20.10 -21.27
N ALA C 34 28.70 -20.01 -20.12
CA ALA C 34 28.98 -20.92 -19.01
C ALA C 34 28.54 -22.35 -19.30
N PHE C 35 27.46 -22.53 -20.07
CA PHE C 35 26.86 -23.84 -20.25
C PHE C 35 27.77 -24.83 -20.98
N LYS C 36 28.94 -24.36 -21.42
CA LYS C 36 29.91 -25.21 -22.08
C LYS C 36 30.86 -25.90 -21.11
N TYR C 37 30.78 -25.59 -19.82
CA TYR C 37 31.67 -26.18 -18.82
C TYR C 37 31.69 -27.70 -18.93
N ARG C 38 30.51 -28.34 -18.86
CA ARG C 38 30.37 -29.78 -18.86
C ARG C 38 31.09 -30.42 -20.05
N ASP C 39 31.46 -29.60 -21.03
CA ASP C 39 32.23 -30.06 -22.17
C ASP C 39 33.70 -29.65 -22.09
N VAL C 40 33.97 -28.36 -21.87
CA VAL C 40 35.34 -27.88 -21.97
C VAL C 40 36.20 -28.45 -20.85
N ARG C 41 35.63 -28.66 -19.67
CA ARG C 41 36.37 -29.37 -18.63
C ARG C 41 36.75 -30.76 -19.13
N LYS C 42 35.78 -31.46 -19.74
CA LYS C 42 36.08 -32.76 -20.34
C LYS C 42 37.04 -32.63 -21.51
N TYR C 43 37.20 -31.42 -22.07
CA TYR C 43 38.21 -31.21 -23.10
C TYR C 43 39.59 -31.02 -22.49
N PHE C 44 39.68 -30.53 -21.26
CA PHE C 44 40.97 -30.35 -20.62
C PHE C 44 41.36 -31.52 -19.73
N LEU C 45 40.39 -32.19 -19.11
CA LEU C 45 40.70 -33.38 -18.34
C LEU C 45 41.19 -34.51 -19.23
N GLU C 46 40.74 -34.54 -20.49
CA GLU C 46 41.22 -35.55 -21.43
C GLU C 46 42.57 -35.16 -22.03
N LYS C 47 42.86 -33.87 -22.12
CA LYS C 47 44.14 -33.42 -22.67
C LYS C 47 45.27 -33.55 -21.66
N GLU C 48 44.97 -33.95 -20.43
CA GLU C 48 45.97 -34.18 -19.39
C GLU C 48 46.83 -32.93 -19.18
N ILE C 49 46.17 -31.81 -18.93
CA ILE C 49 46.84 -30.54 -18.69
C ILE C 49 46.51 -29.96 -17.32
N GLU C 50 46.00 -30.81 -16.41
CA GLU C 50 45.81 -30.52 -14.99
C GLU C 50 45.27 -29.10 -14.73
N VAL C 51 44.08 -28.85 -15.26
CA VAL C 51 43.43 -27.56 -15.12
C VAL C 51 42.66 -27.49 -13.81
N GLU C 52 42.75 -26.36 -13.13
CA GLU C 52 41.99 -26.13 -11.90
C GLU C 52 40.71 -25.36 -12.21
N GLU C 53 39.63 -25.79 -11.57
CA GLU C 53 38.30 -25.21 -11.75
C GLU C 53 37.90 -24.43 -10.50
N ASN C 54 37.46 -23.18 -10.67
CA ASN C 54 36.95 -22.32 -9.61
C ASN C 54 35.60 -21.77 -10.02
N VAL C 55 34.74 -22.64 -10.53
CA VAL C 55 33.42 -22.26 -11.03
C VAL C 55 32.29 -22.86 -10.19
N ILE C 56 32.47 -24.08 -9.70
CA ILE C 56 31.44 -24.73 -8.89
C ILE C 56 31.35 -24.01 -7.54
N ASP C 57 30.24 -23.31 -7.31
CA ASP C 57 30.02 -22.61 -6.04
C ASP C 57 28.71 -23.07 -5.43
N SER C 58 28.50 -24.38 -5.35
CA SER C 58 27.24 -24.92 -4.88
C SER C 58 26.96 -24.49 -3.45
N LEU C 59 25.71 -24.15 -3.19
CA LEU C 59 25.28 -23.89 -1.82
C LEU C 59 25.24 -25.21 -1.05
N PRO C 60 25.39 -25.15 0.28
CA PRO C 60 25.39 -26.41 1.06
C PRO C 60 24.11 -27.19 0.85
N PHE C 61 24.25 -28.37 0.27
CA PHE C 61 23.09 -29.24 0.03
C PHE C 61 22.61 -29.79 1.37
N PRO C 62 21.36 -29.52 1.76
CA PRO C 62 20.86 -30.06 3.03
C PRO C 62 20.62 -31.55 2.92
N LEU C 63 20.86 -32.25 4.03
CA LEU C 63 20.60 -33.69 4.05
C LEU C 63 19.11 -33.95 3.90
N ILE C 64 18.75 -34.77 2.93
CA ILE C 64 17.37 -35.01 2.55
C ILE C 64 17.07 -36.50 2.67
N LYS C 65 15.83 -36.82 3.03
CA LYS C 65 15.37 -38.19 3.08
C LYS C 65 14.68 -38.57 1.78
N ASP C 66 14.89 -39.81 1.35
CA ASP C 66 14.33 -40.34 0.11
C ASP C 66 13.15 -41.24 0.47
N LYS C 67 11.97 -40.94 -0.08
CA LYS C 67 10.76 -41.71 0.24
C LYS C 67 9.96 -42.00 -1.02
N ILE C 68 10.64 -42.41 -2.09
CA ILE C 68 10.01 -42.67 -3.38
C ILE C 68 10.06 -44.16 -3.66
N GLU C 69 8.88 -44.77 -3.75
CA GLU C 69 8.77 -46.17 -4.17
C GLU C 69 8.61 -46.17 -5.70
N LEU C 70 9.73 -46.01 -6.38
CA LEU C 70 9.71 -45.84 -7.83
C LEU C 70 9.35 -47.15 -8.52
N ARG C 71 8.75 -47.03 -9.70
CA ARG C 71 8.30 -48.17 -10.47
C ARG C 71 9.46 -48.64 -11.37
N ASP C 72 9.16 -49.50 -12.33
CA ASP C 72 10.22 -50.09 -13.15
C ASP C 72 10.68 -49.15 -14.26
N TYR C 73 9.74 -48.52 -14.98
CA TYR C 73 10.12 -47.59 -16.02
C TYR C 73 10.81 -46.36 -15.43
N GLN C 74 10.46 -46.00 -14.19
CA GLN C 74 11.14 -44.91 -13.52
C GLN C 74 12.59 -45.27 -13.24
N ALA C 75 12.85 -46.52 -12.84
CA ALA C 75 14.23 -46.97 -12.67
C ALA C 75 14.97 -47.02 -14.00
N GLU C 76 14.27 -47.39 -15.08
CA GLU C 76 14.89 -47.34 -16.39
C GLU C 76 15.28 -45.92 -16.76
N ALA C 77 14.41 -44.96 -16.42
CA ALA C 77 14.74 -43.55 -16.65
C ALA C 77 15.94 -43.12 -15.82
N VAL C 78 15.99 -43.54 -14.55
CA VAL C 78 17.13 -43.19 -13.70
C VAL C 78 18.43 -43.74 -14.28
N LYS C 79 18.39 -45.00 -14.74
CA LYS C 79 19.59 -45.59 -15.33
C LYS C 79 20.00 -44.87 -16.60
N ALA C 80 19.03 -44.63 -17.50
CA ALA C 80 19.34 -43.99 -18.78
C ALA C 80 19.83 -42.56 -18.58
N TRP C 81 19.38 -41.88 -17.53
CA TRP C 81 19.85 -40.53 -17.26
C TRP C 81 21.22 -40.54 -16.61
N LEU C 82 21.47 -41.50 -15.71
CA LEU C 82 22.74 -41.58 -14.99
C LEU C 82 23.91 -41.85 -15.94
N LYS C 83 23.63 -42.16 -17.21
CA LYS C 83 24.67 -42.46 -18.19
C LYS C 83 25.63 -41.28 -18.36
N GLU C 84 25.10 -40.12 -18.75
CA GLU C 84 25.90 -38.92 -18.89
C GLU C 84 25.39 -37.77 -18.03
N LYS C 85 24.30 -37.98 -17.26
CA LYS C 85 23.77 -36.97 -16.34
C LYS C 85 23.43 -35.67 -17.07
N ARG C 86 22.94 -35.80 -18.31
CA ARG C 86 22.61 -34.64 -19.14
C ARG C 86 21.60 -35.10 -20.19
N GLY C 87 20.32 -34.83 -19.95
CA GLY C 87 19.31 -35.32 -20.88
C GLY C 87 17.90 -34.92 -20.49
N ILE C 88 16.95 -35.54 -21.19
CA ILE C 88 15.52 -35.24 -21.08
C ILE C 88 14.73 -36.54 -21.01
N ILE C 89 13.71 -36.54 -20.15
CA ILE C 89 12.82 -37.69 -19.95
C ILE C 89 11.43 -37.30 -20.43
N VAL C 90 10.87 -38.12 -21.32
CA VAL C 90 9.57 -37.90 -21.94
C VAL C 90 8.60 -38.90 -21.32
N LEU C 91 7.67 -38.40 -20.52
CA LEU C 91 6.64 -39.23 -19.92
C LEU C 91 5.35 -38.42 -19.99
N PRO C 92 4.25 -39.02 -20.45
CA PRO C 92 3.01 -38.26 -20.66
C PRO C 92 2.55 -37.57 -19.37
N THR C 93 1.75 -36.52 -19.55
CA THR C 93 1.32 -35.69 -18.43
C THR C 93 0.59 -36.53 -17.39
N GLY C 94 1.19 -36.65 -16.21
CA GLY C 94 0.59 -37.42 -15.13
C GLY C 94 1.14 -38.81 -14.91
N ALA C 95 2.31 -39.13 -15.46
CA ALA C 95 2.91 -40.45 -15.28
C ALA C 95 3.95 -40.46 -14.16
N GLY C 96 3.82 -39.54 -13.20
CA GLY C 96 4.75 -39.46 -12.10
C GLY C 96 6.14 -39.05 -12.55
N LYS C 97 6.23 -38.08 -13.46
CA LYS C 97 7.53 -37.57 -13.89
C LYS C 97 8.21 -36.80 -12.76
N THR C 98 7.41 -36.07 -11.98
CA THR C 98 7.94 -35.34 -10.84
C THR C 98 8.57 -36.28 -9.83
N GLN C 99 7.93 -37.43 -9.60
CA GLN C 99 8.49 -38.43 -8.68
C GLN C 99 9.81 -38.98 -9.22
N VAL C 100 9.90 -39.15 -10.54
CA VAL C 100 11.15 -39.61 -11.14
C VAL C 100 12.26 -38.60 -10.88
N ALA C 101 11.98 -37.33 -11.13
CA ALA C 101 12.97 -36.28 -10.87
C ALA C 101 13.39 -36.25 -9.41
N LEU C 102 12.44 -36.47 -8.49
CA LEU C 102 12.78 -36.47 -7.08
C LEU C 102 13.71 -37.65 -6.73
N LYS C 103 13.42 -38.83 -7.28
CA LYS C 103 14.31 -39.97 -7.06
C LYS C 103 15.72 -39.67 -7.57
N ILE C 104 15.80 -39.03 -8.75
CA ILE C 104 17.09 -38.74 -9.35
C ILE C 104 17.87 -37.73 -8.50
N VAL C 105 17.21 -36.67 -8.05
CA VAL C 105 17.93 -35.66 -7.25
C VAL C 105 18.28 -36.20 -5.87
N SER C 106 17.49 -37.16 -5.35
CA SER C 106 17.85 -37.80 -4.09
C SER C 106 19.09 -38.68 -4.26
N ILE C 107 19.20 -39.35 -5.41
CA ILE C 107 20.41 -40.12 -5.69
C ILE C 107 21.61 -39.20 -5.84
N MET C 108 21.43 -38.04 -6.47
CA MET C 108 22.53 -37.12 -6.69
C MET C 108 23.13 -36.63 -5.37
N LYS C 109 22.28 -36.20 -4.43
CA LYS C 109 22.72 -35.64 -3.15
C LYS C 109 23.56 -34.37 -3.37
N VAL C 110 23.22 -33.60 -4.41
CA VAL C 110 23.90 -32.36 -4.73
C VAL C 110 22.85 -31.28 -4.92
N ALA C 111 23.21 -30.05 -4.54
CA ALA C 111 22.29 -28.92 -4.63
C ALA C 111 21.68 -28.81 -6.03
N THR C 112 20.42 -28.40 -6.08
CA THR C 112 19.64 -28.48 -7.31
C THR C 112 18.66 -27.32 -7.37
N LEU C 113 18.47 -26.77 -8.57
CA LEU C 113 17.45 -25.76 -8.83
C LEU C 113 16.46 -26.33 -9.85
N ILE C 114 15.20 -26.44 -9.44
CA ILE C 114 14.14 -26.95 -10.30
C ILE C 114 13.33 -25.77 -10.82
N VAL C 115 13.38 -25.55 -12.13
CA VAL C 115 12.74 -24.39 -12.74
C VAL C 115 11.46 -24.88 -13.43
N VAL C 116 10.34 -24.29 -13.08
CA VAL C 116 9.04 -24.73 -13.59
C VAL C 116 8.34 -23.52 -14.20
N PRO C 117 7.44 -23.74 -15.16
CA PRO C 117 6.87 -22.57 -15.87
C PRO C 117 5.91 -21.76 -15.04
N THR C 118 5.02 -22.39 -14.28
CA THR C 118 3.94 -21.68 -13.62
C THR C 118 4.11 -21.72 -12.11
N ILE C 119 3.42 -20.80 -11.44
CA ILE C 119 3.37 -20.80 -9.98
C ILE C 119 2.59 -22.02 -9.49
N ASP C 120 1.63 -22.51 -10.28
CA ASP C 120 0.93 -23.73 -9.93
C ASP C 120 1.90 -24.90 -9.79
N LEU C 121 2.78 -25.08 -10.76
CA LEU C 121 3.79 -26.12 -10.62
C LEU C 121 4.79 -25.80 -9.52
N ILE C 122 5.02 -24.52 -9.22
CA ILE C 122 5.83 -24.18 -8.05
C ILE C 122 5.23 -24.80 -6.79
N THR C 123 3.93 -24.55 -6.57
CA THR C 123 3.27 -25.06 -5.37
C THR C 123 3.23 -26.58 -5.38
N GLN C 124 3.05 -27.16 -6.57
CA GLN C 124 3.05 -28.61 -6.71
C GLN C 124 4.37 -29.20 -6.29
N TRP C 125 5.46 -28.64 -6.79
CA TRP C 125 6.79 -29.10 -6.44
C TRP C 125 7.09 -28.88 -4.97
N LYS C 126 6.64 -27.75 -4.42
CA LYS C 126 6.86 -27.51 -2.99
C LYS C 126 6.16 -28.56 -2.14
N GLU C 127 4.88 -28.84 -2.45
CA GLU C 127 4.14 -29.83 -1.68
C GLU C 127 4.70 -31.24 -1.88
N ARG C 128 5.15 -31.56 -3.09
CA ARG C 128 5.65 -32.91 -3.33
C ARG C 128 7.07 -33.12 -2.81
N ILE C 129 7.86 -32.04 -2.68
CA ILE C 129 9.12 -32.15 -1.92
C ILE C 129 8.83 -32.24 -0.44
N ASN C 130 7.77 -31.57 0.03
CA ASN C 130 7.35 -31.73 1.42
C ASN C 130 6.89 -33.16 1.71
N LYS C 131 6.27 -33.81 0.72
CA LYS C 131 5.74 -35.16 0.92
C LYS C 131 6.81 -36.24 0.73
N TYR C 132 7.39 -36.32 -0.47
CA TYR C 132 8.30 -37.43 -0.78
C TYR C 132 9.74 -37.19 -0.31
N LEU C 133 10.09 -35.99 0.14
CA LEU C 133 11.45 -35.71 0.59
C LEU C 133 11.56 -35.10 1.98
N ASP C 134 10.48 -34.54 2.53
CA ASP C 134 10.48 -33.92 3.86
C ASP C 134 11.50 -32.78 3.95
N PHE C 135 11.29 -31.78 3.12
CA PHE C 135 12.15 -30.60 3.09
C PHE C 135 11.35 -29.43 2.55
N ASP C 136 11.63 -28.24 3.09
CA ASP C 136 10.99 -27.03 2.60
C ASP C 136 11.91 -26.37 1.57
N PRO C 137 11.59 -26.49 0.28
CA PRO C 137 12.46 -25.92 -0.74
C PRO C 137 12.37 -24.41 -0.79
N GLY C 138 13.48 -23.78 -1.16
CA GLY C 138 13.48 -22.35 -1.37
C GLY C 138 12.45 -21.99 -2.43
N ILE C 139 11.57 -21.05 -2.13
CA ILE C 139 10.50 -20.70 -3.07
C ILE C 139 10.78 -19.30 -3.59
N ILE C 140 11.48 -19.21 -4.71
CA ILE C 140 11.73 -17.93 -5.37
C ILE C 140 10.82 -17.82 -6.59
N GLY C 141 10.25 -16.63 -6.78
CA GLY C 141 9.25 -16.41 -7.81
C GLY C 141 7.84 -16.54 -7.26
N GLY C 142 6.93 -15.69 -7.72
CA GLY C 142 5.57 -15.71 -7.20
C GLY C 142 5.45 -15.02 -5.86
N GLY C 143 4.68 -15.61 -4.95
CA GLY C 143 4.49 -15.09 -3.61
C GLY C 143 5.76 -14.86 -2.84
N GLU C 144 6.54 -15.93 -2.63
CA GLU C 144 7.71 -15.89 -1.77
C GLU C 144 8.98 -15.60 -2.56
N ASP C 145 10.08 -15.36 -1.82
CA ASP C 145 11.40 -15.14 -2.39
C ASP C 145 12.45 -15.90 -1.58
N SER C 146 12.16 -17.15 -1.23
CA SER C 146 13.06 -17.94 -0.42
C SER C 146 14.14 -18.59 -1.29
N LEU C 147 15.38 -18.55 -0.80
CA LEU C 147 16.54 -19.06 -1.52
C LEU C 147 17.27 -20.05 -0.61
N LYS C 148 17.06 -21.34 -0.86
CA LYS C 148 17.58 -22.41 -0.02
C LYS C 148 18.23 -23.47 -0.92
N GLY C 149 19.00 -24.36 -0.28
CA GLY C 149 19.68 -25.47 -0.95
C GLY C 149 18.93 -26.08 -2.11
N ILE C 150 17.78 -26.71 -1.84
CA ILE C 150 16.85 -27.07 -2.90
C ILE C 150 15.85 -25.93 -3.08
N THR C 151 15.84 -25.33 -4.25
CA THR C 151 15.01 -24.16 -4.53
C THR C 151 14.23 -24.41 -5.82
N VAL C 152 13.02 -23.86 -5.90
CA VAL C 152 12.25 -23.91 -7.14
C VAL C 152 11.99 -22.49 -7.61
N ILE C 153 11.90 -22.32 -8.93
CA ILE C 153 11.80 -20.99 -9.54
C ILE C 153 11.05 -21.10 -10.86
N THR C 154 10.54 -19.97 -11.35
CA THR C 154 9.94 -19.85 -12.67
C THR C 154 11.00 -19.61 -13.75
N TYR C 155 10.66 -19.97 -14.99
CA TYR C 155 11.50 -19.59 -16.13
C TYR C 155 11.74 -18.07 -16.16
N ASP C 156 10.69 -17.29 -15.90
CA ASP C 156 10.82 -15.84 -15.95
C ASP C 156 11.80 -15.32 -14.91
N SER C 157 11.65 -15.78 -13.66
CA SER C 157 12.56 -15.31 -12.62
C SER C 157 13.96 -15.88 -12.82
N ALA C 158 14.06 -17.08 -13.41
CA ALA C 158 15.37 -17.64 -13.70
C ALA C 158 16.08 -16.88 -14.81
N TYR C 159 15.33 -16.25 -15.71
CA TYR C 159 15.95 -15.44 -16.76
C TYR C 159 16.27 -14.04 -16.26
N THR C 160 15.32 -13.38 -15.61
CA THR C 160 15.58 -12.04 -15.09
C THR C 160 16.60 -12.05 -13.97
N ARG C 161 16.59 -13.07 -13.12
CA ARG C 161 17.60 -13.25 -12.08
C ARG C 161 18.40 -14.49 -12.45
N ALA C 162 19.39 -14.31 -13.31
CA ALA C 162 20.19 -15.41 -13.85
C ALA C 162 21.65 -15.33 -13.41
N GLU C 163 22.34 -14.21 -13.65
CA GLU C 163 23.71 -14.07 -13.22
C GLU C 163 23.84 -14.09 -11.71
N GLU C 164 22.76 -13.73 -11.00
CA GLU C 164 22.74 -13.81 -9.55
C GLU C 164 22.79 -15.25 -9.05
N LEU C 165 22.41 -16.22 -9.90
CA LEU C 165 22.24 -17.60 -9.46
C LEU C 165 22.91 -18.60 -10.41
N GLY C 166 23.79 -18.13 -11.29
CA GLY C 166 24.38 -19.00 -12.30
C GLY C 166 25.42 -19.97 -11.78
N ASN C 167 26.29 -19.49 -10.89
CA ASN C 167 27.37 -20.30 -10.35
C ASN C 167 26.93 -21.21 -9.20
N LYS C 168 25.62 -21.39 -9.04
CA LYS C 168 25.05 -22.19 -7.96
C LYS C 168 24.29 -23.37 -8.56
N PHE C 169 23.86 -24.29 -7.69
CA PHE C 169 22.96 -25.37 -8.09
C PHE C 169 23.56 -26.23 -9.19
N PRO C 170 24.53 -27.11 -8.88
CA PRO C 170 25.18 -27.91 -9.93
C PRO C 170 24.22 -28.74 -10.79
N LEU C 171 22.95 -28.86 -10.41
CA LEU C 171 21.97 -29.61 -11.19
C LEU C 171 20.75 -28.76 -11.46
N LEU C 172 20.16 -28.92 -12.65
CA LEU C 172 18.95 -28.20 -13.04
C LEU C 172 17.88 -29.18 -13.49
N ILE C 173 16.62 -28.85 -13.16
CA ILE C 173 15.45 -29.63 -13.53
C ILE C 173 14.46 -28.70 -14.21
N PHE C 174 13.92 -29.12 -15.36
CA PHE C 174 12.97 -28.30 -16.10
C PHE C 174 11.70 -29.12 -16.29
N ASP C 175 10.74 -28.97 -15.38
CA ASP C 175 9.44 -29.57 -15.61
C ASP C 175 8.75 -28.86 -16.77
N GLU C 176 8.14 -29.66 -17.65
CA GLU C 176 7.57 -29.18 -18.91
C GLU C 176 8.65 -28.45 -19.71
N VAL C 177 9.69 -29.21 -20.05
CA VAL C 177 10.91 -28.66 -20.65
C VAL C 177 10.72 -28.20 -22.09
N HIS C 178 9.58 -28.50 -22.71
CA HIS C 178 9.33 -28.01 -24.05
C HIS C 178 9.11 -26.51 -24.10
N HIS C 179 8.96 -25.86 -22.95
CA HIS C 179 8.85 -24.39 -22.88
C HIS C 179 10.21 -23.71 -22.86
N LEU C 180 11.30 -24.46 -22.74
CA LEU C 180 12.65 -23.92 -22.63
C LEU C 180 13.21 -23.36 -23.94
N PRO C 181 13.00 -24.00 -25.10
CA PRO C 181 13.58 -23.43 -26.32
C PRO C 181 12.84 -22.22 -26.85
N SER C 182 12.51 -21.28 -25.96
CA SER C 182 11.90 -20.04 -26.39
C SER C 182 13.02 -19.01 -26.62
N GLU C 183 12.64 -17.79 -27.00
CA GLU C 183 13.63 -16.77 -27.30
C GLU C 183 14.45 -16.44 -26.06
N GLY C 184 13.79 -15.93 -25.02
CA GLY C 184 14.52 -15.56 -23.82
C GLY C 184 14.94 -16.74 -22.97
N TYR C 185 14.15 -17.81 -22.98
CA TYR C 185 14.45 -18.95 -22.13
C TYR C 185 15.68 -19.71 -22.61
N SER C 186 15.94 -19.72 -23.92
CA SER C 186 17.19 -20.29 -24.42
C SER C 186 18.37 -19.54 -23.87
N ILE C 187 18.28 -18.20 -23.83
CA ILE C 187 19.32 -17.37 -23.24
C ILE C 187 19.50 -17.74 -21.77
N MET C 188 18.37 -17.90 -21.07
CA MET C 188 18.39 -18.29 -19.66
C MET C 188 19.15 -19.61 -19.47
N ALA C 189 18.86 -20.59 -20.32
CA ALA C 189 19.55 -21.87 -20.20
C ALA C 189 21.03 -21.74 -20.51
N GLN C 190 21.39 -20.87 -21.45
CA GLN C 190 22.80 -20.75 -21.80
C GLN C 190 23.60 -20.05 -20.72
N LEU C 191 22.99 -19.11 -19.99
CA LEU C 191 23.74 -18.42 -18.93
C LEU C 191 24.05 -19.31 -17.74
N PHE C 192 23.32 -20.41 -17.54
CA PHE C 192 23.58 -21.27 -16.40
C PHE C 192 24.72 -22.24 -16.72
N ALA C 193 25.42 -22.70 -15.68
CA ALA C 193 26.65 -23.47 -15.85
C ALA C 193 26.56 -24.89 -15.30
N SER C 194 25.37 -25.36 -14.94
CA SER C 194 25.24 -26.68 -14.34
C SER C 194 25.69 -27.76 -15.31
N PRO C 195 26.69 -28.57 -14.97
CA PRO C 195 27.07 -29.68 -15.86
C PRO C 195 26.00 -30.75 -15.91
N TYR C 196 25.28 -30.95 -14.80
CA TYR C 196 24.22 -31.94 -14.72
C TYR C 196 22.90 -31.23 -15.05
N ARG C 197 22.20 -31.73 -16.07
CA ARG C 197 20.95 -31.11 -16.51
C ARG C 197 19.93 -32.17 -16.88
N LEU C 198 18.71 -32.01 -16.37
CA LEU C 198 17.61 -32.93 -16.66
C LEU C 198 16.35 -32.15 -17.01
N GLY C 199 15.76 -32.48 -18.15
CA GLY C 199 14.51 -31.90 -18.59
C GLY C 199 13.39 -32.91 -18.47
N LEU C 200 12.21 -32.44 -18.09
CA LEU C 200 11.01 -33.28 -17.96
C LEU C 200 9.95 -32.78 -18.93
N THR C 201 9.30 -33.71 -19.64
CA THR C 201 8.19 -33.28 -20.49
C THR C 201 7.27 -34.45 -20.77
N ALA C 202 6.13 -34.11 -21.37
CA ALA C 202 5.17 -35.08 -21.90
C ALA C 202 5.18 -35.12 -23.41
N THR C 203 5.27 -33.97 -24.06
CA THR C 203 5.45 -33.88 -25.50
C THR C 203 6.57 -32.90 -25.83
N PRO C 204 7.72 -33.37 -26.31
CA PRO C 204 8.83 -32.47 -26.63
C PRO C 204 8.79 -31.87 -28.03
N GLU C 205 7.95 -32.37 -28.92
CA GLU C 205 7.95 -31.97 -30.32
C GLU C 205 7.23 -30.65 -30.49
N ARG C 206 7.93 -29.65 -31.02
CA ARG C 206 7.39 -28.31 -31.24
C ARG C 206 7.22 -28.06 -32.74
N ASP C 207 6.03 -27.62 -33.14
CA ASP C 207 5.86 -27.16 -34.52
C ASP C 207 6.69 -25.92 -34.80
N ASP C 208 7.12 -25.21 -33.76
CA ASP C 208 8.04 -24.08 -33.94
C ASP C 208 9.27 -24.52 -34.73
N GLY C 209 9.93 -25.58 -34.27
CA GLY C 209 11.12 -26.09 -34.92
C GLY C 209 12.37 -25.90 -34.09
N LYS C 210 12.30 -25.14 -33.01
CA LYS C 210 13.46 -24.90 -32.15
C LYS C 210 13.75 -26.07 -31.22
N HIS C 211 12.96 -27.15 -31.30
CA HIS C 211 13.15 -28.33 -30.43
C HIS C 211 14.41 -29.10 -30.79
N GLU C 212 15.18 -28.50 -31.69
CA GLU C 212 16.50 -28.98 -32.06
C GLU C 212 17.56 -28.53 -31.07
N LEU C 213 17.33 -27.43 -30.34
CA LEU C 213 18.33 -26.83 -29.49
C LEU C 213 18.60 -27.60 -28.19
N TYR C 214 17.93 -28.74 -27.98
CA TYR C 214 18.09 -29.49 -26.74
C TYR C 214 19.55 -29.85 -26.41
N PRO C 215 20.33 -30.48 -27.31
CA PRO C 215 21.69 -30.89 -26.92
C PRO C 215 22.59 -29.73 -26.51
N ILE C 216 22.35 -28.54 -27.04
CA ILE C 216 23.15 -27.39 -26.66
C ILE C 216 22.75 -26.88 -25.29
N LEU C 217 21.47 -27.06 -24.91
CA LEU C 217 20.92 -26.44 -23.71
C LEU C 217 20.89 -27.38 -22.51
N VAL C 218 20.27 -28.56 -22.64
CA VAL C 218 20.18 -29.49 -21.51
C VAL C 218 20.58 -30.91 -21.89
N GLY C 219 20.65 -31.19 -23.20
CA GLY C 219 21.02 -32.51 -23.66
C GLY C 219 19.91 -33.19 -24.44
N PRO C 220 20.23 -34.35 -25.02
CA PRO C 220 19.24 -35.08 -25.83
C PRO C 220 18.28 -35.87 -24.96
N ILE C 221 17.24 -36.39 -25.62
CA ILE C 221 16.26 -37.25 -24.95
C ILE C 221 16.95 -38.58 -24.60
N VAL C 222 17.12 -38.84 -23.31
CA VAL C 222 17.81 -40.05 -22.88
C VAL C 222 16.86 -41.21 -22.60
N TYR C 223 15.62 -40.92 -22.20
CA TYR C 223 14.64 -41.97 -21.96
C TYR C 223 13.26 -41.39 -22.22
N ARG C 224 12.54 -42.01 -23.14
CA ARG C 224 11.18 -41.65 -23.49
C ARG C 224 10.30 -42.90 -23.40
N LYS C 225 9.11 -42.74 -22.82
CA LYS C 225 8.14 -43.83 -22.82
C LYS C 225 7.96 -44.30 -24.26
N SER C 226 7.87 -45.62 -24.43
CA SER C 226 7.88 -46.25 -25.75
C SER C 226 7.03 -45.49 -26.76
N VAL C 227 5.75 -45.32 -26.45
CA VAL C 227 4.91 -44.32 -27.08
C VAL C 227 3.99 -43.75 -26.01
N GLU C 228 3.65 -42.48 -26.18
CA GLU C 228 2.65 -41.85 -25.33
C GLU C 228 1.23 -42.29 -25.67
N GLU C 229 1.08 -43.31 -26.52
CA GLU C 229 -0.23 -43.78 -26.96
C GLU C 229 -0.52 -45.20 -26.48
N LEU C 230 0.34 -46.16 -26.78
CA LEU C 230 0.06 -47.57 -26.48
C LEU C 230 0.47 -47.95 -25.06
N ALA C 231 1.76 -47.81 -24.74
CA ALA C 231 2.27 -48.28 -23.46
C ALA C 231 1.89 -47.33 -22.35
N GLY C 232 1.24 -47.84 -21.30
CA GLY C 232 0.99 -47.02 -20.14
C GLY C 232 0.21 -47.67 -19.02
N LYS C 233 0.71 -47.50 -17.79
CA LYS C 233 0.01 -47.82 -16.56
C LYS C 233 -0.86 -46.67 -16.09
N TYR C 234 -1.23 -45.77 -17.00
CA TYR C 234 -2.18 -44.70 -16.79
C TYR C 234 -3.52 -45.15 -17.36
N ILE C 235 -4.41 -44.20 -17.64
CA ILE C 235 -5.77 -44.48 -18.09
C ILE C 235 -5.79 -45.61 -19.13
N ALA C 236 -4.87 -45.55 -20.09
CA ALA C 236 -4.61 -46.66 -21.01
C ALA C 236 -5.87 -47.10 -21.76
N LYS C 237 -6.79 -46.16 -21.97
CA LYS C 237 -8.06 -46.45 -22.61
C LYS C 237 -8.45 -45.35 -23.58
N TYR C 238 -7.46 -44.74 -24.23
CA TYR C 238 -7.73 -43.71 -25.22
C TYR C 238 -8.60 -44.26 -26.36
N LYS C 239 -9.67 -43.52 -26.68
CA LYS C 239 -10.67 -43.92 -27.68
C LYS C 239 -10.98 -42.76 -28.62
N ILE C 240 -9.95 -42.16 -29.21
CA ILE C 240 -10.10 -41.00 -30.09
C ILE C 240 -11.08 -41.32 -31.21
N LYS C 241 -12.06 -40.44 -31.41
CA LYS C 241 -13.03 -40.59 -32.48
C LYS C 241 -13.49 -39.20 -32.95
N LYS C 242 -13.62 -39.05 -34.27
CA LYS C 242 -14.02 -37.79 -34.89
C LYS C 242 -15.50 -37.81 -35.27
N LEU C 243 -16.10 -36.62 -35.26
CA LEU C 243 -17.46 -36.41 -35.73
C LEU C 243 -17.45 -35.23 -36.69
N TYR C 244 -17.90 -35.46 -37.92
CA TYR C 244 -17.89 -34.45 -38.96
C TYR C 244 -19.27 -33.82 -39.04
N VAL C 245 -19.33 -32.50 -38.92
CA VAL C 245 -20.59 -31.76 -38.91
C VAL C 245 -20.72 -31.02 -40.23
N SER C 246 -21.89 -31.12 -40.86
CA SER C 246 -22.18 -30.33 -42.06
C SER C 246 -22.29 -28.87 -41.67
N LEU C 247 -21.36 -28.04 -42.15
CA LEU C 247 -21.36 -26.64 -41.78
C LEU C 247 -22.62 -25.95 -42.31
N THR C 248 -23.03 -24.89 -41.61
CA THR C 248 -24.29 -24.23 -41.92
C THR C 248 -24.30 -23.71 -43.35
N ASN C 249 -25.38 -24.05 -44.07
CA ASN C 249 -25.55 -23.55 -45.43
C ASN C 249 -25.79 -22.05 -45.46
N GLU C 250 -26.26 -21.47 -44.37
CA GLU C 250 -26.33 -20.02 -44.25
C GLU C 250 -24.95 -19.42 -43.99
N GLU C 251 -24.18 -20.07 -43.10
CA GLU C 251 -22.84 -19.60 -42.81
C GLU C 251 -21.90 -19.87 -43.97
N LYS C 252 -22.21 -20.88 -44.79
CA LYS C 252 -21.36 -21.24 -45.92
C LYS C 252 -21.30 -20.12 -46.96
N LYS C 253 -22.39 -19.40 -47.15
CA LYS C 253 -22.39 -18.30 -48.10
C LYS C 253 -21.37 -17.24 -47.70
N ARG C 254 -21.45 -16.78 -46.46
CA ARG C 254 -20.49 -15.79 -45.97
C ARG C 254 -19.08 -16.37 -45.96
N TYR C 255 -18.94 -17.65 -45.64
CA TYR C 255 -17.62 -18.29 -45.65
C TYR C 255 -16.97 -18.20 -47.02
N ASP C 256 -17.71 -18.60 -48.06
CA ASP C 256 -17.14 -18.58 -49.40
C ASP C 256 -16.88 -17.14 -49.87
N GLY C 257 -17.82 -16.24 -49.63
CA GLY C 257 -17.60 -14.85 -49.98
C GLY C 257 -16.45 -14.21 -49.25
N LEU C 258 -16.08 -14.74 -48.08
CA LEU C 258 -15.01 -14.18 -47.28
C LEU C 258 -13.65 -14.76 -47.64
N ARG C 259 -13.59 -16.02 -48.06
CA ARG C 259 -12.33 -16.54 -48.56
C ARG C 259 -12.07 -16.12 -50.01
N LYS C 260 -13.11 -15.72 -50.75
CA LYS C 260 -12.90 -15.24 -52.11
C LYS C 260 -12.07 -13.95 -52.14
N LYS C 261 -12.27 -13.07 -51.15
CA LYS C 261 -11.47 -11.85 -51.11
C LYS C 261 -9.99 -12.17 -50.98
N LEU C 262 -9.64 -13.07 -50.06
CA LEU C 262 -8.24 -13.46 -49.90
C LEU C 262 -7.71 -14.16 -51.14
N LYS C 263 -8.52 -15.04 -51.75
CA LYS C 263 -8.08 -15.74 -52.95
C LYS C 263 -7.74 -14.76 -54.07
N ASP C 264 -8.62 -13.78 -54.30
CA ASP C 264 -8.36 -12.81 -55.36
C ASP C 264 -7.20 -11.90 -55.00
N PHE C 265 -7.00 -11.63 -53.71
CA PHE C 265 -5.86 -10.84 -53.28
C PHE C 265 -4.55 -11.55 -53.57
N LEU C 266 -4.46 -12.83 -53.19
CA LEU C 266 -3.22 -13.57 -53.41
C LEU C 266 -2.99 -13.84 -54.88
N SER C 267 -4.05 -14.01 -55.68
CA SER C 267 -3.85 -14.22 -57.11
C SER C 267 -3.42 -12.94 -57.81
N SER C 268 -3.93 -11.78 -57.36
CA SER C 268 -3.64 -10.53 -58.05
C SER C 268 -2.23 -10.00 -57.77
N ARG C 269 -1.63 -10.39 -56.64
CA ARG C 269 -0.29 -9.96 -56.29
C ARG C 269 0.73 -11.09 -56.26
N GLY C 270 0.33 -12.31 -56.63
CA GLY C 270 1.26 -13.41 -56.46
C GLY C 270 1.54 -13.64 -54.99
N LEU C 271 2.78 -14.02 -54.69
CA LEU C 271 3.23 -14.28 -53.33
C LEU C 271 2.30 -15.28 -52.63
N LYS C 272 2.25 -16.48 -53.20
CA LYS C 272 1.35 -17.50 -52.70
C LYS C 272 1.81 -17.99 -51.34
N LEU C 273 0.87 -18.05 -50.39
CA LEU C 273 1.11 -18.64 -49.08
C LEU C 273 0.83 -20.14 -49.08
N GLN C 274 0.22 -20.64 -50.15
CA GLN C 274 -0.03 -22.07 -50.31
C GLN C 274 1.24 -22.89 -50.11
N ASN C 275 1.19 -23.80 -49.14
CA ASN C 275 2.33 -24.65 -48.79
C ASN C 275 3.57 -23.83 -48.45
N LEU C 276 3.35 -22.62 -47.94
CA LEU C 276 4.43 -21.74 -47.50
C LEU C 276 4.39 -21.72 -45.98
N ASP C 277 5.48 -22.17 -45.35
CA ASP C 277 5.50 -22.23 -43.91
C ASP C 277 5.53 -20.84 -43.29
N ASP C 278 6.27 -19.90 -43.88
CA ASP C 278 6.36 -18.54 -43.35
C ASP C 278 5.46 -17.62 -44.17
N PHE C 279 4.24 -17.37 -43.69
CA PHE C 279 3.45 -16.29 -44.25
C PHE C 279 3.85 -14.95 -43.64
N HIS C 280 4.94 -14.92 -42.87
CA HIS C 280 5.36 -13.70 -42.18
C HIS C 280 5.72 -12.58 -43.15
N ARG C 281 6.12 -12.91 -44.38
CA ARG C 281 6.26 -11.86 -45.39
C ARG C 281 4.93 -11.18 -45.64
N LEU C 282 3.85 -11.96 -45.58
CA LEU C 282 2.51 -11.41 -45.82
C LEU C 282 2.09 -10.49 -44.68
N VAL C 283 2.48 -10.80 -43.44
CA VAL C 283 2.12 -9.89 -42.35
C VAL C 283 3.06 -8.69 -42.30
N LYS C 284 4.32 -8.85 -42.73
CA LYS C 284 5.22 -7.70 -42.85
C LYS C 284 4.64 -6.70 -43.84
N LEU C 285 4.03 -7.19 -44.92
CA LEU C 285 3.26 -6.31 -45.80
C LEU C 285 1.97 -5.85 -45.14
N ALA C 286 1.37 -6.68 -44.28
CA ALA C 286 0.06 -6.36 -43.72
C ALA C 286 0.12 -5.22 -42.70
N ALA C 287 1.25 -5.08 -42.00
CA ALA C 287 1.34 -4.04 -40.97
C ALA C 287 1.22 -2.65 -41.57
N LYS C 288 1.59 -2.49 -42.84
CA LYS C 288 1.54 -1.19 -43.51
C LYS C 288 0.50 -1.09 -44.61
N ASP C 289 0.20 -2.16 -45.34
CA ASP C 289 -0.76 -2.09 -46.42
C ASP C 289 -2.17 -2.33 -45.89
N LYS C 290 -3.14 -1.68 -46.54
CA LYS C 290 -4.54 -1.75 -46.13
C LYS C 290 -5.19 -3.06 -46.54
N GLU C 291 -5.24 -3.32 -47.85
CA GLU C 291 -5.90 -4.53 -48.33
C GLU C 291 -5.19 -5.80 -47.90
N ALA C 292 -3.89 -5.74 -47.59
CA ALA C 292 -3.19 -6.91 -47.08
C ALA C 292 -3.80 -7.36 -45.75
N ARG C 293 -3.81 -6.46 -44.76
CA ARG C 293 -4.42 -6.81 -43.47
C ARG C 293 -5.91 -7.04 -43.61
N GLU C 294 -6.57 -6.37 -44.56
CA GLU C 294 -7.99 -6.60 -44.77
C GLU C 294 -8.25 -8.04 -45.18
N ALA C 295 -7.52 -8.53 -46.18
CA ALA C 295 -7.69 -9.92 -46.62
C ALA C 295 -7.21 -10.91 -45.56
N LEU C 296 -6.20 -10.53 -44.77
CA LEU C 296 -5.72 -11.42 -43.73
C LEU C 296 -6.72 -11.58 -42.60
N LEU C 297 -7.33 -10.47 -42.17
CA LEU C 297 -8.40 -10.55 -41.17
C LEU C 297 -9.63 -11.25 -41.73
N ALA C 298 -9.87 -11.13 -43.04
CA ALA C 298 -10.95 -11.90 -43.67
C ALA C 298 -10.67 -13.39 -43.58
N TRP C 299 -9.42 -13.79 -43.87
CA TRP C 299 -9.02 -15.17 -43.67
C TRP C 299 -9.24 -15.63 -42.24
N HIS C 300 -8.84 -14.80 -41.27
CA HIS C 300 -8.95 -15.20 -39.87
C HIS C 300 -10.41 -15.37 -39.46
N GLU C 301 -11.28 -14.46 -39.91
CA GLU C 301 -12.70 -14.61 -39.58
C GLU C 301 -13.31 -15.82 -40.26
N SER C 302 -12.85 -16.18 -41.46
CA SER C 302 -13.37 -17.39 -42.11
C SER C 302 -12.94 -18.65 -41.36
N LEU C 303 -11.67 -18.72 -40.93
CA LEU C 303 -11.25 -19.86 -40.13
C LEU C 303 -11.99 -19.91 -38.81
N ASN C 304 -12.29 -18.75 -38.22
CA ASN C 304 -13.07 -18.71 -36.98
C ASN C 304 -14.47 -19.25 -37.19
N ILE C 305 -15.14 -18.82 -38.27
CA ILE C 305 -16.47 -19.37 -38.57
C ILE C 305 -16.40 -20.87 -38.77
N ALA C 306 -15.33 -21.35 -39.40
CA ALA C 306 -15.21 -22.78 -39.67
C ALA C 306 -15.05 -23.57 -38.38
N VAL C 307 -14.17 -23.12 -37.49
CA VAL C 307 -13.90 -23.88 -36.27
C VAL C 307 -15.01 -23.68 -35.26
N ASN C 308 -15.59 -22.48 -35.22
CA ASN C 308 -16.64 -22.14 -34.28
C ASN C 308 -17.99 -22.04 -34.97
N SER C 309 -18.24 -22.97 -35.88
CA SER C 309 -19.50 -23.02 -36.60
C SER C 309 -20.63 -23.40 -35.67
N GLN C 310 -21.81 -22.82 -35.91
CA GLN C 310 -22.96 -23.05 -35.05
C GLN C 310 -23.52 -24.46 -35.21
N SER C 311 -23.25 -25.11 -36.35
CA SER C 311 -23.77 -26.44 -36.60
C SER C 311 -23.26 -27.45 -35.57
N LYS C 312 -22.01 -27.28 -35.12
CA LYS C 312 -21.43 -28.20 -34.13
C LYS C 312 -22.20 -28.23 -32.82
N ILE C 313 -22.82 -27.10 -32.46
CA ILE C 313 -23.60 -27.02 -31.21
C ILE C 313 -24.69 -28.09 -31.18
N GLU C 314 -25.30 -28.36 -32.32
CA GLU C 314 -26.36 -29.38 -32.37
C GLU C 314 -25.82 -30.75 -31.99
N LYS C 315 -24.70 -31.17 -32.60
CA LYS C 315 -24.13 -32.45 -32.22
C LYS C 315 -23.64 -32.44 -30.78
N LEU C 316 -23.25 -31.27 -30.26
CA LEU C 316 -22.98 -31.18 -28.82
C LEU C 316 -24.21 -31.53 -28.00
N ARG C 317 -25.34 -30.91 -28.34
CA ARG C 317 -26.61 -31.25 -27.70
C ARG C 317 -26.88 -32.74 -27.78
N GLU C 318 -26.65 -33.33 -28.95
CA GLU C 318 -26.83 -34.78 -29.13
C GLU C 318 -25.97 -35.57 -28.15
N ILE C 319 -24.67 -35.24 -28.09
CA ILE C 319 -23.75 -35.97 -27.22
C ILE C 319 -24.18 -35.83 -25.76
N LEU C 320 -24.64 -34.65 -25.37
CA LEU C 320 -25.09 -34.47 -23.99
C LEU C 320 -26.39 -35.21 -23.72
N GLN C 321 -27.20 -35.41 -24.75
CA GLN C 321 -28.35 -36.32 -24.62
C GLN C 321 -27.85 -37.74 -24.35
N GLU C 322 -26.78 -38.15 -25.03
CA GLU C 322 -26.33 -39.53 -24.92
C GLU C 322 -25.68 -39.81 -23.58
N TYR C 323 -24.85 -38.88 -23.08
CA TYR C 323 -24.08 -39.09 -21.85
C TYR C 323 -24.64 -38.22 -20.74
N LYS C 324 -25.17 -38.87 -19.69
CA LYS C 324 -25.76 -38.19 -18.56
C LYS C 324 -25.27 -38.73 -17.22
N ASN C 325 -24.25 -39.60 -17.23
CA ASN C 325 -23.72 -40.16 -15.99
C ASN C 325 -22.19 -40.21 -15.99
N GLU C 326 -21.54 -39.32 -16.74
CA GLU C 326 -20.08 -39.28 -16.80
C GLU C 326 -19.61 -37.84 -16.60
N LYS C 327 -18.37 -37.70 -16.14
CA LYS C 327 -17.77 -36.40 -15.92
C LYS C 327 -17.18 -35.90 -17.24
N ILE C 328 -17.72 -34.80 -17.75
CA ILE C 328 -17.41 -34.29 -19.08
C ILE C 328 -16.62 -33.00 -18.98
N ILE C 329 -15.52 -32.91 -19.74
CA ILE C 329 -14.78 -31.67 -19.92
C ILE C 329 -14.78 -31.35 -21.40
N VAL C 330 -15.44 -30.26 -21.78
CA VAL C 330 -15.54 -29.85 -23.18
C VAL C 330 -14.60 -28.67 -23.42
N PHE C 331 -13.74 -28.81 -24.42
CA PHE C 331 -12.79 -27.77 -24.80
C PHE C 331 -13.27 -27.03 -26.04
N THR C 332 -12.68 -25.85 -26.25
CA THR C 332 -12.99 -25.00 -27.39
C THR C 332 -11.72 -24.28 -27.82
N ARG C 333 -11.82 -23.55 -28.92
CA ARG C 333 -10.65 -22.85 -29.45
C ARG C 333 -10.48 -21.48 -28.81
N ASP C 334 -11.53 -20.67 -28.79
CA ASP C 334 -11.45 -19.31 -28.32
C ASP C 334 -12.45 -19.05 -27.20
N THR C 335 -12.21 -17.93 -26.49
CA THR C 335 -13.14 -17.49 -25.46
C THR C 335 -14.53 -17.24 -26.02
N GLN C 336 -14.61 -16.82 -27.30
CA GLN C 336 -15.90 -16.58 -27.93
C GLN C 336 -16.79 -17.82 -27.84
N MET C 337 -16.29 -18.95 -28.36
CA MET C 337 -17.09 -20.17 -28.35
C MET C 337 -17.22 -20.74 -26.95
N ALA C 338 -16.22 -20.52 -26.09
CA ALA C 338 -16.34 -20.95 -24.70
C ALA C 338 -17.57 -20.32 -24.03
N TYR C 339 -17.67 -18.98 -24.10
CA TYR C 339 -18.81 -18.32 -23.49
C TYR C 339 -20.10 -18.57 -24.25
N ARG C 340 -20.01 -18.79 -25.56
CA ARG C 340 -21.16 -19.26 -26.32
C ARG C 340 -21.74 -20.53 -25.69
N ILE C 341 -20.86 -21.50 -25.44
CA ILE C 341 -21.28 -22.76 -24.82
C ILE C 341 -21.83 -22.51 -23.42
N SER C 342 -21.17 -21.64 -22.65
CA SER C 342 -21.62 -21.39 -21.28
C SER C 342 -23.01 -20.79 -21.24
N LYS C 343 -23.30 -19.88 -22.17
CA LYS C 343 -24.62 -19.26 -22.20
C LYS C 343 -25.66 -20.20 -22.78
N THR C 344 -25.27 -21.10 -23.69
CA THR C 344 -26.26 -21.97 -24.30
C THR C 344 -26.63 -23.13 -23.39
N PHE C 345 -25.65 -23.77 -22.76
CA PHE C 345 -25.87 -25.02 -22.05
C PHE C 345 -25.69 -24.91 -20.53
N LEU C 346 -25.46 -23.70 -20.02
CA LEU C 346 -25.37 -23.46 -18.59
C LEU C 346 -24.23 -24.29 -17.98
N ILE C 347 -23.02 -23.99 -18.44
CA ILE C 347 -21.81 -24.70 -18.01
C ILE C 347 -20.76 -23.68 -17.62
N PRO C 348 -20.03 -23.87 -16.52
CA PRO C 348 -19.01 -22.89 -16.14
C PRO C 348 -17.85 -22.86 -17.12
N VAL C 349 -17.41 -21.65 -17.47
CA VAL C 349 -16.25 -21.45 -18.33
C VAL C 349 -15.02 -21.29 -17.46
N VAL C 350 -13.86 -21.65 -18.03
CA VAL C 350 -12.58 -21.43 -17.38
C VAL C 350 -11.65 -20.89 -18.45
N THR C 351 -11.44 -19.56 -18.46
CA THR C 351 -10.44 -18.94 -19.31
C THR C 351 -9.53 -18.03 -18.46
N TYR C 352 -8.66 -17.26 -19.11
CA TYR C 352 -7.90 -16.26 -18.37
C TYR C 352 -8.81 -15.13 -17.89
N LYS C 353 -9.92 -14.90 -18.58
CA LYS C 353 -10.81 -13.80 -18.24
C LYS C 353 -11.48 -14.03 -16.89
N THR C 354 -11.73 -15.29 -16.56
CA THR C 354 -12.25 -15.65 -15.25
C THR C 354 -11.19 -15.40 -14.20
N ASP C 355 -11.64 -15.02 -13.01
CA ASP C 355 -10.75 -14.59 -11.95
C ASP C 355 -10.08 -15.79 -11.29
N LYS C 356 -9.18 -15.50 -10.33
CA LYS C 356 -8.40 -16.55 -9.69
C LYS C 356 -9.27 -17.40 -8.75
N ASP C 357 -9.98 -16.74 -7.83
CA ASP C 357 -10.80 -17.47 -6.87
C ASP C 357 -11.92 -18.24 -7.55
N GLU C 358 -12.56 -17.61 -8.55
CA GLU C 358 -13.62 -18.30 -9.27
C GLU C 358 -13.08 -19.55 -9.98
N ARG C 359 -11.92 -19.43 -10.63
CA ARG C 359 -11.32 -20.59 -11.28
C ARG C 359 -11.06 -21.71 -10.29
N GLU C 360 -10.40 -21.39 -9.17
CA GLU C 360 -10.07 -22.43 -8.20
C GLU C 360 -11.32 -23.03 -7.57
N GLU C 361 -12.36 -22.23 -7.37
CA GLU C 361 -13.60 -22.75 -6.79
C GLU C 361 -14.33 -23.67 -7.77
N ILE C 362 -14.30 -23.33 -9.06
CA ILE C 362 -14.90 -24.21 -10.06
C ILE C 362 -14.13 -25.53 -10.13
N LEU C 363 -12.81 -25.47 -10.04
CA LEU C 363 -12.03 -26.71 -9.95
C LEU C 363 -12.42 -27.53 -8.71
N GLN C 364 -12.58 -26.87 -7.57
CA GLN C 364 -12.92 -27.57 -6.34
C GLN C 364 -14.27 -28.28 -6.47
N LYS C 365 -15.27 -27.57 -6.97
CA LYS C 365 -16.60 -28.16 -7.11
C LYS C 365 -16.69 -29.14 -8.27
N PHE C 366 -15.81 -29.05 -9.28
CA PHE C 366 -15.77 -30.08 -10.31
C PHE C 366 -15.17 -31.36 -9.76
N ARG C 367 -14.13 -31.25 -8.92
CA ARG C 367 -13.59 -32.43 -8.25
C ARG C 367 -14.61 -33.04 -7.31
N ASP C 368 -15.30 -32.20 -6.53
CA ASP C 368 -16.29 -32.71 -5.58
C ASP C 368 -17.42 -33.43 -6.30
N GLY C 369 -17.74 -33.02 -7.52
CA GLY C 369 -18.83 -33.60 -8.28
C GLY C 369 -20.07 -32.74 -8.38
N GLU C 370 -20.10 -31.59 -7.69
CA GLU C 370 -21.27 -30.72 -7.78
C GLU C 370 -21.46 -30.21 -9.19
N TYR C 371 -20.38 -29.89 -9.89
CA TYR C 371 -20.40 -29.60 -11.32
C TYR C 371 -19.99 -30.86 -12.09
N ARG C 372 -20.91 -31.38 -12.92
CA ARG C 372 -20.61 -32.57 -13.71
C ARG C 372 -19.85 -32.21 -14.97
N VAL C 373 -20.29 -31.17 -15.68
CA VAL C 373 -19.76 -30.80 -16.97
C VAL C 373 -19.15 -29.40 -16.88
N ILE C 374 -17.98 -29.23 -17.50
CA ILE C 374 -17.23 -27.98 -17.45
C ILE C 374 -16.73 -27.65 -18.86
N VAL C 375 -16.54 -26.37 -19.14
CA VAL C 375 -16.04 -25.91 -20.44
C VAL C 375 -14.86 -24.98 -20.24
N ALA C 376 -13.78 -25.22 -20.99
CA ALA C 376 -12.55 -24.44 -20.93
C ALA C 376 -11.97 -24.34 -22.34
N SER C 377 -11.14 -23.33 -22.58
CA SER C 377 -10.64 -23.14 -23.95
C SER C 377 -9.26 -23.76 -24.17
N THR C 378 -8.23 -23.24 -23.51
CA THR C 378 -6.90 -23.83 -23.60
C THR C 378 -6.18 -23.84 -22.26
N VAL C 379 -6.80 -23.28 -21.21
CA VAL C 379 -6.11 -23.07 -19.95
C VAL C 379 -5.82 -24.37 -19.21
N PHE C 380 -6.43 -25.47 -19.63
CA PHE C 380 -6.22 -26.77 -19.00
C PHE C 380 -5.29 -27.65 -19.82
N ASP C 381 -4.56 -27.06 -20.77
CA ASP C 381 -3.54 -27.81 -21.50
C ASP C 381 -2.31 -28.07 -20.64
N GLU C 382 -1.96 -27.13 -19.77
CA GLU C 382 -0.74 -27.20 -19.00
C GLU C 382 -0.83 -28.32 -17.96
N GLY C 383 0.26 -28.52 -17.23
CA GLY C 383 0.27 -29.46 -16.14
C GLY C 383 -0.24 -28.82 -14.87
N VAL C 384 -1.47 -28.30 -14.93
CA VAL C 384 -2.07 -27.58 -13.81
C VAL C 384 -2.57 -28.51 -12.71
N ASP C 385 -2.52 -29.83 -12.93
CA ASP C 385 -3.11 -30.82 -12.03
C ASP C 385 -4.62 -30.63 -11.93
N VAL C 386 -5.27 -30.63 -13.09
CA VAL C 386 -6.73 -30.52 -13.16
C VAL C 386 -7.32 -31.89 -12.88
N PRO C 387 -8.37 -31.98 -12.06
CA PRO C 387 -9.01 -33.27 -11.80
C PRO C 387 -9.42 -33.94 -13.10
N ASP C 388 -9.11 -35.23 -13.21
CA ASP C 388 -9.36 -35.95 -14.45
C ASP C 388 -10.87 -36.10 -14.68
N ALA C 389 -11.19 -36.69 -15.82
CA ALA C 389 -12.56 -37.01 -16.20
C ALA C 389 -12.54 -38.29 -17.01
N THR C 390 -13.66 -38.60 -17.67
CA THR C 390 -13.69 -39.69 -18.63
C THR C 390 -13.97 -39.17 -20.04
N LEU C 391 -15.06 -38.43 -20.23
CA LEU C 391 -15.39 -37.86 -21.52
C LEU C 391 -14.77 -36.47 -21.66
N ALA C 392 -14.04 -36.25 -22.76
CA ALA C 392 -13.41 -34.97 -23.05
C ALA C 392 -13.70 -34.58 -24.50
N ILE C 393 -14.49 -33.53 -24.70
CA ILE C 393 -14.93 -33.09 -26.02
C ILE C 393 -14.08 -31.90 -26.45
N VAL C 394 -13.84 -31.80 -27.75
CA VAL C 394 -13.07 -30.71 -28.35
C VAL C 394 -13.92 -30.02 -29.40
N MET C 395 -14.01 -28.69 -29.31
CA MET C 395 -14.76 -27.89 -30.25
C MET C 395 -13.87 -27.00 -31.10
N GLY C 396 -12.62 -26.77 -30.67
CA GLY C 396 -11.66 -26.03 -31.45
C GLY C 396 -10.37 -26.80 -31.69
N GLY C 397 -10.08 -27.16 -32.93
CA GLY C 397 -8.85 -27.88 -33.21
C GLY C 397 -7.61 -27.13 -32.79
N TYR C 398 -7.62 -25.80 -32.93
CA TYR C 398 -6.52 -24.92 -32.56
C TYR C 398 -5.19 -25.40 -33.15
N GLY C 399 -5.24 -25.95 -34.36
CA GLY C 399 -4.00 -26.32 -35.00
C GLY C 399 -3.36 -27.41 -34.18
N THR C 400 -3.84 -28.65 -34.28
CA THR C 400 -3.57 -29.58 -33.19
C THR C 400 -2.11 -29.99 -33.12
N LYS C 401 -1.27 -29.01 -32.77
CA LYS C 401 0.12 -29.28 -32.43
C LYS C 401 0.16 -30.29 -31.30
N ARG C 402 1.22 -31.10 -31.29
CA ARG C 402 1.28 -32.19 -30.31
C ARG C 402 1.13 -31.68 -28.89
N GLN C 403 1.47 -30.42 -28.63
CA GLN C 403 1.24 -29.85 -27.31
C GLN C 403 -0.25 -29.81 -26.99
N PHE C 404 -1.05 -29.27 -27.91
CA PHE C 404 -2.48 -29.06 -27.67
C PHE C 404 -3.31 -30.33 -27.83
N LEU C 405 -2.71 -31.47 -28.10
CA LEU C 405 -3.41 -32.75 -28.04
C LEU C 405 -2.83 -33.67 -26.99
N GLN C 406 -1.52 -33.93 -27.04
CA GLN C 406 -0.91 -34.81 -26.05
C GLN C 406 -1.03 -34.22 -24.66
N ARG C 407 -0.59 -32.98 -24.46
CA ARG C 407 -0.71 -32.35 -23.15
C ARG C 407 -2.16 -31.99 -22.83
N LEU C 408 -3.04 -31.95 -23.82
CA LEU C 408 -4.46 -31.71 -23.58
C LEU C 408 -5.27 -32.99 -23.46
N GLY C 409 -4.96 -33.99 -24.27
CA GLY C 409 -5.64 -35.27 -24.16
C GLY C 409 -4.98 -36.16 -23.13
N ARG C 410 -4.18 -35.55 -22.24
CA ARG C 410 -3.55 -36.26 -21.14
C ARG C 410 -4.02 -35.76 -19.80
N ILE C 411 -5.21 -35.16 -19.73
CA ILE C 411 -5.87 -34.84 -18.47
C ILE C 411 -6.86 -35.94 -18.12
N LEU C 412 -6.64 -37.13 -18.67
CA LEU C 412 -7.42 -38.33 -18.38
C LEU C 412 -6.46 -39.35 -17.77
N ARG C 413 -6.45 -39.47 -16.45
CA ARG C 413 -5.49 -40.32 -15.73
C ARG C 413 -6.20 -41.18 -14.70
N LYS C 414 -7.29 -41.83 -15.11
CA LYS C 414 -8.10 -42.67 -14.24
C LYS C 414 -7.89 -44.14 -14.60
N LYS C 415 -8.70 -45.01 -14.02
CA LYS C 415 -8.65 -46.43 -14.37
C LYS C 415 -10.03 -47.04 -14.16
N ASP C 416 -10.23 -48.20 -14.78
CA ASP C 416 -11.47 -48.97 -14.65
C ASP C 416 -12.67 -48.22 -15.21
N LYS C 417 -12.46 -47.38 -16.22
CA LYS C 417 -13.53 -46.60 -16.83
C LYS C 417 -13.32 -46.52 -18.34
N GLU C 418 -14.31 -45.94 -19.02
CA GLU C 418 -14.32 -45.88 -20.49
C GLU C 418 -13.21 -44.98 -21.01
N ALA C 419 -13.25 -43.69 -20.65
CA ALA C 419 -12.21 -42.71 -20.99
C ALA C 419 -12.07 -42.52 -22.51
N LEU C 420 -13.12 -42.00 -23.13
CA LEU C 420 -13.12 -41.70 -24.56
C LEU C 420 -13.01 -40.19 -24.80
N LEU C 421 -12.47 -39.83 -25.98
CA LEU C 421 -12.30 -38.44 -26.40
C LEU C 421 -13.01 -38.22 -27.72
N ILE C 422 -13.70 -37.08 -27.85
CA ILE C 422 -14.46 -36.75 -29.05
C ILE C 422 -13.84 -35.53 -29.71
N GLU C 423 -13.68 -35.59 -31.03
CA GLU C 423 -13.22 -34.44 -31.81
C GLU C 423 -14.33 -34.05 -32.78
N ILE C 424 -15.05 -32.97 -32.49
CA ILE C 424 -16.11 -32.48 -33.37
C ILE C 424 -15.51 -31.44 -34.31
N VAL C 425 -15.43 -31.76 -35.60
CA VAL C 425 -14.90 -30.85 -36.60
C VAL C 425 -15.94 -30.69 -37.71
N THR C 426 -15.91 -29.54 -38.37
CA THR C 426 -16.76 -29.30 -39.53
C THR C 426 -16.02 -29.82 -40.74
N LYS C 427 -16.73 -30.57 -41.59
CA LYS C 427 -16.04 -31.30 -42.64
C LYS C 427 -15.62 -30.42 -43.81
N GLY C 428 -16.34 -29.32 -44.06
CA GLY C 428 -15.99 -28.47 -45.20
C GLY C 428 -14.62 -27.83 -45.07
N THR C 429 -14.38 -27.15 -43.95
CA THR C 429 -13.17 -26.35 -43.78
C THR C 429 -12.45 -26.83 -42.52
N ALA C 430 -11.34 -26.16 -42.20
CA ALA C 430 -10.55 -26.36 -40.99
C ALA C 430 -10.50 -27.81 -40.55
N ASP C 431 -10.39 -28.73 -41.51
CA ASP C 431 -10.24 -30.15 -41.17
C ASP C 431 -8.98 -30.23 -40.33
N TYR C 432 -7.85 -29.93 -40.97
CA TYR C 432 -6.53 -29.81 -40.37
C TYR C 432 -6.31 -30.82 -39.25
N ARG C 433 -6.35 -32.11 -39.58
CA ARG C 433 -6.26 -33.18 -38.60
C ARG C 433 -4.78 -33.46 -38.37
N LEU C 434 -4.26 -33.02 -37.24
CA LEU C 434 -2.85 -33.19 -36.88
C LEU C 434 -2.78 -33.93 -35.55
N SER C 435 -2.61 -35.25 -35.61
CA SER C 435 -2.51 -36.05 -34.41
C SER C 435 -1.29 -36.97 -34.47
N ARG C 436 -0.93 -37.39 -35.68
CA ARG C 436 0.20 -38.29 -35.90
C ARG C 436 0.14 -39.53 -35.02
N MET D 1 1.63 8.80 -18.43
CA MET D 1 1.70 7.35 -18.63
C MET D 1 2.00 7.02 -20.09
N GLY D 2 2.62 5.87 -20.31
CA GLY D 2 3.02 5.44 -21.63
C GLY D 2 2.10 4.39 -22.23
N LEU D 3 2.40 4.03 -23.48
CA LEU D 3 1.64 3.06 -24.25
C LEU D 3 2.48 1.80 -24.51
N PRO D 4 1.85 0.68 -24.88
CA PRO D 4 2.61 -0.56 -25.03
C PRO D 4 3.52 -0.58 -26.26
N TRP D 5 4.59 -1.36 -26.15
CA TRP D 5 5.61 -1.41 -27.19
C TRP D 5 5.04 -1.84 -28.55
N GLU D 6 4.02 -2.69 -28.56
CA GLU D 6 3.40 -3.07 -29.82
C GLU D 6 2.53 -1.96 -30.41
N LEU D 7 2.46 -0.79 -29.76
CA LEU D 7 1.82 0.39 -30.31
C LEU D 7 2.82 1.51 -30.59
N ALA D 8 4.08 1.35 -30.20
CA ALA D 8 5.14 2.29 -30.56
C ALA D 8 5.33 2.31 -32.08
N ARG D 9 4.98 3.42 -32.71
CA ARG D 9 4.99 3.57 -34.17
C ARG D 9 6.09 4.55 -34.58
N PHE D 10 7.14 4.04 -35.23
CA PHE D 10 8.26 4.88 -35.62
C PHE D 10 9.00 4.23 -36.77
N SER D 11 10.01 4.94 -37.28
CA SER D 11 10.84 4.49 -38.39
C SER D 11 12.31 4.66 -38.02
N ILE D 12 13.19 4.07 -38.83
CA ILE D 12 14.63 4.22 -38.68
C ILE D 12 15.19 4.74 -40.00
N VAL D 13 16.00 5.78 -39.93
CA VAL D 13 16.62 6.39 -41.10
C VAL D 13 18.12 6.50 -40.82
N LYS D 14 18.90 5.58 -41.40
CA LYS D 14 20.36 5.60 -41.32
C LYS D 14 20.85 5.58 -39.87
N ASP D 15 20.42 4.54 -39.15
CA ASP D 15 20.76 4.36 -37.74
C ASP D 15 20.37 5.58 -36.91
N GLU D 16 19.20 6.14 -37.23
CA GLU D 16 18.65 7.28 -36.51
C GLU D 16 17.14 7.10 -36.41
N VAL D 17 16.64 7.05 -35.18
CA VAL D 17 15.20 6.83 -34.97
C VAL D 17 14.45 8.13 -35.30
N LEU D 18 13.35 7.99 -36.03
CA LEU D 18 12.46 9.11 -36.30
C LEU D 18 11.06 8.70 -35.88
N PRO D 19 10.60 9.15 -34.71
CA PRO D 19 9.27 8.77 -34.23
C PRO D 19 8.16 9.37 -35.09
N HIS D 20 7.20 8.53 -35.45
CA HIS D 20 6.05 8.94 -36.24
C HIS D 20 5.03 9.55 -35.30
N PHE D 21 5.04 10.89 -35.17
CA PHE D 21 4.08 11.57 -34.33
C PHE D 21 2.77 11.73 -35.09
N ALA D 22 1.86 12.55 -34.57
CA ALA D 22 0.55 12.78 -35.16
C ALA D 22 0.40 14.26 -35.50
N THR D 23 0.25 14.56 -36.78
CA THR D 23 0.05 15.93 -37.23
C THR D 23 -1.38 16.39 -36.95
N ASN D 24 -1.71 17.60 -37.40
CA ASN D 24 -3.06 18.12 -37.20
C ASN D 24 -4.07 17.51 -38.16
N GLU D 25 -3.62 17.08 -39.34
CA GLU D 25 -4.54 16.42 -40.28
C GLU D 25 -5.22 15.21 -39.67
N ASP D 26 -4.72 14.70 -38.55
CA ASP D 26 -5.24 13.49 -37.93
C ASP D 26 -6.32 13.80 -36.90
N LEU D 27 -6.47 15.07 -36.51
CA LEU D 27 -7.49 15.46 -35.55
C LEU D 27 -8.85 14.85 -35.89
N ASP D 28 -9.18 14.81 -37.19
CA ASP D 28 -10.45 14.24 -37.63
C ASP D 28 -10.68 12.88 -36.97
N LEU D 29 -9.75 11.95 -37.16
CA LEU D 29 -9.82 10.65 -36.51
C LEU D 29 -10.09 10.80 -35.01
N ALA D 30 -9.23 11.57 -34.33
CA ALA D 30 -9.39 11.75 -32.89
C ALA D 30 -10.82 12.15 -32.53
N ASN D 31 -11.42 13.07 -33.31
CA ASN D 31 -12.77 13.51 -33.02
C ASN D 31 -13.70 12.31 -32.87
N GLU D 32 -13.74 11.44 -33.88
CA GLU D 32 -14.63 10.29 -33.80
C GLU D 32 -14.28 9.41 -32.61
N ILE D 33 -12.99 9.22 -32.34
CA ILE D 33 -12.59 8.37 -31.22
C ILE D 33 -13.02 8.99 -29.91
N ILE D 34 -13.10 10.33 -29.84
CA ILE D 34 -13.64 10.95 -28.65
C ILE D 34 -15.16 10.91 -28.70
N SER D 35 -15.73 11.04 -29.90
CA SER D 35 -17.18 11.03 -30.07
C SER D 35 -17.75 9.62 -29.96
N LEU D 36 -16.91 8.60 -29.87
CA LEU D 36 -17.40 7.25 -29.70
C LEU D 36 -17.73 6.94 -28.25
N PHE D 37 -17.01 7.52 -27.31
CA PHE D 37 -17.21 7.19 -25.90
C PHE D 37 -18.36 8.03 -25.33
N LYS D 38 -19.55 7.44 -25.33
CA LYS D 38 -20.72 8.01 -24.68
C LYS D 38 -20.95 7.30 -23.35
N ALA D 39 -21.68 7.96 -22.47
CA ALA D 39 -22.04 7.37 -21.19
C ALA D 39 -22.97 6.18 -21.39
N GLY D 40 -22.74 5.12 -20.61
CA GLY D 40 -23.57 3.93 -20.69
C GLY D 40 -23.36 3.07 -21.91
N LYS D 41 -22.14 3.04 -22.43
CA LYS D 41 -21.80 2.21 -23.58
C LYS D 41 -20.75 1.19 -23.14
N LYS D 42 -20.84 -0.01 -23.69
CA LYS D 42 -19.96 -1.10 -23.29
C LYS D 42 -18.71 -1.14 -24.17
N LEU D 43 -17.62 -1.63 -23.59
CA LEU D 43 -16.34 -1.66 -24.29
C LEU D 43 -16.38 -2.57 -25.51
N GLY D 44 -17.16 -3.65 -25.43
CA GLY D 44 -17.32 -4.52 -26.59
C GLY D 44 -17.96 -3.81 -27.76
N GLU D 45 -19.05 -3.09 -27.50
CA GLU D 45 -19.69 -2.30 -28.54
C GLU D 45 -18.73 -1.28 -29.10
N ILE D 46 -17.81 -0.78 -28.26
CA ILE D 46 -16.83 0.19 -28.70
C ILE D 46 -15.85 -0.43 -29.68
N ASP D 47 -15.18 -1.51 -29.26
CA ASP D 47 -14.22 -2.17 -30.13
C ASP D 47 -14.88 -2.66 -31.41
N GLU D 48 -16.11 -3.16 -31.32
CA GLU D 48 -16.80 -3.62 -32.51
C GLU D 48 -17.14 -2.47 -33.46
N GLU D 49 -17.38 -1.28 -32.91
CA GLU D 49 -17.71 -0.15 -33.77
C GLU D 49 -16.49 0.53 -34.38
N ILE D 50 -15.28 0.21 -33.91
CA ILE D 50 -14.07 0.79 -34.46
C ILE D 50 -13.36 -0.16 -35.41
N GLU D 51 -14.01 -1.26 -35.80
CA GLU D 51 -13.41 -2.21 -36.74
C GLU D 51 -13.05 -1.53 -38.05
N TYR D 52 -14.03 -0.89 -38.68
CA TYR D 52 -13.78 -0.18 -39.93
C TYR D 52 -12.90 1.06 -39.74
N LEU D 53 -12.92 1.69 -38.56
CA LEU D 53 -11.94 2.75 -38.32
C LEU D 53 -10.52 2.21 -38.41
N GLU D 54 -10.29 1.01 -37.86
CA GLU D 54 -8.99 0.36 -38.04
C GLU D 54 -8.78 -0.09 -39.48
N LYS D 55 -9.87 -0.34 -40.21
CA LYS D 55 -9.76 -0.74 -41.61
C LYS D 55 -9.50 0.44 -42.55
N ILE D 56 -9.78 1.67 -42.13
CA ILE D 56 -9.61 2.85 -42.96
C ILE D 56 -8.34 3.60 -42.61
N TYR D 57 -8.13 3.88 -41.32
CA TYR D 57 -6.97 4.63 -40.87
C TYR D 57 -5.93 3.66 -40.30
N ASP D 58 -4.79 4.21 -39.86
CA ASP D 58 -3.72 3.39 -39.31
C ASP D 58 -4.18 2.77 -37.99
N HIS D 59 -4.17 1.43 -37.92
CA HIS D 59 -4.74 0.72 -36.79
C HIS D 59 -4.00 1.00 -35.48
N LYS D 60 -2.67 1.14 -35.54
CA LYS D 60 -1.90 1.36 -34.32
C LYS D 60 -2.31 2.65 -33.62
N LEU D 61 -2.58 3.70 -34.41
CA LEU D 61 -3.03 4.97 -33.86
C LEU D 61 -4.42 4.86 -33.25
N VAL D 62 -5.32 4.14 -33.89
CA VAL D 62 -6.67 3.97 -33.35
C VAL D 62 -6.62 3.22 -32.03
N ARG D 63 -5.82 2.16 -31.95
CA ARG D 63 -5.67 1.44 -30.69
C ARG D 63 -5.07 2.32 -29.60
N ALA D 64 -4.04 3.10 -29.94
CA ALA D 64 -3.46 3.98 -28.93
C ALA D 64 -4.48 4.99 -28.42
N PHE D 65 -5.24 5.59 -29.34
CA PHE D 65 -6.27 6.55 -28.94
C PHE D 65 -7.29 5.91 -28.01
N VAL D 66 -7.84 4.75 -28.41
CA VAL D 66 -8.89 4.15 -27.62
C VAL D 66 -8.36 3.70 -26.27
N LYS D 67 -7.11 3.22 -26.22
CA LYS D 67 -6.54 2.80 -24.94
C LYS D 67 -6.38 3.98 -24.00
N LEU D 68 -5.84 5.10 -24.49
CA LEU D 68 -5.68 6.28 -23.63
C LEU D 68 -7.05 6.76 -23.13
N LEU D 69 -8.01 6.86 -24.05
CA LEU D 69 -9.33 7.37 -23.69
C LEU D 69 -10.03 6.46 -22.69
N THR D 70 -9.81 5.14 -22.78
CA THR D 70 -10.31 4.24 -21.74
C THR D 70 -9.56 4.43 -20.42
N ARG D 71 -8.27 4.78 -20.49
CA ARG D 71 -7.54 5.09 -19.26
C ARG D 71 -8.10 6.32 -18.56
N LEU D 72 -8.72 7.24 -19.33
CA LEU D 72 -9.32 8.42 -18.71
C LEU D 72 -10.76 8.23 -18.28
N CYS D 73 -11.47 7.26 -18.84
CA CYS D 73 -12.91 7.16 -18.62
C CYS D 73 -13.23 6.75 -17.19
N GLU D 74 -14.51 6.88 -16.85
CA GLU D 74 -15.05 6.44 -15.57
C GLU D 74 -15.93 5.22 -15.85
N PHE D 75 -15.52 4.07 -15.33
CA PHE D 75 -16.17 2.80 -15.60
C PHE D 75 -17.14 2.43 -14.49
N GLU D 76 -18.13 1.61 -14.86
CA GLU D 76 -19.07 1.03 -13.92
C GLU D 76 -18.67 -0.42 -13.66
N LEU D 77 -18.86 -0.86 -12.42
CA LEU D 77 -18.56 -2.26 -12.08
C LEU D 77 -19.39 -3.20 -12.94
N ASP D 78 -20.71 -3.15 -12.79
CA ASP D 78 -21.66 -3.87 -13.63
C ASP D 78 -23.06 -3.47 -13.18
N SER D 79 -24.04 -3.88 -13.97
CA SER D 79 -25.44 -3.64 -13.67
C SER D 79 -26.03 -4.64 -12.65
N PRO D 80 -25.73 -5.94 -12.71
CA PRO D 80 -26.27 -6.85 -11.69
C PRO D 80 -25.57 -6.65 -10.35
N ILE D 81 -26.34 -6.72 -9.28
CA ILE D 81 -25.77 -6.50 -7.95
C ILE D 81 -24.93 -7.72 -7.54
N PRO D 82 -25.35 -8.96 -7.82
CA PRO D 82 -24.45 -10.11 -7.63
C PRO D 82 -23.69 -10.43 -8.91
N PRO D 83 -22.57 -9.78 -9.18
CA PRO D 83 -21.93 -9.95 -10.50
C PRO D 83 -21.49 -11.37 -10.79
N ILE D 84 -21.00 -12.10 -9.78
CA ILE D 84 -20.51 -13.45 -9.97
C ILE D 84 -21.50 -14.49 -9.44
N GLN D 85 -22.08 -14.23 -8.26
CA GLN D 85 -22.95 -15.21 -7.61
C GLN D 85 -24.12 -15.65 -8.49
N ILE D 86 -24.48 -14.85 -9.50
CA ILE D 86 -25.52 -15.27 -10.44
C ILE D 86 -25.19 -16.63 -11.04
N ARG D 87 -23.98 -16.76 -11.62
CA ARG D 87 -23.59 -18.03 -12.20
C ARG D 87 -23.29 -19.07 -11.11
N ARG D 88 -22.90 -18.62 -9.91
CA ARG D 88 -22.74 -19.55 -8.80
C ARG D 88 -24.01 -20.35 -8.58
N GLU D 89 -25.14 -19.66 -8.38
CA GLU D 89 -26.39 -20.36 -8.10
C GLU D 89 -27.11 -20.83 -9.36
N LEU D 90 -26.70 -20.34 -10.54
CA LEU D 90 -27.38 -20.72 -11.77
C LEU D 90 -26.74 -21.92 -12.45
N PHE D 91 -25.43 -22.08 -12.35
CA PHE D 91 -24.75 -23.20 -12.98
C PHE D 91 -24.85 -24.49 -12.16
N LYS D 92 -25.32 -24.41 -10.92
CA LYS D 92 -25.47 -25.60 -10.09
C LYS D 92 -26.55 -26.54 -10.62
N TYR D 93 -27.33 -26.12 -11.61
CA TYR D 93 -28.47 -26.89 -12.10
C TYR D 93 -28.13 -27.70 -13.36
N GLY D 94 -26.93 -28.27 -13.42
CA GLY D 94 -26.52 -29.14 -14.50
C GLY D 94 -26.61 -28.53 -15.88
N PRO D 95 -26.31 -29.35 -16.90
CA PRO D 95 -26.48 -28.88 -18.29
C PRO D 95 -27.89 -29.05 -18.82
N VAL D 96 -28.49 -27.94 -19.26
CA VAL D 96 -29.83 -27.92 -19.83
C VAL D 96 -29.74 -28.25 -21.31
N LEU D 97 -30.76 -28.98 -21.82
CA LEU D 97 -30.76 -29.43 -23.20
C LEU D 97 -32.04 -29.07 -23.95
N ASP D 98 -32.86 -28.17 -23.41
CA ASP D 98 -34.07 -27.75 -24.09
C ASP D 98 -34.34 -26.29 -23.78
N GLU D 99 -34.84 -25.55 -24.77
CA GLU D 99 -35.03 -24.11 -24.61
C GLU D 99 -36.16 -23.79 -23.63
N LYS D 100 -37.25 -24.56 -23.67
CA LYS D 100 -38.33 -24.35 -22.71
C LYS D 100 -37.85 -24.57 -21.28
N GLU D 101 -37.07 -25.63 -21.07
CA GLU D 101 -36.52 -25.90 -19.73
C GLU D 101 -35.53 -24.83 -19.32
N ARG D 102 -34.74 -24.32 -20.28
CA ARG D 102 -33.79 -23.26 -19.95
C ARG D 102 -34.51 -22.00 -19.53
N GLU D 103 -35.57 -21.63 -20.25
CA GLU D 103 -36.36 -20.46 -19.87
C GLU D 103 -37.00 -20.65 -18.51
N ASP D 104 -37.49 -21.87 -18.23
CA ASP D 104 -38.06 -22.14 -16.91
C ASP D 104 -37.02 -21.93 -15.81
N ILE D 105 -35.80 -22.44 -16.02
CA ILE D 105 -34.76 -22.31 -14.99
C ILE D 105 -34.32 -20.86 -14.84
N ILE D 106 -34.19 -20.13 -15.94
CA ILE D 106 -33.73 -18.74 -15.80
C ILE D 106 -34.80 -17.90 -15.14
N GLN D 107 -36.08 -18.22 -15.36
CA GLN D 107 -37.14 -17.50 -14.64
C GLN D 107 -37.15 -17.87 -13.16
N LYS D 108 -36.91 -19.14 -12.84
CA LYS D 108 -36.80 -19.52 -11.43
C LYS D 108 -35.65 -18.77 -10.75
N VAL D 109 -34.55 -18.58 -11.48
CA VAL D 109 -33.41 -17.86 -10.91
C VAL D 109 -33.71 -16.38 -10.77
N SER D 110 -34.34 -15.77 -11.78
CA SER D 110 -34.73 -14.37 -11.68
C SER D 110 -35.77 -14.16 -10.58
N LYS D 111 -36.49 -15.21 -10.19
CA LYS D 111 -37.35 -15.08 -9.01
C LYS D 111 -36.55 -15.24 -7.72
N LYS D 112 -35.52 -16.10 -7.73
CA LYS D 112 -34.73 -16.33 -6.53
C LYS D 112 -33.90 -15.11 -6.12
N LEU D 113 -33.51 -14.27 -7.07
CA LEU D 113 -32.77 -13.05 -6.78
C LEU D 113 -33.40 -11.91 -7.57
N GLY D 114 -32.66 -10.80 -7.68
CA GLY D 114 -33.03 -9.66 -8.51
C GLY D 114 -33.55 -10.08 -9.88
N ALA D 115 -34.82 -9.77 -10.15
CA ALA D 115 -35.53 -10.24 -11.33
C ALA D 115 -34.90 -9.91 -12.69
N ASP D 116 -33.86 -9.09 -12.72
CA ASP D 116 -33.17 -8.79 -13.99
C ASP D 116 -31.94 -9.66 -14.17
N ILE D 117 -32.18 -10.96 -14.40
CA ILE D 117 -31.09 -11.91 -14.56
C ILE D 117 -30.82 -12.13 -16.04
N MET D 118 -31.87 -12.04 -16.85
CA MET D 118 -31.80 -12.45 -18.26
C MET D 118 -30.76 -11.67 -19.05
N ARG D 119 -30.51 -10.41 -18.70
CA ARG D 119 -29.59 -9.57 -19.45
C ARG D 119 -28.23 -9.38 -18.79
N PHE D 120 -28.10 -9.70 -17.50
CA PHE D 120 -26.91 -9.34 -16.73
C PHE D 120 -26.01 -10.54 -16.43
N VAL D 121 -26.10 -11.60 -17.25
CA VAL D 121 -25.50 -12.88 -16.89
C VAL D 121 -23.98 -12.76 -16.77
N PHE D 122 -23.32 -12.45 -17.87
CA PHE D 122 -21.85 -12.33 -17.87
C PHE D 122 -21.50 -10.85 -17.85
N SER D 123 -21.49 -10.29 -16.66
CA SER D 123 -20.90 -9.00 -16.38
C SER D 123 -19.56 -9.26 -15.69
N ASP D 124 -18.93 -8.21 -15.15
CA ASP D 124 -17.66 -8.35 -14.44
C ASP D 124 -16.57 -8.88 -15.37
N LEU D 125 -16.45 -8.23 -16.53
CA LEU D 125 -15.41 -8.54 -17.50
C LEU D 125 -15.22 -7.35 -18.42
N ASP D 126 -14.18 -7.43 -19.25
CA ASP D 126 -13.75 -6.28 -20.04
C ASP D 126 -14.87 -5.74 -20.91
N GLU D 127 -15.44 -6.60 -21.76
CA GLU D 127 -16.35 -6.14 -22.81
C GLU D 127 -17.62 -5.52 -22.25
N GLU D 128 -18.09 -6.00 -21.09
CA GLU D 128 -19.40 -5.63 -20.58
C GLU D 128 -19.36 -4.44 -19.63
N LYS D 129 -18.19 -3.85 -19.40
CA LYS D 129 -18.12 -2.68 -18.52
C LYS D 129 -18.76 -1.48 -19.20
N LYS D 130 -19.58 -0.76 -18.44
CA LYS D 130 -20.28 0.40 -18.95
C LYS D 130 -19.56 1.69 -18.55
N ILE D 131 -20.05 2.81 -19.09
CA ILE D 131 -19.49 4.13 -18.86
C ILE D 131 -20.51 4.95 -18.06
N ILE D 132 -20.06 5.53 -16.95
CA ILE D 132 -20.92 6.40 -16.16
C ILE D 132 -20.96 7.80 -16.74
N LYS D 133 -19.80 8.43 -16.93
CA LYS D 133 -19.70 9.74 -17.54
C LYS D 133 -18.46 9.80 -18.43
N ALA D 134 -18.63 10.41 -19.61
CA ALA D 134 -17.52 10.56 -20.54
C ALA D 134 -16.56 11.65 -20.07
N PRO D 135 -15.27 11.35 -19.94
CA PRO D 135 -14.31 12.37 -19.49
C PRO D 135 -14.16 13.48 -20.52
N THR D 136 -14.19 14.72 -20.05
CA THR D 136 -14.08 15.88 -20.94
C THR D 136 -12.64 16.08 -21.37
N ILE D 137 -12.42 16.18 -22.68
CA ILE D 137 -11.07 16.37 -23.24
C ILE D 137 -11.19 16.81 -24.71
N SER D 138 -10.21 17.58 -25.17
CA SER D 138 -10.17 18.05 -26.54
C SER D 138 -9.20 17.24 -27.40
N ALA D 139 -9.28 17.44 -28.72
CA ALA D 139 -8.51 16.63 -29.66
C ALA D 139 -7.03 16.99 -29.63
N GLU D 140 -6.71 18.28 -29.53
CA GLU D 140 -5.30 18.69 -29.48
C GLU D 140 -4.62 18.17 -28.22
N ASP D 141 -5.29 18.24 -27.08
CA ASP D 141 -4.74 17.64 -25.87
C ASP D 141 -4.50 16.15 -26.05
N LEU D 142 -5.40 15.48 -26.75
CA LEU D 142 -5.26 14.04 -26.96
C LEU D 142 -4.05 13.72 -27.83
N ILE D 143 -3.86 14.45 -28.93
CA ILE D 143 -2.71 14.17 -29.78
C ILE D 143 -1.42 14.56 -29.07
N ARG D 144 -1.45 15.60 -28.25
CA ARG D 144 -0.27 15.99 -27.49
C ARG D 144 0.13 14.91 -26.50
N TRP D 145 -0.86 14.35 -25.78
CA TRP D 145 -0.56 13.33 -24.79
C TRP D 145 -0.17 12.01 -25.46
N TYR D 146 -0.74 11.70 -26.63
CA TYR D 146 -0.27 10.55 -27.41
C TYR D 146 1.19 10.73 -27.80
N ASN D 147 1.54 11.92 -28.31
CA ASN D 147 2.92 12.16 -28.70
C ASN D 147 3.86 12.04 -27.50
N LEU D 148 3.46 12.60 -26.35
CA LEU D 148 4.28 12.54 -25.15
C LEU D 148 4.50 11.09 -24.68
N SER D 149 3.42 10.30 -24.64
CA SER D 149 3.54 8.90 -24.23
C SER D 149 4.37 8.11 -25.23
N LEU D 150 4.23 8.41 -26.53
CA LEU D 150 5.04 7.75 -27.54
C LEU D 150 6.52 8.03 -27.28
N LEU D 151 6.85 9.30 -27.03
CA LEU D 151 8.23 9.68 -26.76
C LEU D 151 8.76 8.99 -25.51
N GLN D 152 7.93 8.93 -24.46
CA GLN D 152 8.38 8.30 -23.22
C GLN D 152 8.59 6.80 -23.41
N THR D 153 7.71 6.14 -24.17
CA THR D 153 7.88 4.73 -24.46
C THR D 153 9.18 4.50 -25.23
N LEU D 154 9.49 5.39 -26.18
CA LEU D 154 10.77 5.28 -26.87
C LEU D 154 11.94 5.40 -25.91
N LEU D 155 11.92 6.43 -25.05
CA LEU D 155 13.00 6.64 -24.11
C LEU D 155 13.13 5.52 -23.09
N PHE D 156 12.06 4.75 -22.88
CA PHE D 156 12.15 3.61 -21.98
C PHE D 156 13.20 2.59 -22.43
N LYS D 157 13.61 2.63 -23.70
CA LYS D 157 14.62 1.74 -24.23
C LYS D 157 15.99 2.39 -24.36
N ALA D 158 16.14 3.64 -23.92
CA ALA D 158 17.37 4.38 -24.11
C ALA D 158 18.48 3.88 -23.20
N TYR D 159 19.71 4.01 -23.67
CA TYR D 159 20.88 3.73 -22.84
C TYR D 159 21.42 4.98 -22.16
N LYS D 160 21.45 6.11 -22.86
CA LYS D 160 21.75 7.39 -22.25
C LYS D 160 20.90 8.47 -22.87
N LEU D 161 20.43 9.37 -22.02
CA LEU D 161 19.66 10.53 -22.45
C LEU D 161 20.53 11.76 -22.19
N THR D 162 21.12 12.30 -23.25
CA THR D 162 21.91 13.52 -23.14
C THR D 162 20.96 14.71 -23.32
N VAL D 163 20.91 15.58 -22.32
CA VAL D 163 20.04 16.74 -22.33
C VAL D 163 20.91 17.99 -22.38
N TYR D 164 20.62 18.87 -23.34
CA TYR D 164 21.36 20.11 -23.53
C TYR D 164 20.57 21.24 -22.87
N VAL D 165 21.22 21.98 -21.97
CA VAL D 165 20.54 23.03 -21.22
C VAL D 165 20.38 24.26 -22.09
N SER D 166 19.31 25.02 -21.85
CA SER D 166 19.08 26.25 -22.61
C SER D 166 19.18 27.50 -21.73
N SER D 167 18.33 27.63 -20.71
CA SER D 167 18.42 28.72 -19.74
C SER D 167 18.48 28.23 -18.31
N ASN D 168 17.58 27.33 -17.92
CA ASN D 168 17.52 26.87 -16.53
C ASN D 168 18.53 25.73 -16.34
N TRP D 169 19.43 25.89 -15.38
CA TRP D 169 20.48 24.91 -15.12
C TRP D 169 20.34 24.26 -13.74
N LYS D 170 20.31 25.05 -12.67
CA LYS D 170 20.34 24.48 -11.32
C LYS D 170 19.03 23.76 -10.98
N GLU D 171 17.91 24.22 -11.54
CA GLU D 171 16.61 23.61 -11.21
C GLU D 171 16.57 22.16 -11.66
N ILE D 172 17.06 21.87 -12.86
CA ILE D 172 17.00 20.52 -13.39
C ILE D 172 18.02 19.62 -12.71
N ILE D 173 19.15 20.17 -12.26
CA ILE D 173 20.10 19.34 -11.53
C ILE D 173 19.56 19.05 -10.13
N ARG D 174 18.80 19.96 -9.53
CA ARG D 174 18.14 19.65 -8.27
C ARG D 174 17.09 18.57 -8.46
N ARG D 175 16.29 18.67 -9.53
CA ARG D 175 15.33 17.62 -9.83
C ARG D 175 16.03 16.27 -9.96
N ALA D 176 17.11 16.21 -10.74
CA ALA D 176 17.83 14.96 -10.91
C ALA D 176 18.42 14.46 -9.58
N LYS D 177 18.88 15.37 -8.72
CA LYS D 177 19.45 14.97 -7.44
C LYS D 177 18.40 14.33 -6.54
N TRP D 178 17.24 14.96 -6.40
CA TRP D 178 16.18 14.34 -5.61
C TRP D 178 15.15 13.59 -6.45
N LEU D 179 15.58 13.02 -7.58
CA LEU D 179 14.85 11.94 -8.24
C LEU D 179 15.71 10.68 -8.39
N GLY D 180 16.91 10.68 -7.81
CA GLY D 180 17.78 9.52 -7.78
C GLY D 180 18.47 9.17 -9.07
N LEU D 181 18.28 9.96 -10.13
CA LEU D 181 18.81 9.58 -11.43
C LEU D 181 20.34 9.58 -11.42
N MET D 182 20.91 8.79 -12.32
CA MET D 182 22.35 8.68 -12.48
C MET D 182 22.79 9.60 -13.61
N TYR D 183 23.61 10.59 -13.29
CA TYR D 183 23.96 11.64 -14.21
C TYR D 183 25.47 11.73 -14.34
N PHE D 184 25.92 12.21 -15.50
CA PHE D 184 27.28 12.66 -15.68
C PHE D 184 27.22 14.06 -16.28
N ALA D 185 27.89 15.01 -15.63
CA ALA D 185 27.82 16.41 -16.03
C ALA D 185 29.04 16.71 -16.88
N TYR D 186 28.83 16.88 -18.18
CA TYR D 186 29.88 17.19 -19.13
C TYR D 186 29.69 18.60 -19.67
N ASP D 187 30.80 19.25 -19.99
CA ASP D 187 30.78 20.65 -20.39
C ASP D 187 31.46 20.86 -21.74
N LYS D 188 31.27 19.94 -22.68
CA LYS D 188 31.73 20.32 -24.01
C LYS D 188 30.68 21.28 -24.58
N PRO D 189 29.40 20.94 -24.65
CA PRO D 189 28.35 21.97 -24.81
C PRO D 189 27.66 22.42 -23.53
N LEU D 190 28.16 22.06 -22.35
CA LEU D 190 27.44 22.24 -21.09
C LEU D 190 26.14 21.41 -21.09
N ARG D 191 26.35 20.10 -21.08
CA ARG D 191 25.29 19.12 -21.21
C ARG D 191 25.23 18.23 -19.96
N PHE D 192 24.11 17.51 -19.83
CA PHE D 192 23.96 16.45 -18.84
C PHE D 192 23.69 15.13 -19.54
N GLU D 193 24.48 14.11 -19.22
CA GLU D 193 24.30 12.77 -19.77
C GLU D 193 23.70 11.88 -18.67
N PHE D 194 22.42 11.59 -18.80
CA PHE D 194 21.68 10.75 -17.85
C PHE D 194 21.72 9.30 -18.31
N LEU D 195 22.06 8.40 -17.38
CA LEU D 195 21.98 6.98 -17.68
C LEU D 195 20.53 6.57 -17.92
N GLY D 196 20.31 5.80 -18.98
CA GLY D 196 18.98 5.38 -19.36
C GLY D 196 18.51 4.16 -18.60
N PRO D 197 17.23 3.82 -18.79
CA PRO D 197 16.67 2.66 -18.08
C PRO D 197 17.37 1.35 -18.39
N ALA D 198 17.98 1.21 -19.56
CA ALA D 198 18.63 -0.05 -19.92
C ALA D 198 19.90 -0.32 -19.14
N THR D 199 20.27 0.55 -18.19
CA THR D 199 21.47 0.38 -17.38
C THR D 199 21.19 -0.29 -16.04
N LEU D 200 19.94 -0.67 -15.76
CA LEU D 200 19.59 -1.28 -14.48
C LEU D 200 19.39 -2.78 -14.66
N VAL D 201 19.87 -3.54 -13.67
CA VAL D 201 19.76 -4.99 -13.72
C VAL D 201 18.32 -5.45 -13.52
N LYS D 202 17.75 -5.24 -12.33
CA LYS D 202 16.30 -5.35 -12.13
C LYS D 202 15.86 -4.22 -11.20
N LEU D 203 15.70 -3.02 -11.78
CA LEU D 203 15.05 -1.89 -11.13
C LEU D 203 14.27 -1.07 -12.14
N THR D 204 14.11 -1.59 -13.37
CA THR D 204 13.92 -0.75 -14.55
C THR D 204 12.70 0.15 -14.45
N GLU D 205 11.62 -0.31 -13.81
CA GLU D 205 10.37 0.45 -13.86
C GLU D 205 10.45 1.73 -13.04
N LYS D 206 10.95 1.63 -11.80
CA LYS D 206 11.06 2.83 -10.95
C LYS D 206 12.00 3.86 -11.58
N TYR D 207 13.15 3.39 -12.08
CA TYR D 207 14.11 4.31 -12.67
C TYR D 207 13.55 4.95 -13.94
N GLY D 208 12.86 4.17 -14.76
CA GLY D 208 12.26 4.73 -15.96
C GLY D 208 11.17 5.74 -15.64
N ARG D 209 10.40 5.50 -14.57
CA ARG D 209 9.35 6.43 -14.18
C ARG D 209 9.94 7.75 -13.67
N ASN D 210 11.01 7.67 -12.89
CA ASN D 210 11.63 8.90 -12.41
C ASN D 210 12.27 9.68 -13.55
N LEU D 211 12.93 8.97 -14.48
CA LEU D 211 13.49 9.65 -15.65
C LEU D 211 12.38 10.28 -16.50
N ALA D 212 11.21 9.65 -16.55
CA ALA D 212 10.09 10.23 -17.29
C ALA D 212 9.59 11.49 -16.61
N VAL D 213 9.57 11.52 -15.27
CA VAL D 213 9.20 12.74 -14.55
C VAL D 213 10.17 13.87 -14.91
N LEU D 214 11.47 13.59 -14.84
CA LEU D 214 12.45 14.61 -15.19
C LEU D 214 12.31 15.04 -16.64
N LEU D 215 11.96 14.11 -17.53
CA LEU D 215 11.73 14.46 -18.93
C LEU D 215 10.57 15.44 -19.06
N GLN D 216 9.43 15.09 -18.47
CA GLN D 216 8.28 15.99 -18.45
C GLN D 216 8.67 17.38 -17.97
N PHE D 217 9.50 17.44 -16.92
CA PHE D 217 9.96 18.74 -16.44
C PHE D 217 10.79 19.46 -17.50
N ILE D 218 11.67 18.74 -18.20
CA ILE D 218 12.53 19.38 -19.19
C ILE D 218 11.73 19.96 -20.34
N ILE D 219 10.61 19.33 -20.71
CA ILE D 219 9.91 19.83 -21.89
C ILE D 219 9.07 21.04 -21.46
N SER D 220 9.76 22.15 -21.18
CA SER D 220 9.15 23.47 -21.05
C SER D 220 10.31 24.46 -21.18
N SER D 221 10.49 25.00 -22.38
CA SER D 221 11.63 25.88 -22.64
C SER D 221 11.40 26.54 -24.00
N GLN D 222 12.37 27.34 -24.41
CA GLN D 222 12.42 27.77 -25.80
C GLN D 222 12.73 26.56 -26.67
N ASN D 223 13.89 25.96 -26.44
CA ASN D 223 14.23 24.67 -27.04
C ASN D 223 14.89 23.81 -25.98
N TRP D 224 14.82 22.50 -26.21
CA TRP D 224 15.37 21.47 -25.33
C TRP D 224 15.99 20.44 -26.26
N LYS D 225 17.29 20.61 -26.52
CA LYS D 225 18.00 19.68 -27.38
C LYS D 225 18.37 18.43 -26.59
N ILE D 226 17.86 17.29 -27.04
CA ILE D 226 18.12 16.00 -26.41
C ILE D 226 18.55 15.01 -27.49
N GLU D 227 19.53 14.17 -27.16
CA GLU D 227 20.07 13.17 -28.09
C GLU D 227 20.05 11.84 -27.34
N ALA D 228 18.93 11.13 -27.45
CA ALA D 228 18.72 9.87 -26.74
C ALA D 228 19.29 8.71 -27.56
N GLU D 229 20.23 7.98 -26.96
CA GLU D 229 20.83 6.80 -27.56
C GLU D 229 20.01 5.57 -27.16
N LEU D 230 19.28 5.01 -28.10
CA LEU D 230 18.32 3.93 -27.84
C LEU D 230 18.95 2.55 -28.08
N VAL D 231 18.36 1.55 -27.44
CA VAL D 231 18.77 0.15 -27.57
C VAL D 231 17.55 -0.64 -28.04
N LEU D 232 17.52 -1.00 -29.32
CA LEU D 232 16.39 -1.72 -29.88
C LEU D 232 16.82 -3.08 -30.42
N GLY D 233 15.89 -4.03 -30.39
CA GLY D 233 16.15 -5.38 -30.88
C GLY D 233 15.79 -6.46 -29.89
N LYS D 234 14.98 -7.44 -30.31
CA LYS D 234 14.62 -8.55 -29.45
C LYS D 234 15.52 -9.76 -29.66
N LYS D 235 15.95 -10.01 -30.89
CA LYS D 235 16.85 -11.10 -31.22
C LYS D 235 18.32 -10.70 -31.04
N PHE D 236 18.72 -9.61 -31.69
CA PHE D 236 20.00 -8.97 -31.47
C PHE D 236 19.79 -7.48 -31.29
N LYS D 237 20.59 -6.87 -30.41
CA LYS D 237 20.35 -5.50 -29.95
C LYS D 237 21.30 -4.56 -30.67
N ARG D 238 20.73 -3.63 -31.46
CA ARG D 238 21.47 -2.58 -32.12
C ARG D 238 21.22 -1.25 -31.43
N VAL D 239 22.21 -0.36 -31.51
CA VAL D 239 22.16 0.95 -30.89
C VAL D 239 21.78 2.00 -31.94
N TYR D 240 20.87 2.89 -31.58
CA TYR D 240 20.37 3.92 -32.50
C TYR D 240 20.42 5.28 -31.82
N LYS D 241 20.06 6.31 -32.58
CA LYS D 241 20.06 7.68 -32.09
C LYS D 241 18.70 8.31 -32.32
N LEU D 242 18.30 9.18 -31.40
CA LEU D 242 17.03 9.90 -31.50
C LEU D 242 17.32 11.34 -31.08
N LYS D 243 17.53 12.20 -32.07
CA LYS D 243 17.70 13.62 -31.80
C LYS D 243 16.32 14.27 -31.92
N LEU D 244 16.06 15.25 -31.06
CA LEU D 244 14.80 15.98 -31.09
C LEU D 244 14.98 17.23 -30.24
N ALA D 245 14.43 18.34 -30.73
CA ALA D 245 14.58 19.59 -30.00
C ALA D 245 13.45 20.54 -30.41
N ASN D 246 13.07 21.40 -29.48
CA ASN D 246 12.15 22.50 -29.71
C ASN D 246 10.80 22.01 -30.25
N PHE D 247 10.51 20.72 -30.06
CA PHE D 247 9.28 20.12 -30.55
C PHE D 247 8.12 20.57 -29.66
N LYS D 248 7.58 21.74 -29.94
CA LYS D 248 6.53 22.35 -29.12
C LYS D 248 5.13 21.86 -29.50
N GLU D 249 4.94 20.55 -29.54
CA GLU D 249 3.62 19.98 -29.80
C GLU D 249 3.25 18.97 -28.73
N LEU D 250 3.68 19.22 -27.49
CA LEU D 250 3.47 18.31 -26.38
C LEU D 250 2.79 19.04 -25.23
N LYS D 251 2.08 18.27 -24.41
CA LYS D 251 1.47 18.80 -23.19
C LYS D 251 1.05 17.63 -22.31
N GLU D 252 0.92 17.89 -21.02
CA GLU D 252 0.84 16.85 -20.01
C GLU D 252 -0.51 16.83 -19.31
N LEU D 253 -0.71 15.78 -18.52
CA LEU D 253 -1.77 15.69 -17.53
C LEU D 253 -1.15 15.37 -16.17
N VAL D 254 -0.14 16.17 -15.80
CA VAL D 254 0.76 15.93 -14.68
C VAL D 254 0.03 15.46 -13.43
N ILE D 255 0.51 14.37 -12.84
CA ILE D 255 -0.09 13.76 -11.66
C ILE D 255 0.97 13.45 -10.61
N ASP D 256 2.14 14.07 -10.73
CA ASP D 256 3.29 13.77 -9.87
C ASP D 256 3.85 15.06 -9.27
N GLU D 257 2.97 15.87 -8.66
CA GLU D 257 3.40 17.13 -8.07
C GLU D 257 4.48 16.92 -7.01
N LYS D 258 4.36 15.85 -6.23
CA LYS D 258 5.32 15.53 -5.16
C LYS D 258 5.76 14.07 -5.31
N ARG D 259 6.79 13.84 -6.11
CA ARG D 259 7.37 12.50 -6.25
C ARG D 259 8.51 12.25 -5.27
N PHE D 260 9.36 13.25 -5.02
CA PHE D 260 10.41 13.11 -4.01
C PHE D 260 10.78 14.49 -3.48
N ASP D 261 10.54 14.72 -2.20
CA ASP D 261 10.77 16.02 -1.58
C ASP D 261 12.12 16.12 -0.89
N SER D 262 13.05 15.20 -1.20
CA SER D 262 14.42 15.23 -0.69
C SER D 262 14.46 15.29 0.84
N SER D 263 13.70 14.38 1.47
CA SER D 263 13.73 14.31 2.92
C SER D 263 15.09 13.85 3.45
N VAL D 264 15.77 12.97 2.71
CA VAL D 264 17.05 12.44 3.17
C VAL D 264 18.12 13.53 3.16
N GLU D 265 18.17 14.35 2.11
CA GLU D 265 19.21 15.36 2.04
C GLU D 265 19.03 16.44 3.09
N GLU D 266 17.79 16.93 3.27
CA GLU D 266 17.54 17.91 4.32
C GLU D 266 17.74 17.30 5.70
N LYS D 267 17.44 16.01 5.87
CA LYS D 267 17.71 15.34 7.13
C LYS D 267 19.20 15.33 7.42
N PHE D 268 20.02 15.01 6.42
CA PHE D 268 21.47 15.02 6.61
C PHE D 268 21.97 16.43 6.88
N TYR D 269 21.37 17.44 6.25
CA TYR D 269 21.76 18.83 6.49
C TYR D 269 21.50 19.22 7.94
N LYS D 270 20.27 18.99 8.43
CA LYS D 270 19.95 19.34 9.80
C LYS D 270 20.62 18.42 10.81
N ASP D 271 21.11 17.27 10.38
CA ASP D 271 21.81 16.33 11.25
C ASP D 271 23.28 16.70 11.43
N PHE D 272 23.94 17.08 10.34
CA PHE D 272 25.38 17.40 10.40
C PHE D 272 25.64 18.69 11.18
N THR D 273 24.79 19.71 10.99
CA THR D 273 25.05 21.00 11.59
C THR D 273 24.91 20.98 13.12
N ASN D 274 24.09 20.07 13.66
CA ASN D 274 23.80 20.05 15.09
C ASN D 274 24.38 18.83 15.78
N VAL D 275 25.50 18.31 15.29
CA VAL D 275 26.16 17.18 15.94
C VAL D 275 27.62 17.50 16.22
N ILE D 276 28.22 18.36 15.39
CA ILE D 276 29.59 18.84 15.58
C ILE D 276 29.69 20.24 15.00
N LYS D 277 30.42 21.12 15.67
CA LYS D 277 30.61 22.49 15.21
C LYS D 277 32.06 22.75 14.79
N GLY D 278 32.80 21.72 14.41
CA GLY D 278 34.17 21.86 13.99
C GLY D 278 34.38 21.83 12.49
N TRP D 279 33.45 21.21 11.77
CA TRP D 279 33.53 21.10 10.32
C TRP D 279 32.49 22.02 9.68
N LYS D 280 32.90 22.68 8.60
CA LYS D 280 32.00 23.61 7.92
C LYS D 280 31.09 22.85 6.95
N ILE D 281 30.08 23.55 6.45
CA ILE D 281 29.10 22.96 5.54
C ILE D 281 28.70 24.00 4.51
N ILE D 282 28.52 23.55 3.27
CA ILE D 282 28.09 24.40 2.16
C ILE D 282 26.82 23.81 1.56
N ARG D 283 25.86 24.67 1.22
CA ARG D 283 24.55 24.22 0.76
C ARG D 283 24.67 23.38 -0.50
N GLU D 284 25.15 23.99 -1.58
CA GLU D 284 25.49 23.27 -2.81
C GLU D 284 26.70 23.97 -3.41
N PRO D 285 27.89 23.44 -3.19
CA PRO D 285 29.11 24.11 -3.67
C PRO D 285 29.08 24.29 -5.18
N GLU D 286 29.87 25.25 -5.65
CA GLU D 286 29.99 25.46 -7.08
C GLU D 286 30.56 24.21 -7.73
N PRO D 287 30.07 23.81 -8.91
CA PRO D 287 30.53 22.56 -9.51
C PRO D 287 32.03 22.59 -9.73
N LEU D 288 32.68 21.47 -9.40
CA LEU D 288 34.12 21.34 -9.57
C LEU D 288 34.38 20.84 -10.98
N VAL D 289 35.03 21.65 -11.79
CA VAL D 289 35.31 21.32 -13.19
C VAL D 289 36.71 20.75 -13.29
N VAL D 290 36.84 19.62 -13.98
CA VAL D 290 38.13 18.98 -14.22
C VAL D 290 38.14 18.46 -15.64
N ASP D 291 38.90 19.11 -16.52
CA ASP D 291 39.10 18.67 -17.90
C ASP D 291 37.75 18.45 -18.61
N ASN D 292 36.97 19.51 -18.66
CA ASN D 292 35.65 19.57 -19.29
C ASN D 292 34.61 18.72 -18.58
N ARG D 293 34.98 17.99 -17.52
CA ARG D 293 34.06 17.11 -16.82
C ARG D 293 33.63 17.79 -15.54
N VAL D 294 32.33 18.04 -15.41
CA VAL D 294 31.76 18.74 -14.27
C VAL D 294 31.36 17.73 -13.21
N PHE D 295 31.78 17.98 -11.97
CA PHE D 295 31.41 17.18 -10.81
C PHE D 295 30.52 18.06 -9.94
N ILE D 296 29.29 17.62 -9.70
CA ILE D 296 28.38 18.44 -8.92
C ILE D 296 28.17 17.75 -7.58
N PRO D 297 28.96 18.08 -6.57
CA PRO D 297 28.75 17.50 -5.24
C PRO D 297 27.58 18.18 -4.55
N ASP D 298 27.19 17.62 -3.41
CA ASP D 298 26.09 18.19 -2.65
C ASP D 298 26.57 19.07 -1.51
N PHE D 299 27.63 18.68 -0.81
CA PHE D 299 28.08 19.48 0.32
C PHE D 299 29.60 19.54 0.31
N LEU D 300 30.12 20.69 0.73
CA LEU D 300 31.55 20.85 0.97
C LEU D 300 31.77 20.92 2.46
N VAL D 301 32.76 20.19 2.95
CA VAL D 301 33.07 20.16 4.37
C VAL D 301 34.56 20.46 4.49
N GLU D 302 34.88 21.68 4.94
CA GLU D 302 36.25 22.15 5.03
C GLU D 302 36.51 22.68 6.42
N LYS D 303 37.59 22.22 7.04
CA LYS D 303 38.02 22.69 8.35
C LYS D 303 39.49 23.06 8.23
N GLY D 304 39.77 24.28 7.78
CA GLY D 304 41.13 24.74 7.62
C GLY D 304 41.76 24.28 6.31
N ASN D 305 42.67 23.32 6.41
CA ASN D 305 43.37 22.76 5.26
C ASN D 305 42.95 21.32 5.02
N LEU D 306 41.65 21.05 5.15
CA LEU D 306 41.09 19.73 4.88
C LEU D 306 39.67 19.93 4.36
N LYS D 307 39.52 19.93 3.05
CA LYS D 307 38.24 20.14 2.39
C LYS D 307 37.86 18.87 1.64
N VAL D 308 36.62 18.42 1.84
CA VAL D 308 36.09 17.23 1.18
C VAL D 308 34.77 17.58 0.51
N TYR D 309 34.52 16.96 -0.64
CA TYR D 309 33.28 17.13 -1.39
C TYR D 309 32.47 15.86 -1.22
N VAL D 310 31.38 15.93 -0.47
CA VAL D 310 30.49 14.79 -0.26
C VAL D 310 29.31 14.89 -1.20
N GLU D 311 28.94 13.74 -1.77
CA GLU D 311 27.85 13.62 -2.73
C GLU D 311 27.10 12.34 -2.41
N ILE D 312 25.79 12.43 -2.28
CA ILE D 312 24.95 11.27 -1.96
C ILE D 312 24.39 10.70 -3.26
N VAL D 313 24.24 9.39 -3.32
CA VAL D 313 23.86 8.69 -4.53
C VAL D 313 22.60 7.87 -4.29
N GLY D 314 21.65 7.96 -5.22
CA GLY D 314 20.45 7.16 -5.20
C GLY D 314 20.61 5.87 -6.01
N PHE D 315 19.88 5.75 -7.11
CA PHE D 315 20.01 4.57 -7.97
C PHE D 315 21.47 4.42 -8.41
N TRP D 316 21.97 3.19 -8.33
CA TRP D 316 23.39 2.96 -8.57
C TRP D 316 23.62 1.51 -8.96
N THR D 317 24.69 1.30 -9.70
CA THR D 317 25.19 -0.02 -10.07
C THR D 317 26.66 -0.09 -9.69
N LYS D 318 27.29 -1.25 -9.88
CA LYS D 318 28.72 -1.36 -9.63
C LYS D 318 29.52 -0.57 -10.64
N GLU D 319 29.17 -0.72 -11.93
CA GLU D 319 29.89 0.00 -12.98
C GLU D 319 29.74 1.51 -12.85
N TYR D 320 28.54 1.97 -12.49
CA TYR D 320 28.32 3.42 -12.40
C TYR D 320 29.21 4.04 -11.34
N ILE D 321 29.20 3.48 -10.14
CA ILE D 321 30.01 4.03 -9.05
C ILE D 321 31.49 3.84 -9.33
N LYS D 322 31.88 2.70 -9.92
CA LYS D 322 33.27 2.53 -10.32
C LYS D 322 33.71 3.63 -11.27
N GLU D 323 32.88 3.94 -12.28
CA GLU D 323 33.22 4.97 -13.24
C GLU D 323 33.23 6.35 -12.61
N LYS D 324 32.30 6.63 -11.69
CA LYS D 324 32.29 7.94 -11.04
C LYS D 324 33.51 8.12 -10.16
N LEU D 325 33.91 7.08 -9.42
CA LEU D 325 35.15 7.19 -8.65
C LEU D 325 36.37 7.32 -9.56
N ASP D 326 36.39 6.61 -10.69
CA ASP D 326 37.50 6.77 -11.62
C ASP D 326 37.56 8.19 -12.17
N LYS D 327 36.40 8.80 -12.40
CA LYS D 327 36.37 10.18 -12.89
C LYS D 327 36.78 11.18 -11.81
N LEU D 328 36.22 11.05 -10.61
CA LEU D 328 36.53 11.96 -9.51
C LEU D 328 37.89 11.69 -8.87
N LYS D 329 38.59 10.63 -9.28
CA LYS D 329 39.96 10.40 -8.82
C LYS D 329 40.91 11.52 -9.23
N LYS D 330 40.45 12.48 -10.02
CA LYS D 330 41.24 13.62 -10.47
C LYS D 330 40.53 14.93 -10.14
N VAL D 331 40.07 15.07 -8.90
CA VAL D 331 39.37 16.26 -8.46
C VAL D 331 40.11 17.04 -7.37
N LYS D 332 41.17 16.48 -6.79
CA LYS D 332 42.05 17.12 -5.81
C LYS D 332 41.37 17.18 -4.43
N TYR D 333 40.11 16.80 -4.29
CA TYR D 333 39.42 16.79 -3.01
C TYR D 333 39.02 15.38 -2.63
N PRO D 334 39.21 14.97 -1.37
CA PRO D 334 38.70 13.66 -0.95
C PRO D 334 37.20 13.58 -1.13
N ILE D 335 36.76 12.72 -2.04
CA ILE D 335 35.35 12.58 -2.38
C ILE D 335 34.74 11.49 -1.52
N LEU D 336 33.63 11.81 -0.86
CA LEU D 336 32.89 10.86 -0.04
C LEU D 336 31.58 10.51 -0.73
N ILE D 337 31.28 9.21 -0.82
CA ILE D 337 30.12 8.71 -1.52
C ILE D 337 29.24 7.94 -0.54
N LEU D 338 27.92 8.15 -0.65
CA LEU D 338 26.92 7.52 0.21
C LEU D 338 25.97 6.73 -0.67
N LEU D 339 26.02 5.40 -0.58
CA LEU D 339 25.24 4.52 -1.43
C LEU D 339 23.95 4.09 -0.72
N ASN D 340 22.86 4.06 -1.48
CA ASN D 340 21.60 3.51 -1.00
C ASN D 340 21.52 2.03 -1.38
N GLU D 341 20.79 1.26 -0.56
CA GLU D 341 20.66 -0.18 -0.75
C GLU D 341 19.61 -0.46 -1.82
N GLU D 342 20.05 -0.43 -3.09
CA GLU D 342 19.14 -0.64 -4.20
C GLU D 342 19.75 -1.49 -5.31
N LEU D 343 20.74 -2.31 -4.99
CA LEU D 343 21.37 -3.25 -5.91
C LEU D 343 22.21 -4.20 -5.07
N GLY D 344 23.04 -5.00 -5.74
CA GLY D 344 23.97 -5.83 -5.00
C GLY D 344 24.93 -4.96 -4.19
N LYS D 345 24.86 -5.06 -2.86
CA LYS D 345 25.68 -4.22 -2.00
C LYS D 345 27.15 -4.51 -2.22
N GLU D 346 27.95 -3.45 -2.35
CA GLU D 346 29.37 -3.58 -2.58
C GLU D 346 30.13 -2.75 -1.56
N LYS D 347 31.37 -3.18 -1.28
CA LYS D 347 32.23 -2.52 -0.31
C LYS D 347 33.64 -2.28 -0.84
N PHE D 348 33.87 -2.45 -2.13
CA PHE D 348 35.20 -2.22 -2.69
C PHE D 348 35.61 -0.77 -2.52
N ASN D 349 36.91 -0.56 -2.31
CA ASN D 349 37.48 0.75 -2.03
C ASN D 349 36.76 1.40 -0.84
N GLY D 350 36.78 0.67 0.28
CA GLY D 350 36.11 1.13 1.48
C GLY D 350 36.65 2.46 1.97
N MET D 351 37.85 2.83 1.57
CA MET D 351 38.44 4.11 1.89
C MET D 351 37.88 5.25 1.03
N ASN D 352 36.82 4.98 0.25
CA ASN D 352 36.20 6.02 -0.56
C ASN D 352 34.67 6.05 -0.51
N VAL D 353 33.99 4.99 -0.08
CA VAL D 353 32.53 4.90 -0.20
C VAL D 353 31.95 4.25 1.05
N ILE D 354 30.79 4.73 1.48
CA ILE D 354 30.05 4.17 2.60
C ILE D 354 28.59 3.99 2.18
N THR D 355 27.93 2.98 2.73
CA THR D 355 26.55 2.63 2.40
C THR D 355 25.62 2.90 3.57
N TYR D 356 24.33 3.06 3.26
CA TYR D 356 23.27 3.22 4.26
C TYR D 356 22.02 2.47 3.80
N LYS D 357 21.00 2.47 4.66
CA LYS D 357 19.77 1.73 4.38
C LYS D 357 18.54 2.63 4.26
N ARG D 358 18.22 3.42 5.28
CA ARG D 358 17.03 4.26 5.26
C ARG D 358 17.35 5.74 5.39
N LYS D 359 18.17 6.10 6.37
CA LYS D 359 18.69 7.45 6.54
C LYS D 359 20.21 7.36 6.59
N ILE D 360 20.86 8.51 6.62
CA ILE D 360 22.32 8.57 6.59
C ILE D 360 22.85 8.52 8.02
N ASP D 361 23.78 7.62 8.27
CA ASP D 361 24.36 7.41 9.59
C ASP D 361 25.49 8.41 9.80
N ILE D 362 25.22 9.45 10.60
CA ILE D 362 26.21 10.48 10.85
C ILE D 362 27.44 9.91 11.56
N SER D 363 27.27 8.80 12.28
CA SER D 363 28.39 8.18 13.00
C SER D 363 29.44 7.64 12.04
N LEU D 364 29.01 6.95 10.99
CA LEU D 364 29.96 6.41 10.02
C LEU D 364 30.72 7.53 9.32
N VAL D 365 30.03 8.62 8.99
CA VAL D 365 30.70 9.74 8.33
C VAL D 365 31.74 10.35 9.26
N TYR D 366 31.40 10.54 10.54
CA TYR D 366 32.35 11.17 11.46
C TYR D 366 33.52 10.24 11.77
N LYS D 367 33.28 8.92 11.78
CA LYS D 367 34.37 7.97 11.97
C LYS D 367 35.30 7.94 10.77
N TRP D 368 34.73 8.05 9.56
CA TRP D 368 35.53 8.10 8.35
C TRP D 368 36.33 9.39 8.26
N LEU D 369 35.79 10.49 8.77
CA LEU D 369 36.54 11.74 8.82
C LEU D 369 37.75 11.64 9.74
N ARG D 370 37.77 10.67 10.65
CA ARG D 370 38.93 10.43 11.51
C ARG D 370 40.01 9.60 10.82
N GLU D 371 39.80 9.19 9.57
CA GLU D 371 40.89 8.59 8.80
C GLU D 371 41.84 9.65 8.27
N LEU D 372 41.28 10.76 7.78
CA LEU D 372 42.06 11.92 7.35
C LEU D 372 42.06 12.95 8.48
N GLU D 373 42.71 12.56 9.58
CA GLU D 373 42.73 13.36 10.81
C GLU D 373 43.12 14.81 10.57
#